data_3J4K
#
_entry.id   3J4K
#
_cell.length_a   1
_cell.length_b   1
_cell.length_c   1
_cell.angle_alpha   90
_cell.angle_beta   90
_cell.angle_gamma   90
#
_symmetry.space_group_name_H-M   'P 1'
#
loop_
_entity.id
_entity.type
_entity.pdbx_description
1 polymer 'Actin, alpha skeletal muscle'
2 polymer tropomyosin
3 non-polymer "ADENOSINE-5'-DIPHOSPHATE"
#
loop_
_entity_poly.entity_id
_entity_poly.type
_entity_poly.pdbx_seq_one_letter_code
_entity_poly.pdbx_strand_id
1 'polypeptide(L)'
;DEDETTALVCDNGSGLVKAGFAGDDAPRAVFPSIVGRPRHQGVMVGMGQKDSYVGDEAQSKRGILTLKYPIEHGIITNWD
DMEKIWHHTFYNELRVAPEEHPTLLTEAPLNPKANREKMTQIMFETFNVPAMYVAIQAVLSLYASGRTTGIVLDSGDGVT
HNVPIYEGYALPHAIMRLDLAGRDLTDYLMKILTERGYSFVTTAEREIVRDIKEKLCYVALDFENEMATAASSSSLEKSY
ELPDGQVITIGNERFRCPETLFQPSFIGMESAGIHETTYNSIMKCDIDIRKDLYANNVMSGGTTMYPGIADRMQKEITAL
APSTMKIKIIAPPERKYSVWIGGSILASLSTFQQMWITKQEYDEAGPSIVHRKCF
;
A,B,C,D,E
2 'polypeptide(L)'
;(UNK)(UNK)(UNK)(UNK)(UNK)(UNK)(UNK)(UNK)(UNK)(UNK)(UNK)(UNK)(UNK)(UNK)(UNK)(UNK)
(UNK)(UNK)(UNK)(UNK)(UNK)(UNK)(UNK)(UNK)(UNK)(UNK)(UNK)(UNK)(UNK)(UNK)(UNK)(UNK)
(UNK)(UNK)(UNK)(UNK)(UNK)(UNK)(UNK)(UNK)(UNK)(UNK)(UNK)(UNK)(UNK)(UNK)(UNK)(UNK)
(UNK)(UNK)(UNK)(UNK)(UNK)(UNK)(UNK)(UNK)(UNK)(UNK)(UNK)(UNK)(UNK)(UNK)(UNK)(UNK)
(UNK)(UNK)(UNK)(UNK)(UNK)(UNK)(UNK)(UNK)(UNK)(UNK)(UNK)(UNK)(UNK)(UNK)(UNK)(UNK)
(UNK)(UNK)(UNK)(UNK)(UNK)(UNK)(UNK)(UNK)(UNK)(UNK)(UNK)(UNK)(UNK)(UNK)(UNK)(UNK)
(UNK)(UNK)(UNK)(UNK)(UNK)(UNK)(UNK)(UNK)(UNK)(UNK)(UNK)(UNK)(UNK)(UNK)(UNK)(UNK)
(UNK)(UNK)(UNK)(UNK)(UNK)(UNK)(UNK)(UNK)(UNK)(UNK)(UNK)(UNK)(UNK)(UNK)(UNK)(UNK)
(UNK)(UNK)(UNK)(UNK)(UNK)(UNK)(UNK)(UNK)
;
F,G
#
# COMPACT_ATOMS: atom_id res chain seq x y z
N ASP A 1 39.26 17.96 41.29
CA ASP A 1 39.23 16.73 40.42
C ASP A 1 40.49 16.04 40.74
N GLU A 2 40.37 14.69 41.13
CA GLU A 2 41.34 13.76 41.59
C GLU A 2 41.69 14.11 42.98
N ASP A 3 41.02 14.99 43.71
CA ASP A 3 41.26 15.34 45.10
C ASP A 3 40.21 16.29 45.61
N GLU A 4 39.36 16.87 44.67
CA GLU A 4 38.25 17.75 44.82
C GLU A 4 37.11 17.00 44.25
N THR A 5 35.98 17.17 44.86
CA THR A 5 34.79 16.49 44.52
C THR A 5 34.31 16.73 43.03
N THR A 6 34.35 17.99 42.62
CA THR A 6 33.94 18.57 41.40
C THR A 6 33.09 17.83 40.46
N ALA A 7 31.76 18.07 40.57
CA ALA A 7 30.69 17.43 39.81
C ALA A 7 30.71 17.71 38.35
N LEU A 8 29.77 16.97 37.72
CA LEU A 8 29.41 17.22 36.41
C LEU A 8 28.11 17.92 36.46
N VAL A 9 27.68 18.32 35.20
CA VAL A 9 26.42 18.96 35.02
C VAL A 9 25.84 18.25 33.82
N CYS A 10 24.72 17.61 33.96
CA CYS A 10 24.19 16.72 32.95
C CYS A 10 22.72 17.20 32.99
N ASP A 11 22.19 17.38 31.72
CA ASP A 11 20.85 17.78 31.54
C ASP A 11 20.38 16.66 30.61
N ASN A 12 20.12 15.47 31.26
CA ASN A 12 19.68 14.26 30.55
C ASN A 12 18.12 14.50 30.28
N GLY A 13 17.83 15.43 29.36
CA GLY A 13 16.56 15.87 28.93
C GLY A 13 16.10 15.00 27.82
N SER A 14 14.96 15.33 27.17
CA SER A 14 14.36 14.51 26.13
C SER A 14 14.72 15.01 24.72
N GLY A 15 15.70 15.86 24.68
CA GLY A 15 16.15 16.55 23.42
C GLY A 15 17.64 16.55 23.27
N LEU A 16 18.43 16.87 24.28
CA LEU A 16 19.84 16.79 24.13
C LEU A 16 20.39 16.35 25.46
N VAL A 17 21.43 15.44 25.56
CA VAL A 17 22.06 15.11 26.73
C VAL A 17 23.12 16.13 26.72
N LYS A 18 22.81 17.25 27.38
CA LYS A 18 23.60 18.36 27.56
C LYS A 18 24.44 18.14 28.78
N ALA A 19 25.63 17.59 28.62
CA ALA A 19 26.53 17.34 29.66
C ALA A 19 27.70 18.28 29.45
N GLY A 20 28.39 18.50 30.56
CA GLY A 20 29.48 19.38 30.69
C GLY A 20 29.92 19.34 32.10
N PHE A 21 30.92 20.13 32.54
CA PHE A 21 31.47 20.06 33.88
C PHE A 21 30.86 21.17 34.71
N ALA A 22 31.10 21.03 36.05
CA ALA A 22 30.68 22.06 37.02
C ALA A 22 31.39 23.43 36.94
N GLY A 23 30.59 24.48 36.88
CA GLY A 23 31.10 25.84 36.83
C GLY A 23 31.38 26.21 35.44
N ASP A 24 30.96 25.42 34.42
CA ASP A 24 31.25 25.74 33.04
C ASP A 24 29.99 26.50 32.57
N ASP A 25 30.17 27.24 31.42
CA ASP A 25 29.16 27.91 30.74
C ASP A 25 28.99 27.37 29.36
N ALA A 26 29.49 26.15 29.09
CA ALA A 26 29.33 25.50 27.80
C ALA A 26 29.18 24.03 28.05
N PRO A 27 28.26 23.31 27.49
CA PRO A 27 28.14 21.92 27.70
C PRO A 27 28.95 21.23 26.59
N ARG A 28 30.03 20.52 27.06
CA ARG A 28 31.05 19.88 26.27
C ARG A 28 30.47 18.94 25.34
N ALA A 29 29.62 18.01 25.93
CA ALA A 29 28.91 16.98 25.22
C ALA A 29 27.56 17.49 25.00
N VAL A 30 27.16 17.62 23.70
CA VAL A 30 25.78 17.92 23.43
C VAL A 30 25.60 17.07 22.31
N PHE A 31 24.53 16.23 22.45
CA PHE A 31 24.28 15.23 21.53
C PHE A 31 22.83 14.82 21.80
N PRO A 32 22.11 14.30 20.82
CA PRO A 32 20.71 14.05 21.04
C PRO A 32 20.40 13.02 22.07
N SER A 33 19.11 12.87 22.33
CA SER A 33 18.51 11.93 23.23
C SER A 33 17.79 10.86 22.51
N ILE A 34 18.23 10.48 21.28
CA ILE A 34 17.72 9.42 20.45
C ILE A 34 18.79 8.34 20.44
N VAL A 35 18.33 7.07 20.59
CA VAL A 35 19.15 5.89 20.71
C VAL A 35 18.62 5.27 19.45
N GLY A 36 19.50 4.69 18.60
CA GLY A 36 19.22 4.22 17.29
C GLY A 36 19.06 2.73 17.30
N ARG A 37 18.41 2.03 16.35
CA ARG A 37 18.23 0.62 16.28
C ARG A 37 18.23 0.30 14.84
N PRO A 38 18.85 -0.77 14.31
CA PRO A 38 18.78 -1.12 12.92
C PRO A 38 17.46 -1.33 12.28
N ARG A 39 17.42 -1.44 10.91
CA ARG A 39 16.25 -1.77 10.13
C ARG A 39 16.67 -2.09 8.72
N HIS A 40 18.00 -2.16 8.43
CA HIS A 40 18.57 -2.36 7.08
C HIS A 40 18.68 -3.73 6.68
N GLN A 41 18.71 -4.55 7.74
CA GLN A 41 18.77 -5.95 7.61
C GLN A 41 19.89 -6.45 6.76
N GLY A 42 19.82 -7.73 6.19
CA GLY A 42 20.80 -8.29 5.30
C GLY A 42 21.75 -9.24 5.96
N VAL A 43 22.74 -9.70 5.15
CA VAL A 43 23.85 -10.45 5.60
C VAL A 43 24.93 -9.52 5.92
N MET A 44 26.12 -10.00 6.34
CA MET A 44 27.19 -9.20 6.80
C MET A 44 28.36 -10.12 6.71
N VAL A 45 29.48 -9.42 6.58
CA VAL A 45 30.79 -9.96 6.56
C VAL A 45 31.58 -8.82 7.20
N GLY A 46 31.64 -7.62 6.57
CA GLY A 46 32.06 -6.37 7.18
C GLY A 46 30.74 -5.85 7.85
N MET A 47 30.76 -4.86 8.72
CA MET A 47 29.64 -4.42 9.46
C MET A 47 30.03 -3.06 9.83
N GLY A 48 29.16 -2.25 10.44
CA GLY A 48 29.41 -0.98 10.87
C GLY A 48 30.10 -0.88 12.17
N GLN A 49 30.26 -2.00 12.86
CA GLN A 49 31.10 -2.21 14.00
C GLN A 49 30.38 -1.75 15.17
N LYS A 50 29.06 -1.80 15.14
CA LYS A 50 28.23 -1.28 16.24
C LYS A 50 26.97 -2.14 16.07
N ASP A 51 26.03 -2.12 17.03
CA ASP A 51 24.78 -2.78 16.84
C ASP A 51 23.80 -2.26 17.84
N SER A 52 24.42 -1.43 18.76
CA SER A 52 23.89 -0.62 19.78
C SER A 52 24.31 0.78 19.46
N TYR A 53 23.34 1.67 19.18
CA TYR A 53 23.56 3.02 18.61
C TYR A 53 23.04 4.03 19.63
N VAL A 54 23.85 5.10 19.93
CA VAL A 54 23.57 5.97 21.04
C VAL A 54 24.02 7.35 20.78
N GLY A 55 23.15 8.35 20.98
CA GLY A 55 23.36 9.80 20.81
C GLY A 55 23.68 10.23 19.42
N ASP A 56 24.74 11.08 19.26
CA ASP A 56 25.28 11.57 17.95
C ASP A 56 25.68 10.47 16.92
N GLU A 57 26.27 9.34 17.49
CA GLU A 57 26.63 8.07 16.85
C GLU A 57 25.40 7.36 16.24
N ALA A 58 24.27 7.58 16.89
CA ALA A 58 23.01 7.06 16.48
C ALA A 58 22.54 7.85 15.38
N GLN A 59 22.63 9.17 15.52
CA GLN A 59 22.25 10.21 14.63
C GLN A 59 22.92 10.21 13.28
N SER A 60 24.10 9.65 13.28
CA SER A 60 25.03 9.63 12.18
C SER A 60 24.42 8.90 11.08
N LYS A 61 23.89 7.70 11.40
CA LYS A 61 23.27 6.87 10.51
C LYS A 61 21.76 6.92 10.71
N ARG A 62 21.07 7.11 9.54
CA ARG A 62 19.66 7.20 9.65
C ARG A 62 19.01 6.39 8.63
N GLY A 63 19.80 6.05 7.61
CA GLY A 63 19.44 5.35 6.42
C GLY A 63 19.52 3.86 6.68
N ILE A 64 20.08 3.42 7.82
CA ILE A 64 20.28 2.02 8.13
C ILE A 64 19.48 1.81 9.37
N LEU A 65 18.94 2.91 10.00
CA LEU A 65 18.33 2.79 11.33
C LEU A 65 16.97 3.43 11.41
N THR A 66 16.24 3.04 12.53
CA THR A 66 14.97 3.61 12.95
C THR A 66 15.40 4.21 14.27
N LEU A 67 14.95 5.44 14.58
CA LEU A 67 15.51 6.17 15.68
C LEU A 67 14.43 6.12 16.69
N LYS A 68 14.75 5.40 17.81
CA LYS A 68 13.99 5.22 18.95
C LYS A 68 14.25 6.39 19.81
N TYR A 69 13.30 6.78 20.67
CA TYR A 69 13.36 7.92 21.53
C TYR A 69 13.22 7.38 22.84
N PRO A 70 14.25 7.24 23.65
CA PRO A 70 14.16 6.71 25.04
C PRO A 70 13.26 7.42 25.99
N ILE A 71 13.05 8.71 25.78
CA ILE A 71 12.39 9.64 26.73
C ILE A 71 11.36 10.21 25.98
N GLU A 72 10.09 9.89 26.24
CA GLU A 72 8.99 10.52 25.61
C GLU A 72 8.12 10.86 26.71
N HIS A 73 7.87 12.19 26.74
CA HIS A 73 6.92 12.81 27.54
C HIS A 73 7.41 12.96 28.90
N GLY A 74 8.72 12.90 28.94
CA GLY A 74 9.56 13.11 30.16
C GLY A 74 9.59 11.80 30.88
N ILE A 75 9.12 10.67 30.29
CA ILE A 75 9.10 9.34 30.91
C ILE A 75 10.07 8.55 30.14
N ILE A 76 11.04 8.00 30.86
CA ILE A 76 12.13 7.23 30.26
C ILE A 76 11.59 5.80 30.07
N THR A 77 11.27 5.35 28.87
CA THR A 77 10.63 4.13 28.60
C THR A 77 11.61 3.01 28.63
N ASN A 78 12.94 3.32 28.40
CA ASN A 78 13.88 2.26 28.26
C ASN A 78 15.05 2.65 29.05
N TRP A 79 15.26 1.92 30.11
CA TRP A 79 16.29 2.15 31.13
C TRP A 79 17.58 1.46 30.85
N ASP A 80 17.53 0.43 29.95
CA ASP A 80 18.65 -0.40 29.53
C ASP A 80 19.79 0.30 28.85
N ASP A 81 19.42 1.34 28.04
CA ASP A 81 20.23 2.25 27.32
C ASP A 81 20.68 3.31 28.17
N MET A 82 19.98 3.66 29.24
CA MET A 82 20.33 4.83 30.02
C MET A 82 21.66 4.65 30.70
N GLU A 83 22.08 3.44 31.10
CA GLU A 83 23.46 3.29 31.64
C GLU A 83 24.50 3.58 30.64
N LYS A 84 24.20 3.09 29.39
CA LYS A 84 25.06 3.17 28.19
C LYS A 84 25.10 4.57 27.68
N ILE A 85 24.02 5.36 27.86
CA ILE A 85 23.98 6.83 27.49
C ILE A 85 24.99 7.54 28.34
N TRP A 86 24.97 7.17 29.62
CA TRP A 86 25.73 7.79 30.63
C TRP A 86 27.12 7.29 30.61
N HIS A 87 27.32 6.05 30.12
CA HIS A 87 28.63 5.59 29.79
C HIS A 87 29.27 6.30 28.58
N HIS A 88 28.40 6.81 27.68
CA HIS A 88 28.76 7.55 26.48
C HIS A 88 29.03 8.97 26.83
N THR A 89 28.33 9.47 27.87
CA THR A 89 28.63 10.77 28.45
C THR A 89 29.91 10.74 29.20
N PHE A 90 30.06 9.94 30.29
CA PHE A 90 31.20 10.11 31.21
C PHE A 90 32.36 9.57 30.44
N TYR A 91 32.35 8.27 30.08
CA TYR A 91 33.62 7.73 29.66
C TYR A 91 34.05 8.24 28.30
N ASN A 92 33.03 8.27 27.39
CA ASN A 92 33.33 8.45 25.98
C ASN A 92 33.13 9.84 25.43
N GLU A 93 32.90 10.93 26.22
CA GLU A 93 32.72 12.27 25.66
C GLU A 93 33.55 13.19 26.69
N LEU A 94 33.19 13.08 27.99
CA LEU A 94 33.72 14.01 28.99
C LEU A 94 35.02 13.45 29.41
N ARG A 95 35.19 12.14 29.29
CA ARG A 95 36.39 11.40 29.45
C ARG A 95 36.78 11.29 30.91
N VAL A 96 35.81 10.97 31.79
CA VAL A 96 35.86 10.77 33.19
C VAL A 96 35.24 9.46 33.76
N ALA A 97 35.60 9.09 35.02
CA ALA A 97 35.00 7.91 35.60
C ALA A 97 33.75 8.33 36.32
N PRO A 98 32.76 7.48 36.46
CA PRO A 98 31.58 7.77 37.26
C PRO A 98 31.95 7.96 38.75
N GLU A 99 33.10 7.31 39.12
CA GLU A 99 33.66 7.26 40.47
C GLU A 99 34.40 8.53 40.88
N GLU A 100 34.94 9.22 39.84
CA GLU A 100 35.71 10.41 40.19
C GLU A 100 34.76 11.56 40.67
N HIS A 101 33.58 11.63 40.12
CA HIS A 101 32.66 12.78 40.39
C HIS A 101 31.18 12.39 40.50
N PRO A 102 30.36 13.10 41.21
CA PRO A 102 28.91 13.00 41.15
C PRO A 102 28.40 13.27 39.77
N THR A 103 27.06 13.26 39.59
CA THR A 103 26.38 13.50 38.38
C THR A 103 25.10 14.14 38.71
N LEU A 104 24.80 15.31 38.17
CA LEU A 104 23.60 16.07 38.32
C LEU A 104 22.93 15.85 37.05
N LEU A 105 21.74 15.18 37.09
CA LEU A 105 20.90 14.89 36.00
C LEU A 105 19.65 15.70 36.25
N THR A 106 18.66 15.78 35.30
CA THR A 106 17.50 16.58 35.37
C THR A 106 16.32 15.65 35.62
N GLU A 107 15.35 16.21 36.35
CA GLU A 107 14.05 15.68 36.59
C GLU A 107 13.12 16.63 35.89
N ALA A 108 12.34 16.13 34.90
CA ALA A 108 11.28 16.95 34.30
C ALA A 108 10.14 16.92 35.29
N PRO A 109 9.58 18.12 35.74
CA PRO A 109 8.61 18.30 36.78
C PRO A 109 7.43 17.44 36.69
N LEU A 110 6.96 16.89 37.92
CA LEU A 110 5.80 15.97 38.02
C LEU A 110 6.06 14.70 37.31
N ASN A 111 7.30 14.31 37.19
CA ASN A 111 7.78 13.04 36.71
C ASN A 111 7.13 11.87 37.33
N PRO A 112 6.98 10.75 36.69
CA PRO A 112 6.47 9.50 37.30
C PRO A 112 7.50 9.11 38.36
N LYS A 113 6.94 8.91 39.60
CA LYS A 113 7.70 8.86 40.83
C LYS A 113 8.64 7.73 40.97
N ALA A 114 8.36 6.65 40.18
CA ALA A 114 9.18 5.42 40.19
C ALA A 114 10.46 5.65 39.43
N ASN A 115 10.40 6.55 38.39
CA ASN A 115 11.58 6.86 37.56
C ASN A 115 12.66 7.52 38.41
N ARG A 116 12.35 8.43 39.38
CA ARG A 116 13.27 9.15 40.25
C ARG A 116 14.17 8.19 41.02
N GLU A 117 13.56 7.08 41.48
CA GLU A 117 14.26 6.08 42.25
C GLU A 117 15.05 5.24 41.26
N LYS A 118 14.43 4.84 40.13
CA LYS A 118 14.88 3.91 39.15
C LYS A 118 16.18 4.24 38.51
N MET A 119 16.35 5.55 38.18
CA MET A 119 17.45 6.24 37.70
C MET A 119 18.58 6.17 38.69
N THR A 120 18.37 6.53 39.99
CA THR A 120 19.45 6.61 40.95
C THR A 120 20.06 5.27 41.12
N GLN A 121 19.17 4.23 41.00
CA GLN A 121 19.46 2.88 41.27
C GLN A 121 20.53 2.30 40.38
N ILE A 122 20.49 2.71 39.08
CA ILE A 122 21.30 2.38 37.94
C ILE A 122 22.64 2.98 38.10
N MET A 123 22.71 4.16 38.83
CA MET A 123 23.87 4.96 39.03
C MET A 123 24.68 4.46 40.13
N PHE A 124 24.04 4.31 41.29
CA PHE A 124 24.84 4.14 42.46
C PHE A 124 25.31 2.73 42.63
N GLU A 125 24.31 1.89 42.44
CA GLU A 125 24.43 0.49 42.62
C GLU A 125 25.07 -0.19 41.47
N THR A 126 24.89 0.31 40.22
CA THR A 126 25.35 -0.43 39.05
C THR A 126 26.41 0.26 38.32
N PHE A 127 26.83 1.49 38.72
CA PHE A 127 27.66 2.31 37.92
C PHE A 127 28.49 3.20 38.81
N ASN A 128 28.62 2.81 40.07
CA ASN A 128 29.14 3.45 41.23
C ASN A 128 29.63 4.89 41.11
N VAL A 129 28.72 5.78 41.57
CA VAL A 129 28.79 7.17 41.49
C VAL A 129 28.76 7.62 42.92
N PRO A 130 29.54 8.61 43.33
CA PRO A 130 29.59 9.04 44.69
C PRO A 130 28.35 9.80 45.02
N ALA A 131 27.65 10.47 44.12
CA ALA A 131 26.54 11.18 44.52
C ALA A 131 25.87 11.63 43.34
N MET A 132 24.74 12.12 43.52
CA MET A 132 23.90 12.62 42.47
C MET A 132 22.73 13.38 42.91
N TYR A 133 22.18 14.25 42.00
CA TYR A 133 20.93 14.94 42.29
C TYR A 133 20.17 15.10 40.99
N VAL A 134 18.86 14.87 41.11
CA VAL A 134 17.92 14.92 40.02
C VAL A 134 17.11 16.14 40.27
N ALA A 135 17.66 17.26 39.68
CA ALA A 135 17.09 18.56 39.99
C ALA A 135 15.78 18.84 39.28
N ILE A 136 15.06 19.90 39.68
CA ILE A 136 13.83 20.22 39.12
C ILE A 136 14.12 21.14 37.97
N GLN A 137 13.93 20.62 36.76
CA GLN A 137 14.12 21.24 35.49
C GLN A 137 13.99 22.70 35.40
N ALA A 138 12.77 23.20 35.68
CA ALA A 138 12.37 24.49 35.43
C ALA A 138 13.19 25.46 36.25
N VAL A 139 13.38 25.14 37.57
CA VAL A 139 14.04 25.95 38.55
C VAL A 139 15.36 26.42 38.17
N LEU A 140 16.12 25.63 37.42
CA LEU A 140 17.50 25.81 36.94
C LEU A 140 17.54 26.93 35.92
N SER A 141 16.47 27.02 35.07
CA SER A 141 16.23 28.05 34.04
C SER A 141 16.02 29.44 34.62
N LEU A 142 15.57 29.53 35.94
CA LEU A 142 15.30 30.78 36.64
C LEU A 142 16.64 31.39 36.92
N TYR A 143 17.58 30.56 37.43
CA TYR A 143 18.88 30.96 37.95
C TYR A 143 19.81 31.42 36.83
N ALA A 144 19.62 30.81 35.65
CA ALA A 144 20.23 31.07 34.36
C ALA A 144 19.97 32.53 33.98
N SER A 145 18.70 33.01 34.11
CA SER A 145 18.42 34.42 33.85
C SER A 145 18.97 35.33 34.91
N GLY A 146 19.29 34.72 36.11
CA GLY A 146 19.69 35.50 37.28
C GLY A 146 18.52 35.97 38.15
N ARG A 147 17.30 35.64 37.62
CA ARG A 147 16.04 35.92 38.24
C ARG A 147 15.95 35.06 39.46
N THR A 148 15.12 35.52 40.41
CA THR A 148 14.91 34.92 41.66
C THR A 148 13.43 35.03 42.00
N THR A 149 12.62 35.75 41.17
CA THR A 149 11.14 35.69 41.19
C THR A 149 10.69 35.84 39.78
N GLY A 150 9.72 35.04 39.40
CA GLY A 150 9.15 35.24 38.13
C GLY A 150 8.33 34.01 37.82
N ILE A 151 8.09 33.90 36.54
CA ILE A 151 7.26 32.99 35.88
C ILE A 151 8.27 32.44 34.81
N VAL A 152 8.61 31.09 34.94
CA VAL A 152 9.63 30.48 34.10
C VAL A 152 8.79 29.74 33.14
N LEU A 153 9.06 30.05 31.84
CA LEU A 153 8.37 29.47 30.74
C LEU A 153 9.33 28.62 29.89
N ASP A 154 9.63 27.41 30.44
CA ASP A 154 10.53 26.52 29.87
C ASP A 154 9.91 25.66 28.89
N SER A 155 10.18 25.78 27.59
CA SER A 155 9.60 24.96 26.55
C SER A 155 10.82 24.31 25.96
N GLY A 156 11.19 23.17 26.54
CA GLY A 156 12.35 22.37 26.16
C GLY A 156 11.92 21.43 25.05
N ASP A 157 12.48 20.16 24.88
CA ASP A 157 11.94 19.35 23.79
C ASP A 157 10.61 18.73 24.04
N GLY A 158 10.43 18.05 25.16
CA GLY A 158 9.28 17.27 25.42
C GLY A 158 8.23 18.06 26.23
N VAL A 159 8.58 19.02 27.09
CA VAL A 159 7.60 19.58 28.03
C VAL A 159 7.88 21.03 28.17
N THR A 160 6.77 21.79 28.33
CA THR A 160 6.55 23.16 28.46
C THR A 160 6.17 23.29 29.90
N HIS A 161 6.51 24.39 30.60
CA HIS A 161 6.17 24.51 32.02
C HIS A 161 5.95 26.00 32.23
N ASN A 162 4.95 26.31 33.00
CA ASN A 162 4.67 27.68 33.42
C ASN A 162 4.81 27.52 34.85
N VAL A 163 5.97 27.84 35.45
CA VAL A 163 6.36 27.66 36.84
C VAL A 163 6.52 29.00 37.58
N PRO A 164 5.55 29.53 38.39
CA PRO A 164 5.85 30.72 39.09
C PRO A 164 6.68 30.30 40.26
N ILE A 165 7.85 30.95 40.45
CA ILE A 165 8.73 30.54 41.54
C ILE A 165 8.96 31.89 42.30
N TYR A 166 9.03 31.82 43.64
CA TYR A 166 9.25 32.88 44.57
C TYR A 166 10.64 32.84 44.99
N GLU A 167 11.14 33.77 45.80
CA GLU A 167 12.54 33.84 46.21
C GLU A 167 13.13 32.58 46.79
N GLY A 168 12.32 32.00 47.71
CA GLY A 168 12.50 30.68 48.28
C GLY A 168 11.62 29.75 47.57
N TYR A 169 12.05 28.47 47.38
CA TYR A 169 11.35 27.47 46.55
C TYR A 169 9.78 27.45 46.83
N ALA A 170 8.95 27.55 45.76
CA ALA A 170 7.54 27.79 45.90
C ALA A 170 6.79 26.52 46.52
N LEU A 171 5.59 26.84 47.15
CA LEU A 171 4.61 25.92 47.71
C LEU A 171 3.69 25.65 46.51
N PRO A 172 3.16 24.45 46.26
CA PRO A 172 2.27 24.16 45.10
C PRO A 172 1.38 25.17 44.62
N HIS A 173 1.39 25.56 43.35
CA HIS A 173 0.50 26.58 42.85
C HIS A 173 -0.05 25.95 41.60
N ALA A 174 -0.13 26.83 40.65
CA ALA A 174 -0.46 26.44 39.31
C ALA A 174 0.84 26.33 38.61
N ILE A 175 1.78 25.54 39.19
CA ILE A 175 3.03 25.30 38.65
C ILE A 175 2.68 24.07 37.82
N MET A 176 2.95 24.13 36.54
CA MET A 176 2.48 23.08 35.61
C MET A 176 3.52 22.72 34.55
N ARG A 177 3.32 21.56 33.97
CA ARG A 177 4.04 20.88 32.95
C ARG A 177 3.02 20.40 31.96
N LEU A 178 3.38 20.46 30.63
CA LEU A 178 2.49 20.03 29.63
C LEU A 178 3.36 19.55 28.49
N ASP A 179 2.97 18.44 27.76
CA ASP A 179 3.57 18.14 26.60
C ASP A 179 2.89 18.97 25.55
N LEU A 180 3.68 19.86 24.90
CA LEU A 180 3.17 20.69 23.78
C LEU A 180 4.41 21.38 23.22
N ALA A 181 5.63 21.03 23.75
CA ALA A 181 6.80 21.70 23.22
C ALA A 181 7.29 21.10 21.88
N GLY A 182 8.58 21.21 21.60
CA GLY A 182 9.25 20.99 20.30
C GLY A 182 8.96 19.73 19.58
N ARG A 183 9.01 18.54 20.23
CA ARG A 183 8.68 17.27 19.57
C ARG A 183 7.32 17.20 18.97
N ASP A 184 6.41 17.89 19.65
CA ASP A 184 4.95 17.80 19.34
C ASP A 184 4.70 18.54 18.05
N LEU A 185 5.52 19.65 17.84
CA LEU A 185 5.40 20.61 16.74
C LEU A 185 6.02 19.89 15.54
N THR A 186 7.00 18.98 15.81
CA THR A 186 7.66 18.11 14.81
C THR A 186 6.60 17.21 14.31
N ASP A 187 5.67 16.67 15.21
CA ASP A 187 4.69 15.73 14.83
C ASP A 187 3.48 16.35 14.13
N TYR A 188 3.41 17.65 14.14
CA TYR A 188 2.30 18.34 13.59
C TYR A 188 2.55 18.68 12.14
N LEU A 189 3.84 19.02 11.89
CA LEU A 189 4.37 19.35 10.62
C LEU A 189 4.17 18.24 9.61
N MET A 190 4.47 16.99 10.11
CA MET A 190 4.25 15.80 9.30
C MET A 190 2.83 15.61 8.93
N LYS A 191 1.82 16.10 9.76
CA LYS A 191 0.47 16.03 9.45
C LYS A 191 0.22 16.81 8.24
N ILE A 192 0.79 18.02 8.28
CA ILE A 192 0.61 19.01 7.32
C ILE A 192 1.44 18.82 6.02
N LEU A 193 2.41 17.94 6.02
CA LEU A 193 3.12 17.53 4.81
C LEU A 193 2.23 16.46 4.12
N THR A 194 1.19 15.92 4.78
CA THR A 194 0.39 14.85 4.25
C THR A 194 -0.63 15.40 3.25
N GLU A 195 -1.10 16.67 3.49
CA GLU A 195 -2.12 17.36 2.75
C GLU A 195 -1.39 18.31 1.79
N ARG A 196 -0.05 18.42 1.93
CA ARG A 196 0.77 19.30 1.08
C ARG A 196 0.87 18.45 -0.14
N GLY A 197 1.80 17.50 -0.22
CA GLY A 197 2.06 16.62 -1.36
C GLY A 197 3.39 15.97 -1.08
N TYR A 198 4.34 16.69 -0.43
CA TYR A 198 5.60 16.12 -0.07
C TYR A 198 5.42 14.97 0.91
N SER A 199 6.15 13.84 0.68
CA SER A 199 6.08 12.72 1.53
C SER A 199 7.13 12.69 2.60
N PHE A 200 6.76 12.61 3.90
CA PHE A 200 7.67 12.36 5.01
C PHE A 200 6.97 11.53 6.03
N VAL A 201 7.26 10.19 6.03
CA VAL A 201 6.56 9.19 6.86
C VAL A 201 7.41 8.95 8.10
N THR A 202 8.45 8.13 8.07
CA THR A 202 9.25 7.58 9.13
C THR A 202 10.06 8.42 10.07
N THR A 203 10.82 7.72 11.03
CA THR A 203 11.63 8.32 12.09
C THR A 203 12.78 9.02 11.41
N ALA A 204 13.39 8.35 10.45
CA ALA A 204 14.58 8.86 9.78
C ALA A 204 14.58 10.15 9.06
N GLU A 205 13.41 10.62 8.70
CA GLU A 205 13.31 11.88 8.05
C GLU A 205 12.61 12.75 8.98
N ARG A 206 12.08 12.24 10.09
CA ARG A 206 11.34 13.07 11.07
C ARG A 206 12.27 14.01 11.71
N GLU A 207 13.53 13.64 11.86
CA GLU A 207 14.56 14.49 12.45
C GLU A 207 14.89 15.54 11.53
N ILE A 208 14.88 15.28 10.22
CA ILE A 208 15.04 16.26 9.17
C ILE A 208 13.93 17.29 9.13
N VAL A 209 12.62 16.87 9.42
CA VAL A 209 11.44 17.63 9.63
C VAL A 209 11.56 18.63 10.76
N ARG A 210 12.25 18.16 11.79
CA ARG A 210 12.48 18.98 13.01
C ARG A 210 13.45 20.09 12.68
N ASP A 211 14.38 19.81 11.64
CA ASP A 211 15.33 20.77 11.17
C ASP A 211 14.68 21.77 10.29
N ILE A 212 13.76 21.37 9.42
CA ILE A 212 13.13 22.26 8.51
C ILE A 212 12.32 23.26 9.31
N LYS A 213 11.71 22.82 10.44
CA LYS A 213 10.93 23.66 11.31
C LYS A 213 11.78 24.71 12.00
N GLU A 214 12.88 24.33 12.64
CA GLU A 214 13.61 25.21 13.59
C GLU A 214 14.19 26.48 13.04
N LYS A 215 14.71 26.44 11.83
CA LYS A 215 15.50 27.50 11.29
C LYS A 215 14.75 28.27 10.27
N LEU A 216 13.40 28.16 10.13
CA LEU A 216 12.75 28.94 9.06
C LEU A 216 11.42 29.49 9.53
N CYS A 217 10.73 28.68 10.44
CA CYS A 217 9.32 28.90 10.67
C CYS A 217 9.16 29.90 11.75
N TYR A 218 9.14 31.14 11.24
CA TYR A 218 8.95 32.35 11.95
C TYR A 218 7.58 32.39 12.56
N VAL A 219 7.50 33.14 13.69
CA VAL A 219 6.31 33.20 14.47
C VAL A 219 5.60 34.41 14.12
N ALA A 220 4.36 34.12 13.55
CA ALA A 220 3.57 35.15 12.96
C ALA A 220 3.02 35.89 14.09
N LEU A 221 2.83 37.22 13.94
CA LEU A 221 2.14 38.01 14.88
C LEU A 221 0.68 37.58 14.94
N ASP A 222 0.08 37.37 13.75
CA ASP A 222 -1.23 36.71 13.55
C ASP A 222 -1.13 35.96 12.29
N PHE A 223 -1.51 34.63 12.41
CA PHE A 223 -1.53 33.75 11.31
C PHE A 223 -2.37 34.25 10.20
N GLU A 224 -3.62 34.69 10.50
CA GLU A 224 -4.70 34.96 9.57
C GLU A 224 -4.38 36.02 8.63
N ASN A 225 -3.56 37.04 9.07
CA ASN A 225 -3.27 38.21 8.32
C ASN A 225 -2.13 37.89 7.37
N GLU A 226 -1.25 36.95 7.71
CA GLU A 226 -0.10 36.50 6.91
C GLU A 226 -0.64 35.38 6.02
N MET A 227 -1.86 34.83 6.32
CA MET A 227 -2.53 33.83 5.55
C MET A 227 -2.98 34.52 4.28
N ALA A 228 -3.47 35.79 4.38
CA ALA A 228 -4.03 36.42 3.24
C ALA A 228 -2.98 36.83 2.30
N THR A 229 -1.76 37.16 2.91
CA THR A 229 -0.60 37.58 2.23
C THR A 229 -0.01 36.43 1.37
N ALA A 230 -0.39 35.10 1.71
CA ALA A 230 0.04 33.89 1.08
C ALA A 230 -0.32 33.85 -0.39
N ALA A 231 -1.35 34.57 -0.74
CA ALA A 231 -1.86 34.71 -2.10
C ALA A 231 -0.84 35.24 -3.06
N SER A 232 -0.06 36.24 -2.66
CA SER A 232 0.89 36.88 -3.55
C SER A 232 1.98 37.08 -2.54
N SER A 233 2.46 36.02 -1.89
CA SER A 233 3.64 36.06 -1.06
C SER A 233 4.89 36.38 -1.80
N SER A 234 5.95 36.87 -1.13
CA SER A 234 7.19 37.17 -1.80
C SER A 234 8.21 36.78 -0.76
N SER A 235 7.86 36.97 0.55
CA SER A 235 8.79 36.81 1.75
C SER A 235 8.28 35.73 2.61
N LEU A 236 7.16 35.20 2.27
CA LEU A 236 6.49 34.15 2.99
C LEU A 236 6.73 32.98 2.23
N GLU A 237 7.04 33.10 0.90
CA GLU A 237 7.16 31.96 0.04
C GLU A 237 8.63 31.81 -0.29
N LYS A 238 9.25 30.73 0.08
CA LYS A 238 10.65 30.48 -0.22
C LYS A 238 10.78 28.98 -0.24
N SER A 239 11.90 28.42 -0.79
CA SER A 239 12.05 27.00 -0.97
C SER A 239 13.26 26.76 -0.08
N TYR A 240 13.06 25.64 0.71
CA TYR A 240 13.97 25.24 1.75
C TYR A 240 14.52 24.06 1.04
N GLU A 241 15.56 24.17 0.20
CA GLU A 241 16.27 23.01 -0.39
C GLU A 241 16.79 22.02 0.69
N LEU A 242 16.09 20.87 0.69
CA LEU A 242 16.38 19.68 1.56
C LEU A 242 17.83 19.39 1.30
N PRO A 243 18.75 19.14 2.24
CA PRO A 243 20.13 19.17 2.02
C PRO A 243 20.70 17.85 1.78
N ASP A 244 20.05 17.13 0.91
CA ASP A 244 20.39 15.78 0.47
C ASP A 244 19.56 15.55 -0.76
N GLY A 245 18.79 16.55 -1.22
CA GLY A 245 18.21 16.58 -2.60
C GLY A 245 16.73 16.55 -2.52
N GLN A 246 16.13 17.69 -2.90
CA GLN A 246 14.80 18.07 -3.03
C GLN A 246 14.73 19.51 -2.67
N VAL A 247 13.71 20.16 -3.16
CA VAL A 247 13.33 21.51 -2.81
C VAL A 247 12.06 21.26 -2.16
N ILE A 248 11.87 22.01 -1.03
CA ILE A 248 10.81 21.87 -0.12
C ILE A 248 10.18 23.29 -0.07
N THR A 249 9.22 23.58 -1.01
CA THR A 249 8.57 24.89 -1.05
C THR A 249 7.72 25.04 0.17
N ILE A 250 7.88 26.17 0.90
CA ILE A 250 7.11 26.36 2.07
C ILE A 250 6.55 27.73 1.93
N GLY A 251 5.21 27.82 1.97
CA GLY A 251 4.46 29.08 1.82
C GLY A 251 3.85 29.35 3.19
N ASN A 252 2.51 29.01 3.27
CA ASN A 252 1.61 29.21 4.46
C ASN A 252 2.17 28.47 5.61
N GLU A 253 2.91 27.38 5.28
CA GLU A 253 3.48 26.43 6.26
C GLU A 253 4.39 27.00 7.38
N ARG A 254 5.11 28.04 7.04
CA ARG A 254 6.07 28.67 7.86
C ARG A 254 5.62 29.28 9.15
N PHE A 255 4.37 29.80 9.18
CA PHE A 255 3.92 30.51 10.38
C PHE A 255 2.64 29.76 10.75
N ARG A 256 2.49 28.52 10.17
CA ARG A 256 1.37 27.66 10.48
C ARG A 256 1.75 26.75 11.63
N CYS A 257 2.98 26.23 11.59
CA CYS A 257 3.49 25.31 12.66
C CYS A 257 3.80 26.11 13.96
N PRO A 258 4.48 27.23 13.97
CA PRO A 258 4.70 27.99 15.15
C PRO A 258 3.47 28.53 15.90
N GLU A 259 2.38 28.83 15.15
CA GLU A 259 1.17 29.37 15.70
C GLU A 259 0.51 28.26 16.51
N THR A 260 0.73 26.92 16.10
CA THR A 260 0.17 25.72 16.74
C THR A 260 0.50 25.54 18.19
N LEU A 261 1.73 26.01 18.55
CA LEU A 261 2.27 26.02 19.90
C LEU A 261 1.38 26.70 20.84
N PHE A 262 0.83 27.89 20.41
CA PHE A 262 -0.01 28.59 21.29
C PHE A 262 -1.44 28.31 21.04
N GLN A 263 -1.81 27.60 19.96
CA GLN A 263 -3.20 27.34 19.67
C GLN A 263 -3.27 25.89 19.29
N PRO A 264 -3.44 24.98 20.22
CA PRO A 264 -3.56 23.55 20.09
C PRO A 264 -4.82 23.09 19.21
N SER A 265 -5.73 24.06 18.91
CA SER A 265 -6.92 23.88 18.06
C SER A 265 -6.55 23.51 16.68
N PHE A 266 -5.34 23.86 16.18
CA PHE A 266 -4.82 23.55 14.87
C PHE A 266 -4.39 22.09 14.77
N ILE A 267 -4.21 21.48 15.95
CA ILE A 267 -3.97 20.09 15.95
C ILE A 267 -5.29 19.38 15.84
N GLY A 268 -6.22 19.91 16.67
CA GLY A 268 -7.47 19.20 16.97
C GLY A 268 -7.38 18.64 18.32
N MET A 269 -6.86 19.49 19.26
CA MET A 269 -6.74 19.25 20.69
C MET A 269 -7.44 20.43 21.35
N GLU A 270 -7.69 20.25 22.65
CA GLU A 270 -8.49 21.08 23.49
C GLU A 270 -7.58 21.68 24.46
N SER A 271 -6.26 21.41 24.36
CA SER A 271 -5.28 21.99 25.31
C SER A 271 -5.14 23.45 25.28
N ALA A 272 -4.78 24.10 26.38
CA ALA A 272 -4.68 25.52 26.57
C ALA A 272 -3.40 26.05 25.96
N GLY A 273 -3.45 27.25 25.37
CA GLY A 273 -2.33 27.88 24.72
C GLY A 273 -1.36 28.17 25.89
N ILE A 274 -0.12 28.26 25.54
CA ILE A 274 0.88 28.50 26.65
C ILE A 274 0.83 29.88 27.24
N HIS A 275 0.09 30.75 26.53
CA HIS A 275 -0.11 32.14 26.91
C HIS A 275 -1.38 32.18 27.73
N GLU A 276 -2.22 31.08 27.77
CA GLU A 276 -3.38 31.02 28.61
C GLU A 276 -3.05 30.70 30.01
N THR A 277 -2.09 29.71 30.20
CA THR A 277 -1.46 29.32 31.41
C THR A 277 -0.73 30.44 32.10
N THR A 278 -0.21 31.33 31.24
CA THR A 278 0.46 32.53 31.73
C THR A 278 -0.43 33.42 32.52
N TYR A 279 -1.70 33.65 32.00
CA TYR A 279 -2.72 34.42 32.60
C TYR A 279 -3.20 33.78 33.84
N ASN A 280 -3.51 32.47 33.72
CA ASN A 280 -4.07 31.68 34.81
C ASN A 280 -3.28 31.71 36.10
N SER A 281 -1.95 31.55 35.96
CA SER A 281 -1.00 31.34 37.12
C SER A 281 -0.72 32.66 37.80
N ILE A 282 -0.79 33.77 37.03
CA ILE A 282 -0.42 35.06 37.47
C ILE A 282 -1.61 35.71 38.07
N MET A 283 -2.78 35.50 37.46
CA MET A 283 -3.98 36.14 38.00
C MET A 283 -4.41 35.62 39.31
N LYS A 284 -3.97 34.33 39.52
CA LYS A 284 -4.39 33.52 40.69
C LYS A 284 -3.73 34.11 41.89
N CYS A 285 -2.49 34.56 41.73
CA CYS A 285 -1.63 35.17 42.75
C CYS A 285 -2.14 36.52 43.05
N ASP A 286 -1.86 36.94 44.30
CA ASP A 286 -2.27 38.15 44.86
C ASP A 286 -2.04 39.34 43.88
N ILE A 287 -2.89 40.42 43.93
CA ILE A 287 -2.97 41.53 42.99
C ILE A 287 -1.65 42.18 42.97
N ASP A 288 -0.95 42.29 44.14
CA ASP A 288 0.27 43.04 44.22
C ASP A 288 1.44 42.26 43.78
N ILE A 289 1.24 41.05 43.28
CA ILE A 289 2.38 40.25 42.86
C ILE A 289 2.23 40.18 41.38
N ARG A 290 1.13 40.60 40.76
CA ARG A 290 1.02 40.32 39.32
C ARG A 290 1.99 41.15 38.52
N LYS A 291 2.34 42.37 39.04
CA LYS A 291 3.15 43.40 38.47
C LYS A 291 4.54 42.86 38.15
N ASP A 292 5.08 41.93 38.98
CA ASP A 292 6.39 41.40 38.87
C ASP A 292 6.54 40.10 38.11
N LEU A 293 5.40 39.39 38.10
CA LEU A 293 5.22 38.19 37.29
C LEU A 293 5.12 38.64 35.81
N TYR A 294 4.48 39.76 35.50
CA TYR A 294 4.21 40.20 34.13
C TYR A 294 5.45 41.02 33.67
N ALA A 295 6.19 41.71 34.66
CA ALA A 295 7.44 42.32 34.41
C ALA A 295 8.50 41.40 33.96
N ASN A 296 8.51 40.15 34.56
CA ASN A 296 9.54 39.17 34.35
C ASN A 296 8.96 38.08 33.72
N ASN A 297 8.78 38.11 32.40
CA ASN A 297 8.27 36.94 31.68
C ASN A 297 9.45 36.09 31.17
N VAL A 298 9.89 35.01 31.93
CA VAL A 298 11.03 34.29 31.49
C VAL A 298 10.57 33.24 30.52
N MET A 299 11.30 33.25 29.35
CA MET A 299 10.94 32.39 28.22
C MET A 299 12.25 31.71 27.85
N SER A 300 12.49 30.50 28.37
CA SER A 300 13.69 29.69 28.07
C SER A 300 13.30 28.52 27.30
N GLY A 301 14.30 27.75 26.79
CA GLY A 301 14.15 26.53 26.00
C GLY A 301 14.23 26.77 24.56
N GLY A 302 14.67 25.75 23.79
CA GLY A 302 15.06 26.01 22.46
C GLY A 302 13.94 26.32 21.56
N THR A 303 12.77 25.85 21.98
CA THR A 303 11.51 25.98 21.28
C THR A 303 11.15 27.39 21.20
N THR A 304 11.64 28.25 22.09
CA THR A 304 11.30 29.63 22.18
C THR A 304 12.46 30.39 21.62
N MET A 305 12.97 29.88 20.46
CA MET A 305 13.98 30.53 19.67
C MET A 305 13.54 30.67 18.23
N TYR A 306 12.30 30.32 17.82
CA TYR A 306 11.91 30.56 16.42
C TYR A 306 11.93 32.04 16.18
N PRO A 307 12.22 32.56 15.00
CA PRO A 307 12.26 33.97 14.62
C PRO A 307 10.92 34.61 14.87
N GLY A 308 10.86 35.73 15.68
CA GLY A 308 9.61 36.43 15.81
C GLY A 308 8.76 35.76 16.93
N ILE A 309 9.39 34.97 17.78
CA ILE A 309 8.80 34.35 18.96
C ILE A 309 8.65 35.41 20.03
N ALA A 310 9.60 36.43 20.00
CA ALA A 310 9.72 37.46 21.00
C ALA A 310 8.58 38.41 20.91
N ASP A 311 8.27 38.91 19.70
CA ASP A 311 7.24 39.86 19.40
C ASP A 311 5.90 39.20 19.51
N ARG A 312 5.87 37.86 19.47
CA ARG A 312 4.62 37.12 19.70
C ARG A 312 4.11 37.31 21.12
N MET A 313 4.97 37.44 22.14
CA MET A 313 4.51 37.52 23.49
C MET A 313 4.16 38.92 23.95
N GLN A 314 4.17 39.88 23.00
CA GLN A 314 3.96 41.29 23.27
C GLN A 314 2.56 41.65 23.04
N LYS A 315 1.84 40.80 22.30
CA LYS A 315 0.45 41.03 22.06
C LYS A 315 -0.25 39.97 22.78
N GLU A 316 0.38 38.75 22.85
CA GLU A 316 -0.38 37.69 23.46
C GLU A 316 -0.59 37.91 24.91
N ILE A 317 0.42 38.38 25.57
CA ILE A 317 0.43 38.68 26.98
C ILE A 317 -0.41 39.84 27.27
N THR A 318 -0.32 40.94 26.46
CA THR A 318 -1.12 42.14 26.78
C THR A 318 -2.60 41.91 26.70
N ALA A 319 -3.05 40.84 25.98
CA ALA A 319 -4.45 40.58 25.74
C ALA A 319 -5.25 40.44 27.02
N LEU A 320 -4.82 39.37 27.73
CA LEU A 320 -5.44 39.20 29.02
C LEU A 320 -4.49 39.40 30.14
N ALA A 321 -3.96 40.67 30.10
CA ALA A 321 -3.17 41.28 31.15
C ALA A 321 -3.64 42.79 31.21
N PRO A 322 -3.89 43.36 32.32
CA PRO A 322 -4.26 44.74 32.55
C PRO A 322 -3.35 45.80 32.07
N SER A 323 -3.72 47.08 32.39
CA SER A 323 -3.09 48.31 32.03
C SER A 323 -2.45 48.85 33.27
N THR A 324 -2.39 48.13 34.44
CA THR A 324 -1.99 48.54 35.76
C THR A 324 -0.56 48.12 35.99
N MET A 325 0.05 47.38 34.99
CA MET A 325 1.36 46.90 35.16
C MET A 325 2.12 46.87 33.82
N LYS A 326 3.49 46.99 33.97
CA LYS A 326 4.43 46.90 32.94
C LYS A 326 4.47 45.40 32.61
N ILE A 327 4.79 45.07 31.32
CA ILE A 327 4.81 43.81 30.67
C ILE A 327 6.17 43.80 29.95
N LYS A 328 7.09 42.85 30.31
CA LYS A 328 8.40 42.86 29.71
C LYS A 328 8.93 41.51 29.62
N ILE A 329 9.30 41.17 28.37
CA ILE A 329 9.85 39.83 28.08
C ILE A 329 11.30 39.71 28.38
N ILE A 330 11.64 38.68 29.23
CA ILE A 330 12.97 38.20 29.55
C ILE A 330 13.23 37.02 28.69
N ALA A 331 14.15 37.18 27.71
CA ALA A 331 14.59 36.13 26.84
C ALA A 331 16.06 36.28 26.52
N PRO A 332 16.97 35.66 27.29
CA PRO A 332 18.40 35.72 27.15
C PRO A 332 18.90 35.32 25.79
N PRO A 333 19.82 35.89 25.12
CA PRO A 333 20.35 35.54 23.78
C PRO A 333 20.41 34.10 23.36
N GLU A 334 20.86 33.19 24.23
CA GLU A 334 20.88 31.79 24.09
C GLU A 334 19.96 31.36 25.14
N ARG A 335 19.16 30.25 24.96
CA ARG A 335 18.24 29.74 25.94
C ARG A 335 17.78 28.27 25.72
N LYS A 336 18.43 27.59 24.73
CA LYS A 336 18.31 26.20 24.54
C LYS A 336 18.93 25.40 25.64
N TYR A 337 20.07 25.90 26.11
CA TYR A 337 20.89 25.07 27.01
C TYR A 337 20.59 25.48 28.44
N SER A 338 19.40 26.06 28.68
CA SER A 338 18.96 26.72 29.89
C SER A 338 18.93 25.93 31.22
N VAL A 339 18.62 24.62 31.14
CA VAL A 339 18.52 23.82 32.38
C VAL A 339 20.00 23.44 32.65
N TRP A 340 20.78 23.26 31.58
CA TRP A 340 22.11 22.86 31.83
C TRP A 340 22.92 24.00 32.40
N ILE A 341 22.64 25.31 31.99
CA ILE A 341 23.36 26.45 32.45
C ILE A 341 23.12 26.61 33.90
N GLY A 342 21.84 26.47 34.36
CA GLY A 342 21.48 26.46 35.75
C GLY A 342 22.05 25.42 36.64
N GLY A 343 22.25 24.24 36.12
CA GLY A 343 22.86 23.29 37.02
C GLY A 343 24.29 23.57 37.31
N SER A 344 24.98 24.29 36.39
CA SER A 344 26.37 24.58 36.48
C SER A 344 26.58 25.52 37.71
N ILE A 345 25.57 26.41 37.93
CA ILE A 345 25.44 27.46 38.93
C ILE A 345 25.33 26.85 40.31
N LEU A 346 24.51 25.79 40.32
CA LEU A 346 24.33 25.03 41.52
C LEU A 346 25.56 24.31 41.94
N ALA A 347 26.36 23.85 40.93
CA ALA A 347 27.60 23.08 41.18
C ALA A 347 28.75 23.91 41.59
N SER A 348 28.56 25.28 41.61
CA SER A 348 29.57 26.22 41.98
C SER A 348 29.26 26.47 43.51
N LEU A 349 28.18 25.84 43.97
CA LEU A 349 27.76 25.92 45.35
C LEU A 349 28.25 24.70 46.09
N SER A 350 28.55 24.87 47.44
CA SER A 350 29.08 23.80 48.21
C SER A 350 28.00 23.31 49.07
N THR A 351 26.89 24.16 49.15
CA THR A 351 25.72 23.73 49.75
C THR A 351 25.01 22.70 48.84
N PHE A 352 25.27 22.74 47.46
CA PHE A 352 24.65 21.79 46.57
C PHE A 352 25.22 20.40 46.81
N GLN A 353 26.42 20.31 47.47
CA GLN A 353 27.00 19.07 47.93
C GLN A 353 26.22 18.44 48.94
N GLN A 354 25.58 19.23 49.78
CA GLN A 354 24.79 18.83 50.95
C GLN A 354 23.33 18.87 50.64
N MET A 355 22.97 19.40 49.45
CA MET A 355 21.67 19.40 48.85
C MET A 355 21.60 18.39 47.75
N TRP A 356 22.61 17.49 47.63
CA TRP A 356 22.63 16.40 46.73
C TRP A 356 22.61 15.15 47.62
N ILE A 357 22.37 14.02 46.91
CA ILE A 357 22.05 12.71 47.50
C ILE A 357 23.31 11.90 47.39
N THR A 358 23.82 11.42 48.57
CA THR A 358 25.09 10.74 48.62
C THR A 358 24.92 9.30 48.24
N LYS A 359 26.01 8.64 47.80
CA LYS A 359 26.09 7.20 47.53
C LYS A 359 25.54 6.47 48.66
N GLN A 360 26.12 6.71 49.82
CA GLN A 360 25.81 6.06 51.10
C GLN A 360 24.45 6.25 51.48
N GLU A 361 23.81 7.42 51.21
CA GLU A 361 22.43 7.60 51.57
C GLU A 361 21.43 6.61 51.08
N TYR A 362 21.64 6.03 49.86
CA TYR A 362 20.74 5.12 49.24
C TYR A 362 20.60 3.84 50.04
N ASP A 363 21.78 3.29 50.48
CA ASP A 363 21.74 2.08 51.22
C ASP A 363 21.31 2.34 52.67
N GLU A 364 21.68 3.51 53.22
CA GLU A 364 21.43 3.86 54.59
C GLU A 364 20.01 4.38 54.87
N ALA A 365 19.23 4.78 53.90
CA ALA A 365 17.90 5.33 54.21
C ALA A 365 16.89 4.77 53.16
N GLY A 366 17.18 3.54 52.73
CA GLY A 366 16.32 2.88 51.79
C GLY A 366 16.23 3.68 50.45
N PRO A 367 15.35 3.26 49.59
CA PRO A 367 15.23 3.78 48.28
C PRO A 367 14.49 5.20 48.26
N SER A 368 13.70 5.47 49.32
CA SER A 368 12.82 6.63 49.53
C SER A 368 13.62 7.83 49.86
N ILE A 369 14.93 7.68 50.01
CA ILE A 369 15.89 8.75 50.14
C ILE A 369 15.73 9.75 49.01
N VAL A 370 15.38 9.29 47.78
CA VAL A 370 15.26 10.05 46.57
C VAL A 370 14.30 11.17 46.74
N HIS A 371 13.00 10.81 46.93
CA HIS A 371 11.91 11.72 47.17
C HIS A 371 12.05 12.51 48.44
N ARG A 372 12.98 12.15 49.28
CA ARG A 372 13.27 12.86 50.51
C ARG A 372 14.06 14.10 50.17
N LYS A 373 15.00 14.11 49.19
CA LYS A 373 15.71 15.27 48.89
C LYS A 373 14.93 15.95 47.77
N CYS A 374 14.62 15.35 46.63
CA CYS A 374 13.69 16.07 45.66
C CYS A 374 12.31 15.93 46.20
N PHE A 375 11.61 17.11 46.44
CA PHE A 375 10.29 17.30 46.92
C PHE A 375 9.40 17.89 45.82
N ASP B 1 46.67 -25.64 0.90
CA ASP B 1 46.01 -26.78 0.18
C ASP B 1 46.71 -28.06 0.41
N GLU B 2 46.02 -29.09 0.91
CA GLU B 2 46.63 -30.36 1.29
C GLU B 2 47.45 -30.25 2.53
N ASP B 3 47.40 -29.09 3.19
CA ASP B 3 48.16 -28.77 4.39
C ASP B 3 47.54 -27.58 5.02
N GLU B 4 46.50 -27.07 4.40
CA GLU B 4 45.72 -25.93 4.84
C GLU B 4 44.34 -26.24 4.23
N THR B 5 43.22 -25.82 4.93
CA THR B 5 41.82 -26.11 4.55
C THR B 5 41.49 -25.54 3.15
N THR B 6 42.05 -24.32 2.86
CA THR B 6 42.06 -23.49 1.72
C THR B 6 40.92 -23.70 0.76
N ALA B 7 39.76 -22.90 0.79
CA ALA B 7 38.63 -23.27 0.01
C ALA B 7 38.89 -23.00 -1.49
N LEU B 8 37.90 -23.20 -2.32
CA LEU B 8 38.07 -22.78 -3.68
C LEU B 8 37.36 -21.47 -3.67
N VAL B 9 37.45 -20.80 -4.81
CA VAL B 9 36.67 -19.70 -5.19
C VAL B 9 36.31 -20.00 -6.56
N CYS B 10 35.00 -20.11 -6.72
CA CYS B 10 34.42 -20.55 -7.90
C CYS B 10 33.34 -19.63 -8.22
N ASP B 11 33.30 -19.20 -9.52
CA ASP B 11 32.20 -18.30 -9.92
C ASP B 11 31.61 -19.02 -10.97
N ASN B 12 30.84 -20.01 -10.48
CA ASN B 12 30.04 -20.88 -11.26
C ASN B 12 28.76 -20.12 -11.66
N GLY B 13 28.88 -19.08 -12.59
CA GLY B 13 27.79 -18.33 -13.13
C GLY B 13 27.88 -18.41 -14.60
N SER B 14 27.15 -17.47 -15.26
CA SER B 14 26.95 -17.21 -16.66
C SER B 14 28.21 -16.68 -17.37
N GLY B 15 29.37 -16.60 -16.74
CA GLY B 15 30.58 -16.20 -17.32
C GLY B 15 31.25 -17.44 -17.58
N LEU B 16 32.54 -17.44 -17.13
CA LEU B 16 33.44 -18.57 -17.26
C LEU B 16 33.12 -19.26 -15.97
N VAL B 17 33.59 -20.50 -15.85
CA VAL B 17 33.68 -21.15 -14.60
C VAL B 17 35.02 -20.73 -14.10
N LYS B 18 35.01 -19.63 -13.27
CA LYS B 18 36.19 -19.04 -12.78
C LYS B 18 36.64 -19.72 -11.58
N ALA B 19 37.49 -20.77 -11.69
CA ALA B 19 37.86 -21.39 -10.47
C ALA B 19 39.27 -21.09 -10.17
N GLY B 20 39.58 -21.15 -8.88
CA GLY B 20 40.83 -20.91 -8.25
C GLY B 20 40.54 -21.08 -6.86
N PHE B 21 41.59 -20.84 -6.05
CA PHE B 21 41.56 -21.13 -4.62
C PHE B 21 41.32 -19.89 -3.80
N ALA B 22 41.07 -20.09 -2.54
CA ALA B 22 40.82 -19.04 -1.57
C ALA B 22 42.09 -18.41 -1.39
N GLY B 23 42.06 -17.03 -1.55
CA GLY B 23 43.22 -16.21 -1.40
C GLY B 23 44.15 -16.22 -2.61
N ASP B 24 43.53 -16.51 -3.81
CA ASP B 24 44.12 -16.44 -5.10
C ASP B 24 43.73 -15.05 -5.66
N ASP B 25 44.61 -14.42 -6.53
CA ASP B 25 44.31 -13.10 -7.08
C ASP B 25 43.74 -13.25 -8.43
N ALA B 26 43.62 -14.52 -8.87
CA ALA B 26 43.13 -14.73 -10.23
C ALA B 26 42.54 -16.07 -10.22
N PRO B 27 41.66 -16.36 -11.21
CA PRO B 27 41.13 -17.72 -11.29
C PRO B 27 42.08 -18.40 -12.24
N ARG B 28 42.91 -19.31 -11.68
CA ARG B 28 43.94 -20.05 -12.36
C ARG B 28 43.34 -20.99 -13.45
N ALA B 29 42.21 -21.66 -13.12
CA ALA B 29 41.45 -22.43 -14.07
C ALA B 29 40.37 -21.54 -14.53
N VAL B 30 40.34 -21.26 -15.83
CA VAL B 30 39.30 -20.44 -16.38
C VAL B 30 39.06 -21.12 -17.72
N PHE B 31 37.71 -21.37 -17.96
CA PHE B 31 37.30 -22.05 -19.13
C PHE B 31 35.90 -21.70 -19.14
N PRO B 32 35.19 -21.58 -20.25
CA PRO B 32 33.83 -21.11 -20.23
C PRO B 32 32.85 -22.09 -19.62
N SER B 33 31.63 -21.70 -19.84
CA SER B 33 30.45 -22.34 -19.26
C SER B 33 29.50 -22.69 -20.36
N ILE B 34 30.07 -22.93 -21.62
CA ILE B 34 29.28 -23.41 -22.71
C ILE B 34 29.73 -24.89 -22.69
N VAL B 35 28.80 -25.73 -23.08
CA VAL B 35 29.03 -27.18 -23.20
C VAL B 35 28.88 -27.63 -24.65
N GLY B 36 29.79 -28.44 -25.15
CA GLY B 36 29.81 -28.78 -26.58
C GLY B 36 29.21 -30.15 -26.79
N ARG B 37 28.68 -30.52 -27.91
CA ARG B 37 28.07 -31.83 -28.22
C ARG B 37 28.36 -32.20 -29.68
N PRO B 38 28.71 -33.43 -30.07
CA PRO B 38 28.94 -33.89 -31.41
C PRO B 38 27.86 -33.67 -32.42
N ARG B 39 28.24 -33.83 -33.72
CA ARG B 39 27.36 -33.74 -34.91
C ARG B 39 28.14 -33.87 -36.13
N HIS B 40 29.31 -34.58 -36.06
CA HIS B 40 30.11 -34.95 -37.24
C HIS B 40 29.41 -35.87 -38.21
N GLN B 41 28.71 -36.90 -37.69
CA GLN B 41 27.94 -37.91 -38.45
C GLN B 41 28.81 -38.84 -39.32
N GLY B 42 28.17 -39.86 -39.96
CA GLY B 42 28.76 -40.82 -40.87
C GLY B 42 29.67 -41.81 -40.18
N VAL B 43 30.29 -42.60 -41.03
CA VAL B 43 31.25 -43.65 -40.67
C VAL B 43 32.41 -42.96 -39.87
N MET B 44 32.87 -43.66 -38.85
CA MET B 44 33.73 -43.06 -37.95
C MET B 44 34.69 -44.17 -37.63
N VAL B 45 36.02 -43.77 -37.64
CA VAL B 45 37.03 -44.76 -37.53
C VAL B 45 37.70 -44.58 -36.23
N GLY B 46 38.12 -43.31 -35.93
CA GLY B 46 38.64 -42.85 -34.67
C GLY B 46 37.42 -42.37 -33.84
N MET B 47 37.52 -41.24 -33.12
CA MET B 47 36.60 -40.68 -32.19
C MET B 47 37.22 -39.29 -32.01
N GLY B 48 36.35 -38.31 -31.70
CA GLY B 48 36.56 -36.88 -31.48
C GLY B 48 37.22 -36.61 -30.16
N GLN B 49 37.59 -37.71 -29.48
CA GLN B 49 38.41 -37.91 -28.33
C GLN B 49 37.50 -37.84 -27.06
N LYS B 50 36.76 -36.67 -27.03
CA LYS B 50 35.76 -36.53 -26.08
C LYS B 50 34.37 -36.70 -26.71
N ASP B 51 33.45 -37.31 -25.87
CA ASP B 51 32.06 -37.53 -26.10
C ASP B 51 31.25 -36.17 -25.98
N SER B 52 31.42 -35.64 -24.72
CA SER B 52 30.82 -34.34 -24.37
C SER B 52 32.04 -33.50 -24.03
N TYR B 53 32.08 -32.33 -24.60
CA TYR B 53 33.13 -31.35 -24.44
C TYR B 53 32.64 -30.47 -23.38
N VAL B 54 33.64 -30.02 -22.60
CA VAL B 54 33.35 -29.27 -21.39
C VAL B 54 34.36 -28.16 -21.35
N GLY B 55 33.77 -26.98 -21.00
CA GLY B 55 34.63 -25.77 -20.95
C GLY B 55 35.28 -25.39 -22.21
N ASP B 56 36.57 -25.07 -22.09
CA ASP B 56 37.54 -24.67 -23.09
C ASP B 56 37.63 -25.63 -24.26
N GLU B 57 37.56 -26.93 -23.97
CA GLU B 57 37.58 -28.03 -24.89
C GLU B 57 36.48 -28.05 -25.85
N ALA B 58 35.36 -27.54 -25.39
CA ALA B 58 34.18 -27.37 -26.23
C ALA B 58 34.40 -26.11 -27.06
N GLN B 59 34.83 -25.00 -26.47
CA GLN B 59 34.96 -23.76 -27.08
C GLN B 59 35.94 -23.85 -28.30
N SER B 60 36.86 -24.84 -28.27
CA SER B 60 37.92 -24.98 -29.24
C SER B 60 37.44 -25.27 -30.59
N LYS B 61 36.56 -26.24 -30.70
CA LYS B 61 36.07 -26.61 -32.02
C LYS B 61 34.64 -26.41 -31.95
N ARG B 62 34.11 -25.84 -33.05
CA ARG B 62 32.71 -25.56 -33.16
C ARG B 62 32.25 -26.10 -34.46
N GLY B 63 33.10 -26.51 -35.41
CA GLY B 63 32.73 -26.88 -36.74
C GLY B 63 32.38 -28.36 -36.76
N ILE B 64 32.52 -29.07 -35.63
CA ILE B 64 32.27 -30.50 -35.52
C ILE B 64 31.26 -30.61 -34.44
N LEU B 65 31.02 -29.51 -33.70
CA LEU B 65 30.17 -29.56 -32.60
C LEU B 65 29.07 -28.57 -32.73
N THR B 66 27.92 -28.73 -31.95
CA THR B 66 26.78 -27.84 -31.85
C THR B 66 26.73 -27.50 -30.42
N LEU B 67 26.67 -26.19 -30.11
CA LEU B 67 27.04 -25.67 -28.76
C LEU B 67 25.93 -25.27 -27.88
N LYS B 68 25.69 -26.18 -26.83
CA LYS B 68 24.74 -26.02 -25.80
C LYS B 68 25.24 -24.99 -24.78
N TYR B 69 24.32 -24.30 -24.10
CA TYR B 69 24.70 -23.40 -23.06
C TYR B 69 23.84 -23.88 -21.89
N PRO B 70 24.42 -24.69 -20.96
CA PRO B 70 23.73 -25.30 -19.85
C PRO B 70 23.26 -24.31 -18.83
N ILE B 71 23.58 -23.00 -18.94
CA ILE B 71 23.19 -22.03 -17.99
C ILE B 71 22.79 -20.89 -18.84
N GLU B 72 21.45 -20.54 -18.90
CA GLU B 72 20.83 -19.37 -19.55
C GLU B 72 19.84 -18.72 -18.61
N HIS B 73 20.00 -17.37 -18.40
CA HIS B 73 19.07 -16.54 -17.59
C HIS B 73 19.42 -16.70 -16.18
N GLY B 74 20.56 -17.33 -15.87
CA GLY B 74 21.04 -17.48 -14.50
C GLY B 74 20.30 -18.63 -13.91
N ILE B 75 19.69 -19.46 -14.79
CA ILE B 75 18.90 -20.55 -14.45
C ILE B 75 19.66 -21.65 -15.03
N ILE B 76 20.01 -22.71 -14.22
CA ILE B 76 20.76 -23.80 -14.68
C ILE B 76 19.80 -24.69 -15.39
N THR B 77 20.00 -24.76 -16.74
CA THR B 77 19.12 -25.38 -17.60
C THR B 77 19.51 -26.82 -17.83
N ASN B 78 20.61 -27.39 -17.15
CA ASN B 78 20.89 -28.75 -17.41
C ASN B 78 22.00 -28.98 -16.46
N TRP B 79 21.69 -29.96 -15.58
CA TRP B 79 22.48 -30.23 -14.42
C TRP B 79 23.50 -31.25 -14.60
N ASP B 80 23.20 -32.07 -15.65
CA ASP B 80 24.00 -33.30 -15.96
C ASP B 80 25.42 -33.06 -16.29
N ASP B 81 25.75 -31.92 -16.95
CA ASP B 81 27.05 -31.51 -17.36
C ASP B 81 27.79 -30.81 -16.31
N MET B 82 27.07 -30.24 -15.34
CA MET B 82 27.52 -29.39 -14.21
C MET B 82 28.33 -30.21 -13.38
N GLU B 83 28.01 -31.48 -13.30
CA GLU B 83 28.69 -32.53 -12.59
C GLU B 83 30.08 -32.73 -13.21
N LYS B 84 30.20 -32.77 -14.52
CA LYS B 84 31.45 -32.90 -15.25
C LYS B 84 32.21 -31.65 -15.24
N ILE B 85 31.51 -30.45 -15.16
CA ILE B 85 32.11 -29.14 -15.06
C ILE B 85 32.83 -28.98 -13.73
N TRP B 86 32.32 -29.49 -12.62
CA TRP B 86 33.00 -29.40 -11.32
C TRP B 86 34.03 -30.46 -11.23
N HIS B 87 33.80 -31.60 -11.96
CA HIS B 87 34.80 -32.61 -12.09
C HIS B 87 35.97 -32.19 -12.94
N HIS B 88 35.67 -31.27 -13.79
CA HIS B 88 36.65 -30.67 -14.72
C HIS B 88 37.38 -29.56 -13.98
N THR B 89 36.69 -29.02 -12.94
CA THR B 89 37.30 -27.95 -12.19
C THR B 89 38.37 -28.43 -11.25
N PHE B 90 37.94 -29.35 -10.34
CA PHE B 90 38.77 -29.82 -9.25
C PHE B 90 39.71 -30.73 -9.84
N TYR B 91 39.24 -31.86 -10.51
CA TYR B 91 40.15 -33.00 -10.86
C TYR B 91 41.17 -32.81 -11.93
N ASN B 92 40.72 -32.16 -13.09
CA ASN B 92 41.62 -32.11 -14.19
C ASN B 92 42.19 -30.75 -14.45
N GLU B 93 41.71 -29.56 -14.00
CA GLU B 93 42.25 -28.27 -14.26
C GLU B 93 42.90 -27.64 -13.08
N LEU B 94 42.87 -28.28 -11.84
CA LEU B 94 43.47 -27.77 -10.60
C LEU B 94 43.95 -28.98 -9.87
N ARG B 95 43.53 -30.18 -10.36
CA ARG B 95 44.13 -31.49 -9.99
C ARG B 95 44.08 -31.68 -8.53
N VAL B 96 42.90 -31.50 -7.91
CA VAL B 96 42.70 -31.70 -6.51
C VAL B 96 41.44 -32.52 -6.35
N ALA B 97 41.25 -32.97 -5.09
CA ALA B 97 40.12 -33.86 -4.80
C ALA B 97 39.14 -32.83 -4.20
N PRO B 98 37.90 -33.13 -4.37
CA PRO B 98 36.90 -32.21 -3.91
C PRO B 98 36.82 -32.34 -2.38
N GLU B 99 37.30 -33.57 -1.86
CA GLU B 99 37.30 -33.95 -0.47
C GLU B 99 38.49 -33.29 0.29
N GLU B 100 39.32 -32.57 -0.47
CA GLU B 100 40.45 -31.87 0.05
C GLU B 100 40.10 -30.46 0.63
N HIS B 101 39.09 -29.71 0.04
CA HIS B 101 38.89 -28.36 0.26
C HIS B 101 37.44 -28.17 0.08
N PRO B 102 36.83 -27.13 0.73
CA PRO B 102 35.52 -26.60 0.50
C PRO B 102 35.27 -25.86 -0.79
N THR B 103 34.05 -25.35 -1.10
CA THR B 103 33.77 -24.74 -2.39
C THR B 103 32.79 -23.65 -2.29
N LEU B 104 33.29 -22.49 -2.85
CA LEU B 104 32.54 -21.27 -2.90
C LEU B 104 32.01 -21.01 -4.27
N LEU B 105 30.67 -21.02 -4.42
CA LEU B 105 30.09 -20.93 -5.71
C LEU B 105 29.33 -19.69 -5.74
N THR B 106 28.78 -19.21 -6.94
CA THR B 106 27.91 -18.08 -6.90
C THR B 106 26.43 -18.42 -7.18
N GLU B 107 25.51 -17.64 -6.57
CA GLU B 107 24.07 -17.59 -6.63
C GLU B 107 23.75 -16.32 -7.26
N ALA B 108 23.11 -16.29 -8.48
CA ALA B 108 22.66 -15.01 -9.01
C ALA B 108 21.41 -14.58 -8.32
N PRO B 109 21.19 -13.32 -7.83
CA PRO B 109 19.95 -12.88 -7.05
C PRO B 109 18.66 -13.30 -7.69
N LEU B 110 17.78 -13.95 -6.83
CA LEU B 110 16.43 -14.47 -7.21
C LEU B 110 16.45 -15.59 -8.25
N ASN B 111 17.44 -16.44 -8.04
CA ASN B 111 17.52 -17.74 -8.63
C ASN B 111 16.30 -18.58 -8.25
N PRO B 112 15.92 -19.51 -9.10
CA PRO B 112 14.90 -20.46 -8.66
C PRO B 112 15.38 -21.36 -7.52
N LYS B 113 14.50 -21.51 -6.50
CA LYS B 113 14.70 -21.98 -5.22
C LYS B 113 15.18 -23.48 -5.22
N ALA B 114 14.75 -24.26 -6.23
CA ALA B 114 15.23 -25.64 -6.41
C ALA B 114 16.64 -25.65 -6.91
N ASN B 115 17.07 -24.68 -7.68
CA ASN B 115 18.41 -24.67 -8.26
C ASN B 115 19.48 -24.63 -7.14
N ARG B 116 19.14 -23.79 -6.15
CA ARG B 116 20.03 -23.58 -4.98
C ARG B 116 20.36 -24.96 -4.29
N GLU B 117 19.35 -25.86 -4.13
CA GLU B 117 19.50 -27.12 -3.45
C GLU B 117 20.10 -28.16 -4.32
N LYS B 118 19.71 -28.15 -5.60
CA LYS B 118 19.97 -29.13 -6.62
C LYS B 118 21.39 -29.24 -6.86
N MET B 119 22.04 -28.03 -6.92
CA MET B 119 23.48 -27.86 -7.11
C MET B 119 24.22 -28.42 -5.93
N THR B 120 23.74 -28.03 -4.75
CA THR B 120 24.39 -28.50 -3.57
C THR B 120 24.35 -29.97 -3.41
N GLN B 121 23.27 -30.59 -3.85
CA GLN B 121 23.05 -31.95 -3.62
C GLN B 121 23.88 -32.94 -4.34
N ILE B 122 24.21 -32.58 -5.61
CA ILE B 122 25.17 -33.29 -6.44
C ILE B 122 26.62 -33.02 -6.01
N MET B 123 26.93 -31.93 -5.32
CA MET B 123 28.26 -31.59 -5.03
C MET B 123 28.55 -32.35 -3.81
N PHE B 124 27.67 -32.22 -2.77
CA PHE B 124 27.94 -32.70 -1.46
C PHE B 124 27.65 -34.23 -1.41
N GLU B 125 26.46 -34.59 -1.92
CA GLU B 125 26.07 -35.92 -1.88
C GLU B 125 26.74 -36.76 -2.95
N THR B 126 27.03 -36.18 -4.18
CA THR B 126 27.63 -37.00 -5.20
C THR B 126 29.08 -36.68 -5.50
N PHE B 127 29.82 -36.04 -4.62
CA PHE B 127 31.25 -35.76 -4.88
C PHE B 127 31.92 -35.50 -3.60
N ASN B 128 31.18 -35.10 -2.57
CA ASN B 128 31.62 -34.78 -1.26
C ASN B 128 32.66 -33.75 -1.19
N VAL B 129 32.39 -32.67 -0.51
CA VAL B 129 33.38 -31.63 -0.33
C VAL B 129 33.24 -31.25 1.14
N PRO B 130 34.30 -31.01 1.98
CA PRO B 130 34.07 -30.73 3.41
C PRO B 130 33.08 -29.68 3.70
N ALA B 131 32.87 -28.73 2.84
CA ALA B 131 31.89 -27.72 3.10
C ALA B 131 31.70 -27.03 1.80
N MET B 132 30.65 -26.16 1.68
CA MET B 132 30.51 -25.33 0.55
C MET B 132 29.34 -24.36 0.83
N TYR B 133 29.43 -23.24 0.14
CA TYR B 133 28.53 -22.13 0.14
C TYR B 133 28.41 -21.50 -1.21
N VAL B 134 27.11 -21.14 -1.50
CA VAL B 134 26.76 -20.50 -2.69
C VAL B 134 26.34 -19.07 -2.34
N ALA B 135 27.39 -18.18 -2.47
CA ALA B 135 27.32 -16.78 -2.15
C ALA B 135 26.62 -15.97 -3.21
N ILE B 136 26.23 -14.74 -2.83
CA ILE B 136 25.32 -13.91 -3.54
C ILE B 136 26.18 -13.06 -4.46
N GLN B 137 26.12 -13.24 -5.76
CA GLN B 137 26.78 -12.57 -6.85
C GLN B 137 27.27 -11.16 -6.70
N ALA B 138 26.35 -10.15 -6.53
CA ALA B 138 26.66 -8.75 -6.43
C ALA B 138 27.48 -8.32 -5.24
N VAL B 139 27.11 -8.81 -4.04
CA VAL B 139 27.73 -8.44 -2.76
C VAL B 139 29.20 -8.67 -2.85
N LEU B 140 29.73 -9.70 -3.62
CA LEU B 140 31.15 -9.98 -3.68
C LEU B 140 31.83 -8.88 -4.41
N SER B 141 31.15 -8.35 -5.50
CA SER B 141 31.66 -7.28 -6.37
C SER B 141 31.88 -5.99 -5.68
N LEU B 142 31.21 -5.76 -4.54
CA LEU B 142 31.40 -4.57 -3.74
C LEU B 142 32.78 -4.61 -3.12
N TYR B 143 33.20 -5.76 -2.48
CA TYR B 143 34.43 -5.92 -1.70
C TYR B 143 35.56 -5.97 -2.69
N ALA B 144 35.36 -6.58 -3.90
CA ALA B 144 36.41 -6.64 -4.95
C ALA B 144 36.93 -5.28 -5.27
N SER B 145 36.00 -4.27 -5.50
CA SER B 145 36.30 -2.90 -5.80
C SER B 145 36.95 -2.13 -4.68
N GLY B 146 36.78 -2.62 -3.42
CA GLY B 146 37.31 -2.03 -2.27
C GLY B 146 36.38 -1.04 -1.62
N ARG B 147 35.27 -0.71 -2.31
CA ARG B 147 34.32 0.19 -1.64
C ARG B 147 33.54 -0.64 -0.69
N THR B 148 32.64 0.03 0.03
CA THR B 148 31.82 -0.60 1.04
C THR B 148 30.47 0.02 0.92
N THR B 149 30.29 1.08 -0.01
CA THR B 149 29.05 1.77 -0.10
C THR B 149 28.94 2.31 -1.48
N GLY B 150 27.73 2.22 -2.15
CA GLY B 150 27.67 2.69 -3.49
C GLY B 150 26.45 2.08 -4.11
N ILE B 151 26.46 2.02 -5.44
CA ILE B 151 25.42 1.53 -6.31
C ILE B 151 26.22 0.61 -7.13
N VAL B 152 26.02 -0.68 -7.04
CA VAL B 152 26.82 -1.58 -7.68
C VAL B 152 26.06 -1.94 -8.91
N LEU B 153 26.64 -1.77 -10.13
CA LEU B 153 26.02 -2.08 -11.35
C LEU B 153 26.79 -3.14 -11.87
N ASP B 154 26.57 -4.33 -11.21
CA ASP B 154 27.22 -5.50 -11.57
C ASP B 154 26.51 -6.15 -12.63
N SER B 155 27.17 -6.21 -13.83
CA SER B 155 26.48 -6.78 -15.02
C SER B 155 27.48 -7.84 -15.25
N GLY B 156 27.12 -9.01 -14.68
CA GLY B 156 27.93 -10.17 -14.62
C GLY B 156 28.28 -10.77 -15.95
N ASP B 157 27.57 -11.79 -16.40
CA ASP B 157 27.90 -12.32 -17.72
C ASP B 157 26.65 -12.88 -18.31
N GLY B 158 25.52 -12.44 -17.84
CA GLY B 158 24.31 -12.98 -18.45
C GLY B 158 23.19 -12.20 -17.78
N VAL B 159 23.48 -11.62 -16.55
CA VAL B 159 22.52 -11.10 -15.65
C VAL B 159 23.01 -9.84 -15.02
N THR B 160 22.15 -8.82 -14.96
CA THR B 160 22.50 -7.48 -14.52
C THR B 160 21.92 -7.24 -13.19
N HIS B 161 22.58 -6.48 -12.30
CA HIS B 161 22.08 -6.21 -10.98
C HIS B 161 22.51 -4.84 -10.72
N ASN B 162 21.59 -4.09 -10.10
CA ASN B 162 21.69 -2.69 -9.64
C ASN B 162 21.46 -2.85 -8.15
N VAL B 163 22.54 -2.99 -7.44
CA VAL B 163 22.46 -3.26 -6.02
C VAL B 163 22.93 -2.07 -5.25
N PRO B 164 22.15 -1.15 -4.68
CA PRO B 164 22.67 -0.18 -3.77
C PRO B 164 22.95 -0.88 -2.57
N ILE B 165 24.18 -0.68 -2.12
CA ILE B 165 24.71 -1.43 -0.96
C ILE B 165 25.27 -0.45 0.07
N TYR B 166 25.14 -0.92 1.37
CA TYR B 166 25.65 -0.21 2.45
C TYR B 166 26.54 -1.09 3.27
N GLU B 167 26.92 -0.57 4.49
CA GLU B 167 27.69 -1.31 5.47
C GLU B 167 26.90 -2.53 5.86
N GLY B 168 25.54 -2.36 6.00
CA GLY B 168 24.63 -3.43 6.14
C GLY B 168 24.30 -3.78 4.81
N TYR B 169 23.76 -5.01 4.48
CA TYR B 169 23.55 -5.38 3.16
C TYR B 169 22.11 -5.17 2.93
N ALA B 170 21.74 -4.56 1.76
CA ALA B 170 20.44 -4.22 1.47
C ALA B 170 19.36 -5.29 1.56
N LEU B 171 18.10 -4.93 1.95
CA LEU B 171 17.03 -5.93 2.04
C LEU B 171 16.34 -6.00 0.69
N PRO B 172 15.60 -7.05 0.23
CA PRO B 172 14.79 -7.02 -0.93
C PRO B 172 13.92 -5.79 -1.01
N HIS B 173 14.10 -5.06 -2.09
CA HIS B 173 13.48 -3.79 -2.17
C HIS B 173 14.08 -3.12 -3.31
N ALA B 174 15.14 -2.25 -3.16
CA ALA B 174 15.74 -1.62 -4.29
C ALA B 174 16.88 -2.42 -4.82
N ILE B 175 17.00 -3.69 -4.48
CA ILE B 175 17.93 -4.60 -5.11
C ILE B 175 17.06 -5.30 -6.07
N MET B 176 17.54 -5.32 -7.37
CA MET B 176 16.76 -5.86 -8.40
C MET B 176 17.76 -6.64 -9.29
N ARG B 177 17.31 -7.57 -10.14
CA ARG B 177 18.05 -8.34 -11.11
C ARG B 177 17.19 -8.33 -12.36
N LEU B 178 17.85 -8.36 -13.53
CA LEU B 178 17.27 -8.34 -14.83
C LEU B 178 18.24 -9.06 -15.80
N ASP B 179 17.60 -9.68 -16.77
CA ASP B 179 18.12 -10.40 -17.93
C ASP B 179 17.97 -9.36 -18.93
N LEU B 180 19.10 -8.98 -19.49
CA LEU B 180 19.23 -7.85 -20.43
C LEU B 180 20.75 -7.77 -20.49
N ALA B 181 21.33 -8.37 -21.52
CA ALA B 181 22.67 -8.81 -21.30
C ALA B 181 23.40 -8.92 -22.69
N GLY B 182 24.77 -9.08 -22.59
CA GLY B 182 25.64 -9.25 -23.76
C GLY B 182 25.17 -10.33 -24.64
N ARG B 183 24.90 -11.54 -24.02
CA ARG B 183 24.41 -12.74 -24.75
C ARG B 183 23.09 -12.50 -25.49
N ASP B 184 22.22 -11.62 -24.93
CA ASP B 184 20.95 -11.23 -25.54
C ASP B 184 21.20 -10.32 -26.73
N LEU B 185 22.26 -9.48 -26.70
CA LEU B 185 22.67 -8.51 -27.69
C LEU B 185 23.18 -9.20 -28.89
N THR B 186 23.72 -10.39 -28.69
CA THR B 186 24.40 -11.19 -29.67
C THR B 186 23.32 -11.50 -30.68
N ASP B 187 22.08 -11.80 -30.21
CA ASP B 187 21.01 -12.17 -31.07
C ASP B 187 20.31 -11.05 -31.68
N TYR B 188 20.68 -9.81 -31.32
CA TYR B 188 20.13 -8.65 -31.94
C TYR B 188 20.97 -8.21 -33.06
N LEU B 189 22.32 -8.37 -33.00
CA LEU B 189 23.15 -8.04 -34.15
C LEU B 189 22.85 -8.89 -35.38
N MET B 190 22.76 -10.18 -35.27
CA MET B 190 22.54 -11.14 -36.39
C MET B 190 21.20 -10.86 -37.02
N LYS B 191 20.32 -10.29 -36.19
CA LYS B 191 18.93 -10.00 -36.50
C LYS B 191 18.98 -8.99 -37.63
N ILE B 192 19.72 -7.88 -37.43
CA ILE B 192 19.66 -6.64 -38.26
C ILE B 192 20.42 -6.90 -39.56
N LEU B 193 21.25 -7.98 -39.65
CA LEU B 193 22.11 -8.23 -40.79
C LEU B 193 21.32 -8.86 -41.97
N THR B 194 20.08 -9.29 -41.83
CA THR B 194 19.24 -10.00 -42.81
C THR B 194 19.33 -9.49 -44.22
N GLU B 195 18.69 -8.27 -44.54
CA GLU B 195 18.69 -7.68 -45.86
C GLU B 195 19.62 -6.50 -45.93
N ARG B 196 20.33 -6.25 -44.84
CA ARG B 196 21.31 -5.25 -44.72
C ARG B 196 22.56 -5.71 -45.53
N GLY B 197 22.80 -7.08 -45.40
CA GLY B 197 23.74 -7.78 -46.16
C GLY B 197 24.85 -8.52 -45.43
N TYR B 198 24.54 -9.50 -44.56
CA TYR B 198 25.52 -10.37 -43.89
C TYR B 198 24.59 -11.55 -43.51
N SER B 199 25.19 -12.65 -43.06
CA SER B 199 24.42 -13.81 -42.66
C SER B 199 25.19 -14.40 -41.49
N PHE B 200 24.46 -14.77 -40.33
CA PHE B 200 24.91 -15.36 -39.12
C PHE B 200 23.73 -16.20 -38.73
N VAL B 201 23.96 -17.47 -38.32
CA VAL B 201 22.84 -18.37 -37.98
C VAL B 201 23.18 -19.09 -36.66
N THR B 202 23.83 -20.21 -36.82
CA THR B 202 24.11 -21.25 -35.84
C THR B 202 24.90 -20.79 -34.66
N THR B 203 25.12 -21.77 -33.82
CA THR B 203 25.65 -21.77 -32.50
C THR B 203 27.10 -21.37 -32.56
N ALA B 204 27.83 -22.06 -33.52
CA ALA B 204 29.21 -21.92 -33.84
C ALA B 204 29.64 -20.56 -34.26
N GLU B 205 28.70 -19.71 -34.82
CA GLU B 205 28.93 -18.30 -35.30
C GLU B 205 28.24 -17.35 -34.47
N ARG B 206 27.44 -17.85 -33.55
CA ARG B 206 26.80 -17.01 -32.47
C ARG B 206 27.82 -16.56 -31.57
N GLU B 207 28.84 -17.40 -31.34
CA GLU B 207 29.94 -17.12 -30.45
C GLU B 207 30.86 -16.04 -31.13
N ILE B 208 31.01 -16.13 -32.46
CA ILE B 208 31.71 -15.08 -33.25
C ILE B 208 30.99 -13.76 -33.13
N VAL B 209 29.62 -13.76 -33.06
CA VAL B 209 28.86 -12.58 -32.86
C VAL B 209 29.24 -11.91 -31.57
N ARG B 210 29.49 -12.69 -30.55
CA ARG B 210 29.84 -12.29 -29.24
C ARG B 210 31.20 -11.68 -29.31
N ASP B 211 32.02 -12.12 -30.27
CA ASP B 211 33.36 -11.57 -30.51
C ASP B 211 33.34 -10.27 -31.16
N ILE B 212 32.48 -10.08 -32.17
CA ILE B 212 32.37 -8.93 -32.97
C ILE B 212 31.92 -7.84 -32.03
N LYS B 213 31.10 -8.18 -31.08
CA LYS B 213 30.59 -7.29 -30.03
C LYS B 213 31.71 -6.78 -29.20
N GLU B 214 32.53 -7.77 -28.68
CA GLU B 214 33.41 -7.19 -27.65
C GLU B 214 34.46 -6.24 -27.96
N LYS B 215 35.17 -6.45 -29.08
CA LYS B 215 36.37 -5.71 -29.25
C LYS B 215 36.19 -4.62 -30.29
N LEU B 216 35.03 -4.22 -30.74
CA LEU B 216 34.99 -3.21 -31.81
C LEU B 216 33.79 -2.43 -31.54
N CYS B 217 32.71 -2.91 -30.89
CA CYS B 217 31.44 -2.29 -30.76
C CYS B 217 31.52 -1.51 -29.51
N TYR B 218 31.51 -0.16 -29.77
CA TYR B 218 31.55 0.78 -28.68
C TYR B 218 30.20 1.49 -28.51
N VAL B 219 29.86 2.02 -27.30
CA VAL B 219 28.48 2.55 -27.13
C VAL B 219 28.61 3.99 -27.52
N ALA B 220 27.68 4.46 -28.38
CA ALA B 220 27.43 5.80 -28.80
C ALA B 220 27.07 6.57 -27.52
N LEU B 221 27.44 7.85 -27.50
CA LEU B 221 27.08 8.80 -26.48
C LEU B 221 25.60 9.16 -26.55
N ASP B 222 25.06 9.00 -27.76
CA ASP B 222 23.70 9.16 -28.12
C ASP B 222 23.70 8.67 -29.49
N PHE B 223 22.95 7.60 -29.83
CA PHE B 223 22.89 6.80 -31.06
C PHE B 223 22.57 7.76 -32.21
N GLU B 224 21.55 8.56 -32.00
CA GLU B 224 21.03 9.38 -33.02
C GLU B 224 22.00 10.37 -33.56
N ASN B 225 22.96 10.81 -32.70
CA ASN B 225 23.93 11.81 -33.12
C ASN B 225 25.06 11.16 -33.90
N GLU B 226 25.47 9.83 -33.69
CA GLU B 226 26.56 9.21 -34.42
C GLU B 226 25.93 8.54 -35.64
N MET B 227 24.58 8.41 -35.61
CA MET B 227 23.86 7.80 -36.67
C MET B 227 23.87 8.67 -37.91
N ALA B 228 23.72 9.98 -37.64
CA ALA B 228 23.65 10.89 -38.72
C ALA B 228 24.97 11.14 -39.34
N THR B 229 26.07 11.01 -38.62
CA THR B 229 27.46 11.07 -39.01
C THR B 229 27.74 9.94 -39.89
N ALA B 230 26.91 8.88 -39.91
CA ALA B 230 26.91 7.72 -40.79
C ALA B 230 26.83 8.08 -42.19
N ALA B 231 26.22 9.22 -42.46
CA ALA B 231 25.89 9.70 -43.79
C ALA B 231 27.11 9.62 -44.68
N SER B 232 28.26 10.04 -44.18
CA SER B 232 29.47 9.62 -44.77
C SER B 232 30.32 9.14 -43.64
N SER B 233 30.43 7.77 -43.62
CA SER B 233 31.19 6.98 -42.75
C SER B 233 32.68 7.24 -42.90
N SER B 234 33.46 7.26 -41.78
CA SER B 234 34.85 7.48 -41.91
C SER B 234 35.33 7.02 -40.58
N SER B 235 34.58 7.44 -39.51
CA SER B 235 34.88 7.12 -38.10
C SER B 235 33.97 5.99 -37.63
N LEU B 236 33.18 5.45 -38.52
CA LEU B 236 32.18 4.46 -38.25
C LEU B 236 32.82 3.18 -38.83
N GLU B 237 32.76 3.01 -40.20
CA GLU B 237 33.29 1.84 -41.00
C GLU B 237 34.76 1.55 -40.66
N LYS B 238 34.95 0.19 -40.40
CA LYS B 238 36.20 -0.44 -40.15
C LYS B 238 35.86 -1.90 -40.45
N SER B 239 36.85 -2.76 -40.66
CA SER B 239 36.73 -4.12 -41.06
C SER B 239 37.28 -5.04 -40.01
N TYR B 240 36.47 -6.05 -39.72
CA TYR B 240 36.64 -7.19 -38.89
C TYR B 240 36.77 -8.37 -39.73
N GLU B 241 37.93 -8.74 -40.32
CA GLU B 241 38.10 -10.02 -41.08
C GLU B 241 37.69 -11.26 -40.24
N LEU B 242 36.81 -12.11 -40.78
CA LEU B 242 36.30 -13.24 -40.10
C LEU B 242 37.00 -14.40 -40.73
N PRO B 243 37.76 -15.32 -40.00
CA PRO B 243 38.37 -16.51 -40.51
C PRO B 243 37.28 -17.48 -41.09
N ASP B 244 37.47 -17.77 -42.40
CA ASP B 244 36.61 -18.46 -43.33
C ASP B 244 36.90 -17.74 -44.66
N GLY B 245 37.27 -16.44 -44.57
CA GLY B 245 37.65 -15.56 -45.62
C GLY B 245 36.49 -14.73 -45.91
N GLN B 246 36.26 -13.65 -45.19
CA GLN B 246 35.27 -12.74 -45.50
C GLN B 246 35.35 -11.53 -44.62
N VAL B 247 35.22 -10.32 -45.13
CA VAL B 247 35.45 -9.05 -44.45
C VAL B 247 34.16 -8.51 -43.89
N ILE B 248 34.20 -8.04 -42.66
CA ILE B 248 33.03 -7.58 -41.94
C ILE B 248 33.26 -6.11 -41.62
N THR B 249 32.84 -5.31 -42.63
CA THR B 249 32.75 -3.87 -42.53
C THR B 249 31.65 -3.57 -41.57
N ILE B 250 31.84 -2.72 -40.56
CA ILE B 250 30.90 -2.47 -39.53
C ILE B 250 30.81 -0.99 -39.54
N GLY B 251 29.74 -0.42 -39.88
CA GLY B 251 29.54 1.01 -39.80
C GLY B 251 28.85 1.32 -38.50
N ASN B 252 27.53 1.45 -38.65
CA ASN B 252 26.58 1.89 -37.65
C ASN B 252 26.44 0.85 -36.56
N GLU B 253 26.82 -0.38 -36.92
CA GLU B 253 26.69 -1.62 -36.17
C GLU B 253 27.44 -1.54 -34.85
N ARG B 254 28.54 -0.76 -34.90
CA ARG B 254 29.42 -0.65 -33.75
C ARG B 254 28.80 -0.16 -32.54
N PHE B 255 27.75 0.76 -32.73
CA PHE B 255 27.08 1.38 -31.69
C PHE B 255 25.63 1.14 -31.79
N ARG B 256 25.17 0.20 -32.64
CA ARG B 256 23.77 -0.04 -32.83
C ARG B 256 23.32 -1.12 -31.98
N CYS B 257 24.14 -2.18 -31.85
CA CYS B 257 23.89 -3.21 -30.92
C CYS B 257 24.24 -2.78 -29.53
N PRO B 258 25.34 -2.12 -29.20
CA PRO B 258 25.64 -1.59 -27.94
C PRO B 258 24.63 -0.60 -27.37
N GLU B 259 23.98 0.24 -28.25
CA GLU B 259 22.93 1.08 -27.69
C GLU B 259 21.73 0.31 -27.15
N THR B 260 21.42 -0.85 -27.79
CA THR B 260 20.33 -1.71 -27.47
C THR B 260 20.36 -2.26 -26.02
N LEU B 261 21.56 -2.38 -25.46
CA LEU B 261 21.75 -2.61 -24.04
C LEU B 261 21.00 -1.60 -23.15
N PHE B 262 21.09 -0.35 -23.48
CA PHE B 262 20.56 0.78 -22.70
C PHE B 262 19.14 1.13 -23.14
N GLN B 263 18.76 0.48 -24.27
CA GLN B 263 17.56 0.69 -24.96
C GLN B 263 16.97 -0.48 -25.57
N PRO B 264 16.27 -1.33 -24.76
CA PRO B 264 15.70 -2.65 -25.22
C PRO B 264 14.46 -2.31 -26.05
N SER B 265 14.10 -0.98 -26.18
CA SER B 265 13.01 -0.51 -27.11
C SER B 265 13.28 -0.79 -28.54
N PHE B 266 14.59 -0.79 -28.97
CA PHE B 266 15.00 -1.12 -30.32
C PHE B 266 14.92 -2.63 -30.48
N ILE B 267 14.77 -3.51 -29.42
CA ILE B 267 14.70 -4.90 -29.64
C ILE B 267 13.23 -5.24 -30.04
N GLY B 268 12.39 -4.48 -29.29
CA GLY B 268 10.97 -4.65 -29.31
C GLY B 268 10.50 -5.13 -27.99
N MET B 269 11.21 -4.69 -26.97
CA MET B 269 10.87 -5.18 -25.70
C MET B 269 10.66 -4.01 -24.85
N GLU B 270 9.60 -4.20 -24.03
CA GLU B 270 8.92 -3.22 -23.21
C GLU B 270 9.67 -2.72 -22.03
N SER B 271 10.62 -3.60 -21.55
CA SER B 271 11.63 -3.44 -20.55
C SER B 271 12.41 -2.18 -20.64
N ALA B 272 13.02 -1.68 -19.51
CA ALA B 272 13.79 -0.46 -19.53
C ALA B 272 15.30 -0.78 -19.34
N GLY B 273 16.17 0.01 -20.02
CA GLY B 273 17.60 -0.21 -19.91
C GLY B 273 18.02 -0.04 -18.56
N ILE B 274 19.26 -0.48 -18.38
CA ILE B 274 19.79 -0.50 -17.10
C ILE B 274 20.09 0.76 -16.44
N HIS B 275 20.08 1.90 -17.12
CA HIS B 275 20.40 3.21 -16.50
C HIS B 275 19.14 3.91 -16.01
N GLU B 276 17.99 3.38 -16.49
CA GLU B 276 16.73 3.93 -16.03
C GLU B 276 16.54 3.36 -14.68
N THR B 277 16.83 2.06 -14.52
CA THR B 277 16.71 1.39 -13.26
C THR B 277 17.56 1.97 -12.12
N THR B 278 18.75 2.57 -12.50
CA THR B 278 19.69 3.15 -11.65
C THR B 278 19.02 4.33 -10.97
N TYR B 279 18.22 5.16 -11.73
CA TYR B 279 17.49 6.27 -11.17
C TYR B 279 16.41 5.69 -10.28
N ASN B 280 15.60 4.66 -10.69
CA ASN B 280 14.46 4.12 -10.11
C ASN B 280 14.78 3.67 -8.69
N SER B 281 15.96 2.98 -8.57
CA SER B 281 16.39 2.23 -7.42
C SER B 281 16.79 3.26 -6.37
N ILE B 282 17.24 4.48 -6.78
CA ILE B 282 17.84 5.49 -5.95
C ILE B 282 16.71 6.33 -5.47
N MET B 283 15.74 6.69 -6.29
CA MET B 283 14.56 7.39 -5.85
C MET B 283 13.79 6.51 -4.94
N LYS B 284 13.91 5.10 -5.02
CA LYS B 284 13.13 4.24 -4.19
C LYS B 284 13.72 4.42 -2.79
N CYS B 285 15.04 4.53 -2.72
CA CYS B 285 15.75 4.63 -1.48
C CYS B 285 15.42 5.88 -0.76
N ASP B 286 15.65 5.82 0.62
CA ASP B 286 15.56 6.92 1.55
C ASP B 286 16.72 7.85 1.17
N ILE B 287 16.47 9.17 1.44
CA ILE B 287 17.29 10.32 1.14
C ILE B 287 18.63 10.36 1.78
N ASP B 288 18.78 9.80 3.05
CA ASP B 288 20.04 9.67 3.84
C ASP B 288 20.85 8.48 3.27
N ILE B 289 20.73 8.17 1.95
CA ILE B 289 21.38 7.08 1.34
C ILE B 289 21.78 7.57 -0.08
N ARG B 290 21.03 8.53 -0.54
CA ARG B 290 21.18 8.92 -1.96
C ARG B 290 22.37 9.68 -2.36
N LYS B 291 22.94 10.53 -1.43
CA LYS B 291 24.09 11.37 -1.78
C LYS B 291 25.30 10.55 -2.24
N ASP B 292 25.48 9.33 -1.68
CA ASP B 292 26.72 8.54 -1.85
C ASP B 292 26.49 7.62 -2.94
N LEU B 293 25.21 7.42 -3.37
CA LEU B 293 24.97 6.54 -4.48
C LEU B 293 25.28 7.12 -5.81
N TYR B 294 25.17 8.42 -6.01
CA TYR B 294 25.50 9.09 -7.22
C TYR B 294 26.94 9.48 -7.23
N ALA B 295 27.44 9.78 -6.03
CA ALA B 295 28.78 10.14 -5.72
C ALA B 295 29.69 9.03 -6.04
N ASN B 296 29.24 7.79 -5.90
CA ASN B 296 30.05 6.64 -6.10
C ASN B 296 29.12 5.83 -6.89
N ASN B 297 29.26 6.00 -8.19
CA ASN B 297 28.60 5.17 -9.17
C ASN B 297 29.61 4.09 -9.40
N VAL B 298 29.49 2.89 -8.66
CA VAL B 298 30.40 1.70 -8.89
C VAL B 298 29.85 0.98 -10.06
N MET B 299 30.75 0.71 -11.09
CA MET B 299 30.30 0.16 -12.34
C MET B 299 31.14 -1.03 -12.61
N SER B 300 30.49 -2.14 -12.39
CA SER B 300 31.09 -3.46 -12.25
C SER B 300 30.58 -4.30 -13.39
N GLY B 301 31.22 -5.46 -13.49
CA GLY B 301 30.79 -6.45 -14.45
C GLY B 301 31.50 -6.43 -15.71
N GLY B 302 31.48 -7.54 -16.54
CA GLY B 302 32.17 -7.55 -17.84
C GLY B 302 31.47 -6.63 -18.88
N THR B 303 30.23 -6.24 -18.68
CA THR B 303 29.51 -5.25 -19.51
C THR B 303 30.00 -3.88 -19.38
N THR B 304 30.67 -3.45 -18.26
CA THR B 304 31.22 -2.10 -18.14
C THR B 304 32.69 -2.15 -18.45
N MET B 305 33.09 -2.93 -19.47
CA MET B 305 34.43 -2.99 -20.00
C MET B 305 34.27 -2.74 -21.47
N TYR B 306 33.01 -2.69 -21.93
CA TYR B 306 32.57 -2.15 -23.22
C TYR B 306 33.16 -0.84 -23.46
N PRO B 307 33.65 -0.49 -24.65
CA PRO B 307 34.36 0.77 -24.90
C PRO B 307 33.23 1.78 -25.10
N GLY B 308 33.39 2.98 -24.63
CA GLY B 308 32.52 4.05 -24.71
C GLY B 308 31.26 3.98 -23.95
N ILE B 309 31.28 3.10 -22.96
CA ILE B 309 30.20 2.90 -22.02
C ILE B 309 30.35 3.70 -20.72
N ALA B 310 31.52 4.02 -20.24
CA ALA B 310 31.74 4.75 -18.93
C ALA B 310 31.36 6.25 -19.07
N ASP B 311 31.77 6.69 -20.27
CA ASP B 311 31.55 7.99 -20.84
C ASP B 311 30.08 8.07 -21.14
N ARG B 312 29.36 6.95 -21.40
CA ARG B 312 27.92 6.94 -21.58
C ARG B 312 27.17 7.23 -20.32
N MET B 313 27.80 6.82 -19.16
CA MET B 313 27.26 7.03 -17.84
C MET B 313 27.68 8.40 -17.28
N GLN B 314 28.27 9.31 -18.02
CA GLN B 314 28.60 10.63 -17.53
C GLN B 314 27.49 11.58 -17.85
N LYS B 315 26.68 11.17 -18.87
CA LYS B 315 25.56 11.95 -19.28
C LYS B 315 24.30 11.19 -18.87
N GLU B 316 24.30 9.80 -18.86
CA GLU B 316 23.09 9.09 -18.52
C GLU B 316 22.76 9.27 -17.06
N ILE B 317 23.75 9.21 -16.22
CA ILE B 317 23.57 9.27 -14.80
C ILE B 317 23.22 10.67 -14.34
N THR B 318 23.98 11.68 -14.87
CA THR B 318 23.86 13.08 -14.59
C THR B 318 22.60 13.71 -15.03
N ALA B 319 21.92 13.11 -16.04
CA ALA B 319 20.68 13.52 -16.66
C ALA B 319 19.53 13.69 -15.67
N LEU B 320 19.10 12.60 -14.96
CA LEU B 320 17.93 12.70 -14.06
C LEU B 320 18.47 12.37 -12.71
N ALA B 321 19.53 13.14 -12.26
CA ALA B 321 20.11 13.10 -10.98
C ALA B 321 19.94 14.51 -10.51
N PRO B 322 19.74 14.76 -9.23
CA PRO B 322 19.68 16.06 -8.65
C PRO B 322 20.99 16.72 -8.86
N SER B 323 21.10 18.08 -8.80
CA SER B 323 22.37 18.77 -8.82
C SER B 323 22.65 19.13 -7.39
N THR B 324 22.20 18.28 -6.48
CA THR B 324 22.33 18.53 -5.08
C THR B 324 23.24 17.59 -4.42
N MET B 325 23.98 16.84 -5.25
CA MET B 325 24.96 15.93 -4.81
C MET B 325 25.88 15.70 -5.95
N LYS B 326 27.17 15.55 -5.54
CA LYS B 326 28.21 15.22 -6.51
C LYS B 326 27.90 13.80 -7.15
N ILE B 327 28.39 13.66 -8.38
CA ILE B 327 28.17 12.55 -9.13
C ILE B 327 29.53 12.18 -9.63
N LYS B 328 30.04 10.94 -9.40
CA LYS B 328 31.34 10.56 -9.89
C LYS B 328 31.38 9.14 -9.96
N ILE B 329 31.80 8.62 -11.10
CA ILE B 329 31.92 7.22 -11.47
C ILE B 329 33.19 6.60 -10.85
N ILE B 330 32.95 5.49 -10.11
CA ILE B 330 34.01 4.66 -9.66
C ILE B 330 34.09 3.55 -10.64
N ALA B 331 35.19 3.54 -11.38
CA ALA B 331 35.36 2.48 -12.37
C ALA B 331 36.59 1.78 -12.00
N PRO B 332 36.55 0.48 -11.83
CA PRO B 332 37.72 -0.25 -11.51
C PRO B 332 38.48 -0.43 -12.77
N PRO B 333 39.75 -0.75 -12.79
CA PRO B 333 40.50 -0.92 -14.04
C PRO B 333 40.16 -2.14 -14.77
N GLU B 334 39.54 -3.12 -14.06
CA GLU B 334 39.20 -4.41 -14.58
C GLU B 334 38.10 -4.89 -13.65
N ARG B 335 37.03 -5.56 -14.14
CA ARG B 335 35.93 -5.81 -13.22
C ARG B 335 35.10 -6.88 -13.82
N LYS B 336 35.65 -7.69 -14.72
CA LYS B 336 35.00 -8.81 -15.40
C LYS B 336 34.83 -9.93 -14.46
N TYR B 337 35.91 -10.21 -13.65
CA TYR B 337 35.96 -11.20 -12.63
C TYR B 337 35.73 -10.60 -11.26
N SER B 338 35.00 -9.48 -11.19
CA SER B 338 34.70 -8.77 -9.99
C SER B 338 34.02 -9.57 -8.97
N VAL B 339 33.20 -10.54 -9.35
CA VAL B 339 32.50 -11.41 -8.50
C VAL B 339 33.55 -12.49 -8.03
N TRP B 340 34.54 -12.91 -8.81
CA TRP B 340 35.48 -13.90 -8.38
C TRP B 340 36.46 -13.41 -7.37
N ILE B 341 36.88 -12.14 -7.55
CA ILE B 341 37.86 -11.53 -6.76
C ILE B 341 37.27 -11.33 -5.45
N GLY B 342 36.00 -10.81 -5.42
CA GLY B 342 35.32 -10.51 -4.18
C GLY B 342 35.08 -11.74 -3.29
N GLY B 343 34.83 -12.92 -3.87
CA GLY B 343 34.55 -14.21 -3.27
C GLY B 343 35.84 -14.74 -2.75
N SER B 344 36.97 -14.31 -3.33
CA SER B 344 38.28 -14.81 -2.87
C SER B 344 38.57 -14.22 -1.52
N ILE B 345 38.17 -12.94 -1.30
CA ILE B 345 38.37 -12.15 -0.08
C ILE B 345 37.59 -12.83 0.98
N LEU B 346 36.34 -13.19 0.65
CA LEU B 346 35.46 -13.94 1.57
C LEU B 346 36.00 -15.28 1.89
N ALA B 347 36.70 -16.02 0.95
CA ALA B 347 37.23 -17.33 1.22
C ALA B 347 38.57 -17.34 2.05
N SER B 348 39.07 -16.08 2.19
CA SER B 348 40.29 -15.73 2.94
C SER B 348 39.93 -15.12 4.26
N LEU B 349 38.66 -15.24 4.75
CA LEU B 349 38.27 -14.73 6.08
C LEU B 349 37.85 -16.00 6.74
N SER B 350 38.06 -15.96 8.08
CA SER B 350 37.79 -17.06 8.98
C SER B 350 36.33 -17.04 9.48
N THR B 351 35.64 -15.87 9.33
CA THR B 351 34.31 -15.66 9.79
C THR B 351 33.46 -16.50 8.88
N PHE B 352 34.00 -16.69 7.63
CA PHE B 352 33.43 -17.55 6.62
C PHE B 352 33.50 -19.01 6.93
N GLN B 353 34.41 -19.45 7.84
CA GLN B 353 34.47 -20.84 8.26
C GLN B 353 33.11 -21.21 8.93
N GLN B 354 32.47 -20.18 9.60
CA GLN B 354 31.15 -20.42 10.14
C GLN B 354 30.01 -19.90 9.25
N MET B 355 30.35 -19.22 8.10
CA MET B 355 29.31 -18.74 7.20
C MET B 355 29.10 -19.72 6.02
N TRP B 356 29.51 -20.96 6.22
CA TRP B 356 29.37 -21.94 5.14
C TRP B 356 28.71 -23.16 5.62
N ILE B 357 28.33 -24.08 4.69
CA ILE B 357 27.60 -25.24 5.04
C ILE B 357 28.60 -26.29 5.03
N THR B 358 28.67 -27.07 6.16
CA THR B 358 29.62 -28.06 6.30
C THR B 358 28.95 -29.25 5.52
N LYS B 359 29.72 -30.26 4.99
CA LYS B 359 29.20 -31.42 4.36
C LYS B 359 28.14 -32.03 5.29
N GLN B 360 28.57 -32.33 6.54
CA GLN B 360 27.75 -33.13 7.50
C GLN B 360 26.39 -32.59 7.83
N GLU B 361 26.21 -31.25 7.86
CA GLU B 361 24.92 -30.57 8.05
C GLU B 361 23.84 -30.91 7.04
N TYR B 362 24.27 -31.20 5.77
CA TYR B 362 23.40 -31.52 4.66
C TYR B 362 22.67 -32.85 4.98
N ASP B 363 23.45 -33.85 5.49
CA ASP B 363 22.82 -35.17 5.74
C ASP B 363 22.01 -35.04 7.00
N GLU B 364 22.50 -34.12 7.90
CA GLU B 364 22.00 -33.96 9.25
C GLU B 364 20.75 -33.14 9.41
N ALA B 365 20.38 -32.38 8.34
CA ALA B 365 19.21 -31.48 8.58
C ALA B 365 18.27 -31.35 7.30
N GLY B 366 18.42 -32.23 6.32
CA GLY B 366 17.59 -32.17 5.13
C GLY B 366 18.21 -31.04 4.22
N PRO B 367 17.81 -30.95 2.99
CA PRO B 367 18.45 -30.11 2.00
C PRO B 367 18.09 -28.65 2.24
N SER B 368 17.20 -28.34 3.25
CA SER B 368 16.72 -26.92 3.43
C SER B 368 17.77 -26.11 4.12
N ILE B 369 18.92 -26.70 4.53
CA ILE B 369 20.21 -26.12 5.02
C ILE B 369 20.79 -25.07 4.05
N VAL B 370 20.57 -25.29 2.78
CA VAL B 370 20.98 -24.43 1.69
C VAL B 370 20.39 -23.11 2.00
N HIS B 371 19.03 -23.07 2.02
CA HIS B 371 18.28 -21.83 2.22
C HIS B 371 18.34 -21.32 3.61
N ARG B 372 18.92 -22.15 4.59
CA ARG B 372 18.99 -21.80 5.96
C ARG B 372 20.13 -20.85 6.18
N LYS B 373 21.16 -21.08 5.34
CA LYS B 373 22.44 -20.34 5.33
C LYS B 373 22.33 -19.20 4.35
N CYS B 374 22.05 -19.40 3.04
CA CYS B 374 21.87 -18.34 2.10
C CYS B 374 20.43 -18.14 1.95
N PHE B 375 19.84 -17.26 2.79
CA PHE B 375 18.41 -17.04 2.71
C PHE B 375 17.94 -16.15 1.56
N ASP C 1 -50.40 20.90 41.50
CA ASP C 1 -50.12 21.07 40.10
C ASP C 1 -51.39 20.75 39.40
N GLU C 2 -52.06 21.84 38.88
CA GLU C 2 -53.32 21.82 38.12
C GLU C 2 -54.46 21.55 39.06
N ASP C 3 -54.31 21.78 40.36
CA ASP C 3 -55.28 21.51 41.34
C ASP C 3 -54.89 22.34 42.57
N GLU C 4 -53.70 22.98 42.48
CA GLU C 4 -53.12 23.83 43.43
C GLU C 4 -52.04 24.45 42.58
N THR C 5 -51.46 25.64 43.03
CA THR C 5 -50.49 26.41 42.32
C THR C 5 -49.23 25.65 42.11
N THR C 6 -48.84 24.94 43.20
CA THR C 6 -47.77 24.06 43.43
C THR C 6 -46.51 24.38 42.65
N ALA C 7 -45.55 25.05 43.41
CA ALA C 7 -44.21 25.52 42.98
C ALA C 7 -43.39 24.34 42.50
N LEU C 8 -42.10 24.65 42.21
CA LEU C 8 -41.16 23.58 42.12
C LEU C 8 -40.37 23.65 43.43
N VAL C 9 -39.45 22.72 43.65
CA VAL C 9 -38.59 22.77 44.78
C VAL C 9 -37.32 22.48 44.05
N CYS C 10 -36.41 23.42 44.13
CA CYS C 10 -35.19 23.33 43.45
C CYS C 10 -34.21 23.77 44.38
N ASP C 11 -33.10 22.97 44.38
CA ASP C 11 -31.99 23.22 45.19
C ASP C 11 -30.93 23.35 44.11
N ASN C 12 -30.95 24.55 43.53
CA ASN C 12 -30.25 24.92 42.32
C ASN C 12 -28.79 25.03 42.62
N GLY C 13 -28.02 23.93 42.91
CA GLY C 13 -26.61 23.97 43.32
C GLY C 13 -25.73 23.39 42.28
N SER C 14 -24.38 23.57 42.51
CA SER C 14 -23.41 23.18 41.57
C SER C 14 -23.29 21.64 41.30
N GLY C 15 -23.57 20.75 42.28
CA GLY C 15 -23.36 19.31 42.15
C GLY C 15 -24.53 18.72 41.50
N LEU C 16 -25.78 19.24 41.68
CA LEU C 16 -26.90 18.79 40.89
C LEU C 16 -27.94 19.82 40.79
N VAL C 17 -28.80 19.78 39.81
CA VAL C 17 -29.99 20.47 39.76
C VAL C 17 -31.00 19.53 40.33
N LYS C 18 -31.16 19.72 41.62
CA LYS C 18 -31.98 18.90 42.40
C LYS C 18 -33.43 19.47 42.19
N ALA C 19 -34.19 19.05 41.19
CA ALA C 19 -35.51 19.52 40.82
C ALA C 19 -36.54 18.58 41.04
N GLY C 20 -37.76 19.13 41.24
CA GLY C 20 -38.90 18.38 41.56
C GLY C 20 -40.03 19.42 41.75
N PHE C 21 -41.20 18.90 42.10
CA PHE C 21 -42.34 19.81 42.34
C PHE C 21 -42.43 20.00 43.79
N ALA C 22 -43.22 21.04 44.16
CA ALA C 22 -43.56 21.14 45.55
C ALA C 22 -44.51 19.95 45.94
N GLY C 23 -44.35 19.23 47.06
CA GLY C 23 -45.24 18.21 47.50
C GLY C 23 -44.55 16.81 47.25
N ASP C 24 -43.40 16.80 46.55
CA ASP C 24 -42.73 15.53 46.21
C ASP C 24 -41.84 15.13 47.37
N ASP C 25 -41.38 13.92 47.42
CA ASP C 25 -40.59 13.41 48.52
C ASP C 25 -39.17 13.32 48.24
N ALA C 26 -38.78 13.52 46.95
CA ALA C 26 -37.38 13.31 46.63
C ALA C 26 -37.19 14.01 45.29
N PRO C 27 -36.01 14.46 44.84
CA PRO C 27 -35.98 15.15 43.55
C PRO C 27 -35.86 14.08 42.49
N ARG C 28 -36.84 14.18 41.56
CA ARG C 28 -37.11 13.20 40.55
C ARG C 28 -36.12 13.26 39.53
N ALA C 29 -35.98 14.57 39.20
CA ALA C 29 -34.99 15.06 38.29
C ALA C 29 -33.80 15.50 39.09
N VAL C 30 -32.64 14.83 38.90
CA VAL C 30 -31.38 15.06 39.58
C VAL C 30 -30.41 14.82 38.54
N PHE C 31 -29.44 15.76 38.30
CA PHE C 31 -28.44 15.59 37.25
C PHE C 31 -27.43 16.66 37.58
N PRO C 32 -26.14 16.46 37.32
CA PRO C 32 -25.10 17.41 37.60
C PRO C 32 -25.21 18.61 36.73
N SER C 33 -24.59 19.76 37.15
CA SER C 33 -24.59 20.98 36.40
C SER C 33 -23.57 21.03 35.38
N ILE C 34 -23.77 20.27 34.28
CA ILE C 34 -22.87 20.22 33.17
C ILE C 34 -23.56 20.49 31.89
N VAL C 35 -22.96 21.33 31.12
CA VAL C 35 -23.45 21.76 29.83
C VAL C 35 -22.38 21.18 28.90
N GLY C 36 -22.85 20.59 27.77
CA GLY C 36 -21.97 19.92 26.82
C GLY C 36 -21.88 20.87 25.62
N ARG C 37 -20.78 20.76 24.78
CA ARG C 37 -20.64 21.54 23.62
C ARG C 37 -19.82 20.56 22.77
N PRO C 38 -19.97 20.45 21.43
CA PRO C 38 -19.24 19.62 20.55
C PRO C 38 -17.76 19.89 20.64
N ARG C 39 -16.87 19.04 20.10
CA ARG C 39 -15.46 19.32 20.13
C ARG C 39 -14.78 18.45 19.08
N HIS C 40 -15.56 17.55 18.38
CA HIS C 40 -14.87 16.61 17.45
C HIS C 40 -14.90 17.31 16.12
N GLN C 41 -15.80 18.32 15.90
CA GLN C 41 -15.88 19.12 14.69
C GLN C 41 -16.27 18.28 13.48
N GLY C 42 -15.60 18.57 12.34
CA GLY C 42 -15.74 17.90 11.10
C GLY C 42 -16.97 18.44 10.40
N VAL C 43 -17.17 17.95 9.15
CA VAL C 43 -18.33 18.24 8.35
C VAL C 43 -19.26 17.11 8.66
N MET C 44 -20.52 17.24 8.15
CA MET C 44 -21.51 16.25 8.63
C MET C 44 -22.72 16.16 7.67
N VAL C 45 -23.49 14.99 7.86
CA VAL C 45 -24.84 14.89 7.18
C VAL C 45 -25.65 14.39 8.39
N GLY C 46 -25.06 13.54 9.31
CA GLY C 46 -25.63 13.24 10.63
C GLY C 46 -25.38 14.28 11.67
N MET C 47 -25.70 14.08 12.97
CA MET C 47 -25.55 15.14 13.95
C MET C 47 -25.48 14.51 15.31
N GLY C 48 -24.92 15.19 16.35
CA GLY C 48 -24.83 14.71 17.71
C GLY C 48 -26.10 14.72 18.49
N GLN C 49 -27.08 15.51 17.91
CA GLN C 49 -28.52 15.64 18.10
C GLN C 49 -28.78 16.87 18.93
N LYS C 50 -27.69 17.59 19.47
CA LYS C 50 -27.70 18.82 20.16
C LYS C 50 -26.34 19.29 19.91
N ASP C 51 -26.19 20.60 20.19
CA ASP C 51 -25.00 21.35 19.88
C ASP C 51 -24.87 22.13 21.11
N SER C 52 -25.79 21.98 22.10
CA SER C 52 -25.66 22.59 23.36
C SER C 52 -26.27 21.67 24.27
N TYR C 53 -25.69 20.48 24.44
CA TYR C 53 -26.13 19.36 25.23
C TYR C 53 -26.25 19.95 26.64
N VAL C 54 -27.28 19.54 27.47
CA VAL C 54 -27.46 20.20 28.75
C VAL C 54 -28.06 19.15 29.64
N GLY C 55 -27.71 19.20 30.96
CA GLY C 55 -28.23 18.38 32.00
C GLY C 55 -28.02 16.94 31.84
N ASP C 56 -29.01 16.09 32.02
CA ASP C 56 -29.00 14.66 31.85
C ASP C 56 -28.59 14.23 30.48
N GLU C 57 -29.07 14.98 29.50
CA GLU C 57 -28.75 14.84 28.11
C GLU C 57 -27.30 15.10 27.83
N ALA C 58 -26.64 16.08 28.58
CA ALA C 58 -25.25 16.33 28.33
C ALA C 58 -24.45 15.19 29.00
N GLN C 59 -24.75 14.83 30.24
CA GLN C 59 -23.98 13.86 31.00
C GLN C 59 -23.91 12.46 30.30
N SER C 60 -24.94 12.06 29.46
CA SER C 60 -25.04 10.76 28.88
C SER C 60 -23.83 10.59 27.99
N LYS C 61 -23.52 11.49 27.11
CA LYS C 61 -22.51 11.36 26.19
C LYS C 61 -21.42 12.23 26.82
N ARG C 62 -20.14 11.95 26.50
CA ARG C 62 -19.09 12.77 26.97
C ARG C 62 -17.99 12.74 25.92
N GLY C 63 -18.01 11.73 25.02
CA GLY C 63 -16.87 11.39 24.15
C GLY C 63 -16.72 12.26 22.98
N ILE C 64 -17.75 13.15 22.74
CA ILE C 64 -17.91 14.03 21.66
C ILE C 64 -18.01 15.47 22.23
N LEU C 65 -17.83 15.59 23.58
CA LEU C 65 -18.14 16.80 24.22
C LEU C 65 -16.98 17.32 24.96
N THR C 66 -16.95 18.60 25.20
CA THR C 66 -16.15 19.28 26.21
C THR C 66 -17.25 19.82 27.16
N LEU C 67 -17.08 19.78 28.50
CA LEU C 67 -18.12 19.94 29.52
C LEU C 67 -17.90 21.31 30.21
N LYS C 68 -18.83 22.32 29.93
CA LYS C 68 -18.89 23.53 30.68
C LYS C 68 -19.60 23.30 32.01
N TYR C 69 -19.23 24.15 33.02
CA TYR C 69 -19.71 24.14 34.35
C TYR C 69 -20.35 25.53 34.60
N PRO C 70 -21.62 25.71 35.00
CA PRO C 70 -22.16 27.08 35.13
C PRO C 70 -22.28 27.67 36.51
N ILE C 71 -22.07 26.87 37.61
CA ILE C 71 -22.14 27.27 39.02
C ILE C 71 -20.95 26.71 39.65
N GLU C 72 -20.05 27.64 40.10
CA GLU C 72 -18.82 27.19 40.70
C GLU C 72 -18.68 28.15 41.79
N HIS C 73 -18.49 27.51 42.97
CA HIS C 73 -18.17 28.16 44.21
C HIS C 73 -19.47 28.73 44.88
N GLY C 74 -20.60 28.16 44.41
CA GLY C 74 -21.92 28.43 44.74
C GLY C 74 -22.34 29.80 44.36
N ILE C 75 -21.54 30.28 43.34
CA ILE C 75 -21.63 31.61 42.71
C ILE C 75 -21.97 31.13 41.31
N ILE C 76 -23.06 31.71 40.81
CA ILE C 76 -23.61 31.30 39.51
C ILE C 76 -22.78 32.16 38.59
N THR C 77 -21.79 31.44 37.98
CA THR C 77 -20.76 32.06 37.11
C THR C 77 -21.34 32.54 35.82
N ASN C 78 -22.29 31.79 35.28
CA ASN C 78 -22.86 32.22 34.04
C ASN C 78 -24.35 32.03 34.01
N TRP C 79 -25.08 33.04 33.57
CA TRP C 79 -26.48 33.03 33.51
C TRP C 79 -27.05 32.63 32.18
N ASP C 80 -26.21 32.74 31.12
CA ASP C 80 -26.68 32.48 29.79
C ASP C 80 -27.14 31.07 29.58
N ASP C 81 -26.43 30.11 30.19
CA ASP C 81 -26.72 28.73 30.07
C ASP C 81 -27.75 28.29 31.07
N MET C 82 -27.90 28.97 32.19
CA MET C 82 -28.72 28.64 33.35
C MET C 82 -30.12 28.68 33.03
N GLU C 83 -30.43 29.56 32.06
CA GLU C 83 -31.70 29.77 31.46
C GLU C 83 -32.16 28.58 30.70
N LYS C 84 -31.19 28.01 29.90
CA LYS C 84 -31.35 26.84 29.08
C LYS C 84 -31.34 25.54 29.87
N ILE C 85 -30.68 25.57 31.03
CA ILE C 85 -30.65 24.51 31.97
C ILE C 85 -31.99 24.33 32.60
N TRP C 86 -32.69 25.44 32.85
CA TRP C 86 -34.03 25.49 33.34
C TRP C 86 -35.01 25.23 32.20
N HIS C 87 -34.55 25.48 30.95
CA HIS C 87 -35.44 25.19 29.86
C HIS C 87 -35.52 23.69 29.61
N HIS C 88 -34.45 22.96 30.07
CA HIS C 88 -34.49 21.49 30.06
C HIS C 88 -35.04 20.95 31.32
N THR C 89 -34.90 21.66 32.47
CA THR C 89 -35.42 21.21 33.69
C THR C 89 -36.92 21.32 33.75
N PHE C 90 -37.47 22.50 33.57
CA PHE C 90 -38.91 22.81 33.79
C PHE C 90 -39.74 22.20 32.72
N TYR C 91 -39.43 22.58 31.46
CA TYR C 91 -40.26 22.19 30.31
C TYR C 91 -40.25 20.77 30.00
N ASN C 92 -39.02 20.18 30.03
CA ASN C 92 -38.77 18.96 29.45
C ASN C 92 -38.61 17.83 30.43
N GLU C 93 -38.57 18.11 31.75
CA GLU C 93 -38.41 16.98 32.72
C GLU C 93 -39.47 17.10 33.73
N LEU C 94 -40.00 18.27 33.97
CA LEU C 94 -41.02 18.49 34.90
C LEU C 94 -42.31 18.59 34.09
N ARG C 95 -42.10 18.77 32.73
CA ARG C 95 -43.16 18.50 31.71
C ARG C 95 -44.28 19.53 31.73
N VAL C 96 -44.01 20.66 32.41
CA VAL C 96 -44.96 21.72 32.60
C VAL C 96 -44.41 23.11 32.28
N ALA C 97 -45.29 24.11 32.20
CA ALA C 97 -44.87 25.45 31.86
C ALA C 97 -44.41 26.12 33.15
N PRO C 98 -43.44 26.98 33.05
CA PRO C 98 -43.12 27.81 34.18
C PRO C 98 -44.01 29.00 34.13
N GLU C 99 -44.86 29.16 33.10
CA GLU C 99 -45.81 30.17 32.87
C GLU C 99 -47.05 29.75 33.64
N GLU C 100 -46.93 28.91 34.66
CA GLU C 100 -48.04 28.16 35.18
C GLU C 100 -47.80 27.63 36.62
N HIS C 101 -46.59 27.87 37.11
CA HIS C 101 -46.22 27.34 38.44
C HIS C 101 -45.15 28.25 39.04
N PRO C 102 -45.35 28.52 40.37
CA PRO C 102 -44.26 29.18 41.18
C PRO C 102 -43.06 28.39 41.37
N THR C 103 -42.03 28.95 42.08
CA THR C 103 -40.73 28.29 42.05
C THR C 103 -40.00 28.51 43.33
N LEU C 104 -39.53 27.37 43.94
CA LEU C 104 -38.75 27.39 45.19
C LEU C 104 -37.44 27.06 44.70
N LEU C 105 -36.50 28.06 44.85
CA LEU C 105 -35.08 27.91 44.45
C LEU C 105 -34.27 28.08 45.74
N THR C 106 -32.98 27.84 45.60
CA THR C 106 -31.97 28.04 46.64
C THR C 106 -31.04 29.23 46.45
N GLU C 107 -30.67 29.89 47.62
CA GLU C 107 -29.74 30.97 47.79
C GLU C 107 -28.61 30.45 48.56
N ALA C 108 -27.40 30.37 47.99
CA ALA C 108 -26.22 29.99 48.74
C ALA C 108 -25.73 31.19 49.58
N PRO C 109 -25.61 31.13 50.90
CA PRO C 109 -25.32 32.27 51.74
C PRO C 109 -24.22 33.13 51.25
N LEU C 110 -24.41 34.45 51.55
CA LEU C 110 -23.41 35.47 51.14
C LEU C 110 -23.11 35.57 49.62
N ASN C 111 -24.05 35.23 48.67
CA ASN C 111 -23.81 35.39 47.21
C ASN C 111 -23.61 36.90 46.95
N PRO C 112 -22.93 37.31 45.95
CA PRO C 112 -22.92 38.71 45.58
C PRO C 112 -24.32 39.18 45.27
N LYS C 113 -24.55 40.52 45.38
CA LYS C 113 -25.82 41.17 45.42
C LYS C 113 -26.56 41.04 44.13
N ALA C 114 -25.88 40.89 43.00
CA ALA C 114 -26.49 40.71 41.70
C ALA C 114 -27.07 39.29 41.63
N ASN C 115 -26.52 38.27 42.29
CA ASN C 115 -26.91 36.89 42.02
C ASN C 115 -28.40 36.59 42.42
N ARG C 116 -28.80 37.08 43.52
CA ARG C 116 -30.13 36.96 44.14
C ARG C 116 -31.20 37.51 43.16
N GLU C 117 -30.89 38.71 42.56
CA GLU C 117 -31.76 39.41 41.60
C GLU C 117 -31.80 38.88 40.19
N LYS C 118 -30.64 38.48 39.71
CA LYS C 118 -30.35 37.92 38.43
C LYS C 118 -31.01 36.65 38.23
N MET C 119 -31.02 35.69 39.21
CA MET C 119 -31.73 34.47 39.12
C MET C 119 -33.22 34.59 38.97
N THR C 120 -33.75 35.46 39.87
CA THR C 120 -35.17 35.78 40.01
C THR C 120 -35.77 36.44 38.79
N GLN C 121 -34.95 37.27 38.06
CA GLN C 121 -35.29 38.04 36.85
C GLN C 121 -35.66 37.21 35.67
N ILE C 122 -34.98 36.00 35.48
CA ILE C 122 -35.21 35.11 34.37
C ILE C 122 -36.52 34.35 34.59
N MET C 123 -36.95 34.20 35.82
CA MET C 123 -38.10 33.47 36.26
C MET C 123 -39.22 34.45 36.14
N PHE C 124 -39.20 35.75 36.63
CA PHE C 124 -40.29 36.66 36.54
C PHE C 124 -40.41 37.29 35.22
N GLU C 125 -39.36 37.80 34.66
CA GLU C 125 -39.46 38.44 33.42
C GLU C 125 -39.50 37.46 32.21
N THR C 126 -38.81 36.35 32.30
CA THR C 126 -38.59 35.60 31.00
C THR C 126 -39.39 34.38 31.05
N PHE C 127 -39.70 33.88 32.29
CA PHE C 127 -40.47 32.68 32.38
C PHE C 127 -41.81 33.03 32.85
N ASN C 128 -42.01 34.35 33.17
CA ASN C 128 -43.28 34.88 33.63
C ASN C 128 -43.86 34.42 34.98
N VAL C 129 -43.16 33.34 35.52
CA VAL C 129 -43.40 32.65 36.73
C VAL C 129 -44.39 33.27 37.74
N PRO C 130 -45.54 32.70 38.20
CA PRO C 130 -46.46 33.30 39.15
C PRO C 130 -45.89 33.67 40.45
N ALA C 131 -44.92 32.96 41.07
CA ALA C 131 -44.46 33.52 42.31
C ALA C 131 -43.25 32.72 42.59
N MET C 132 -42.41 33.09 43.53
CA MET C 132 -41.22 32.26 43.68
C MET C 132 -40.63 32.71 44.99
N TYR C 133 -39.80 31.87 45.65
CA TYR C 133 -39.00 32.28 46.75
C TYR C 133 -37.72 31.59 46.60
N VAL C 134 -36.61 32.36 46.88
CA VAL C 134 -35.25 31.79 46.75
C VAL C 134 -34.83 31.78 48.12
N ALA C 135 -35.11 30.61 48.80
CA ALA C 135 -34.80 30.48 50.22
C ALA C 135 -33.36 30.28 50.44
N ILE C 136 -32.94 30.42 51.71
CA ILE C 136 -31.57 30.32 52.08
C ILE C 136 -31.15 28.90 52.41
N GLN C 137 -30.30 28.31 51.49
CA GLN C 137 -29.65 26.96 51.33
C GLN C 137 -29.43 26.15 52.54
N ALA C 138 -28.58 26.58 53.46
CA ALA C 138 -28.04 25.75 54.54
C ALA C 138 -29.16 25.40 55.50
N VAL C 139 -29.97 26.42 55.75
CA VAL C 139 -31.11 26.47 56.64
C VAL C 139 -32.04 25.28 56.43
N LEU C 140 -32.23 24.89 55.17
CA LEU C 140 -33.16 23.87 54.76
C LEU C 140 -32.74 22.52 55.21
N SER C 141 -31.43 22.23 55.26
CA SER C 141 -30.91 20.97 55.78
C SER C 141 -31.17 20.89 57.23
N LEU C 142 -31.40 22.06 57.85
CA LEU C 142 -31.71 22.05 59.25
C LEU C 142 -33.06 21.35 59.51
N TYR C 143 -34.09 21.71 58.75
CA TYR C 143 -35.48 21.26 58.88
C TYR C 143 -35.62 19.85 58.44
N ALA C 144 -34.75 19.45 57.44
CA ALA C 144 -34.57 18.14 56.93
C ALA C 144 -34.10 17.16 58.01
N SER C 145 -33.13 17.58 58.84
CA SER C 145 -32.58 16.81 59.99
C SER C 145 -33.54 16.72 61.09
N GLY C 146 -34.55 17.61 61.27
CA GLY C 146 -35.51 17.58 62.29
C GLY C 146 -35.12 18.65 63.33
N ARG C 147 -33.87 19.15 63.18
CA ARG C 147 -33.35 20.23 64.01
C ARG C 147 -34.02 21.52 63.81
N THR C 148 -33.85 22.39 64.88
CA THR C 148 -34.45 23.74 65.09
C THR C 148 -33.37 24.68 65.32
N THR C 149 -32.23 24.14 65.88
CA THR C 149 -31.08 24.96 66.27
C THR C 149 -29.89 24.04 66.22
N GLY C 150 -28.72 24.57 65.82
CA GLY C 150 -27.55 23.75 65.76
C GLY C 150 -26.62 24.45 64.88
N ILE C 151 -25.65 23.71 64.32
CA ILE C 151 -24.61 24.22 63.53
C ILE C 151 -24.70 23.38 62.31
N VAL C 152 -25.01 23.99 61.16
CA VAL C 152 -25.17 23.28 59.96
C VAL C 152 -23.94 23.40 59.21
N LEU C 153 -23.38 22.20 58.85
CA LEU C 153 -22.19 22.05 58.11
C LEU C 153 -22.64 21.49 56.83
N ASP C 154 -23.19 22.45 56.05
CA ASP C 154 -23.76 22.23 54.80
C ASP C 154 -22.63 22.33 53.81
N SER C 155 -22.26 21.16 53.16
CA SER C 155 -21.24 21.12 52.18
C SER C 155 -21.78 20.42 51.03
N GLY C 156 -22.26 21.23 50.11
CA GLY C 156 -22.93 20.78 48.91
C GLY C 156 -21.91 20.32 47.95
N ASP C 157 -21.36 21.13 47.03
CA ASP C 157 -20.33 20.70 46.08
C ASP C 157 -19.37 21.83 45.86
N GLY C 158 -19.82 23.11 45.99
CA GLY C 158 -18.96 24.27 45.70
C GLY C 158 -18.61 25.06 46.94
N VAL C 159 -19.50 24.87 47.92
CA VAL C 159 -19.53 25.68 49.08
C VAL C 159 -19.83 24.80 50.24
N THR C 160 -18.93 24.93 51.22
CA THR C 160 -18.90 24.38 52.51
C THR C 160 -19.32 25.62 53.33
N HIS C 161 -20.10 25.49 54.42
CA HIS C 161 -20.69 26.54 55.23
C HIS C 161 -20.70 26.02 56.62
N ASN C 162 -20.30 26.87 57.56
CA ASN C 162 -20.38 26.59 58.97
C ASN C 162 -21.37 27.63 59.45
N VAL C 163 -22.66 27.27 59.54
CA VAL C 163 -23.78 28.15 59.81
C VAL C 163 -24.27 27.77 61.12
N PRO C 164 -23.96 28.50 62.22
CA PRO C 164 -24.86 28.34 63.39
C PRO C 164 -26.16 29.00 63.20
N ILE C 165 -27.24 28.31 63.40
CA ILE C 165 -28.61 28.71 63.13
C ILE C 165 -29.35 28.56 64.46
N TYR C 166 -30.16 29.62 64.74
CA TYR C 166 -30.89 29.87 65.89
C TYR C 166 -32.20 29.24 65.69
N GLU C 167 -33.06 29.26 66.70
CA GLU C 167 -34.39 28.77 66.68
C GLU C 167 -35.20 29.48 65.61
N GLY C 168 -35.07 30.84 65.62
CA GLY C 168 -35.47 31.75 64.57
C GLY C 168 -34.40 31.94 63.55
N TYR C 169 -33.98 33.24 63.29
CA TYR C 169 -33.12 33.65 62.29
C TYR C 169 -31.93 34.14 63.04
N ALA C 170 -30.82 33.39 62.92
CA ALA C 170 -29.54 33.76 63.46
C ALA C 170 -29.01 35.05 62.85
N LEU C 171 -27.99 35.66 63.47
CA LEU C 171 -27.38 36.91 63.10
C LEU C 171 -25.97 36.63 62.75
N PRO C 172 -25.31 37.55 62.07
CA PRO C 172 -23.91 37.29 61.68
C PRO C 172 -23.00 37.59 62.88
N HIS C 173 -22.39 36.50 63.48
CA HIS C 173 -21.55 36.58 64.57
C HIS C 173 -20.82 35.28 64.66
N ALA C 174 -21.02 34.35 63.73
CA ALA C 174 -20.41 33.08 63.66
C ALA C 174 -20.86 32.45 62.41
N ILE C 175 -21.75 33.01 61.61
CA ILE C 175 -22.04 32.36 60.33
C ILE C 175 -20.98 32.64 59.26
N MET C 176 -20.55 31.56 58.57
CA MET C 176 -19.41 31.69 57.68
C MET C 176 -19.63 30.80 56.37
N ARG C 177 -18.87 31.18 55.32
CA ARG C 177 -18.90 30.41 54.10
C ARG C 177 -17.45 30.25 53.65
N LEU C 178 -17.07 29.08 53.04
CA LEU C 178 -15.76 28.88 52.50
C LEU C 178 -16.00 27.94 51.36
N ASP C 179 -15.34 28.19 50.22
CA ASP C 179 -15.59 27.39 49.07
C ASP C 179 -14.53 26.35 49.20
N LEU C 180 -14.86 25.06 49.36
CA LEU C 180 -13.86 24.03 49.58
C LEU C 180 -14.47 22.73 49.43
N ALA C 181 -15.80 22.62 49.05
CA ALA C 181 -16.56 21.34 49.01
C ALA C 181 -16.08 20.44 47.83
N GLY C 182 -17.03 19.64 47.30
CA GLY C 182 -16.78 18.52 46.48
C GLY C 182 -15.95 18.62 45.20
N ARG C 183 -16.28 19.66 44.32
CA ARG C 183 -15.69 19.87 42.99
C ARG C 183 -14.11 20.04 43.12
N ASP C 184 -13.59 20.59 44.22
CA ASP C 184 -12.20 20.94 44.54
C ASP C 184 -11.44 19.69 44.78
N LEU C 185 -12.18 18.71 45.32
CA LEU C 185 -11.65 17.37 45.70
C LEU C 185 -11.39 16.58 44.51
N THR C 186 -12.27 16.84 43.51
CA THR C 186 -12.16 16.23 42.23
C THR C 186 -10.84 16.63 41.46
N ASP C 187 -10.41 17.84 41.54
CA ASP C 187 -9.27 18.33 40.79
C ASP C 187 -8.01 17.98 41.52
N TYR C 188 -8.15 17.40 42.77
CA TYR C 188 -7.03 17.03 43.50
C TYR C 188 -6.78 15.66 43.24
N LEU C 189 -7.84 14.80 43.01
CA LEU C 189 -7.53 13.37 42.65
C LEU C 189 -6.75 13.25 41.37
N MET C 190 -7.17 13.98 40.31
CA MET C 190 -6.47 13.97 39.01
C MET C 190 -5.09 14.49 39.20
N LYS C 191 -4.86 15.44 40.17
CA LYS C 191 -3.60 16.07 40.51
C LYS C 191 -2.63 15.08 41.02
N ILE C 192 -3.00 14.24 42.04
CA ILE C 192 -2.12 13.41 42.78
C ILE C 192 -1.82 12.12 41.96
N LEU C 193 -2.59 11.80 40.90
CA LEU C 193 -2.38 10.64 39.97
C LEU C 193 -1.32 11.05 38.96
N THR C 194 -0.87 12.30 38.86
CA THR C 194 -0.01 12.73 37.74
C THR C 194 1.40 12.42 38.13
N GLU C 195 1.68 12.64 39.45
CA GLU C 195 3.00 12.26 39.89
C GLU C 195 3.11 10.82 40.11
N ARG C 196 1.89 10.12 40.20
CA ARG C 196 1.84 8.75 40.53
C ARG C 196 2.19 8.03 39.25
N GLY C 197 1.41 8.28 38.12
CA GLY C 197 1.74 7.83 36.77
C GLY C 197 0.39 7.64 36.05
N TYR C 198 -0.42 8.73 35.92
CA TYR C 198 -1.66 8.64 35.13
C TYR C 198 -2.04 10.08 34.78
N SER C 199 -2.99 10.18 33.81
CA SER C 199 -3.58 11.43 33.29
C SER C 199 -4.98 11.19 33.03
N PHE C 200 -5.79 12.18 33.55
CA PHE C 200 -7.24 12.18 33.48
C PHE C 200 -7.70 13.62 33.70
N VAL C 201 -6.90 14.60 33.18
CA VAL C 201 -7.05 16.02 33.43
C VAL C 201 -8.40 16.53 32.93
N THR C 202 -8.65 16.49 31.59
CA THR C 202 -9.70 17.13 30.76
C THR C 202 -11.07 16.76 31.29
N THR C 203 -12.14 17.52 30.95
CA THR C 203 -13.45 17.54 31.52
C THR C 203 -14.23 16.27 31.33
N ALA C 204 -14.21 15.67 30.15
CA ALA C 204 -14.95 14.51 29.70
C ALA C 204 -14.74 13.25 30.53
N GLU C 205 -13.49 13.17 31.09
CA GLU C 205 -13.06 12.07 31.90
C GLU C 205 -12.84 12.44 33.39
N ARG C 206 -12.90 13.72 33.76
CA ARG C 206 -12.85 14.33 35.04
C ARG C 206 -14.06 13.91 35.82
N GLU C 207 -15.22 13.72 35.13
CA GLU C 207 -16.46 13.31 35.66
C GLU C 207 -16.35 11.92 36.07
N ILE C 208 -15.65 11.07 35.31
CA ILE C 208 -15.31 9.78 35.71
C ILE C 208 -14.50 9.65 36.94
N VAL C 209 -13.55 10.62 37.16
CA VAL C 209 -12.72 10.75 38.35
C VAL C 209 -13.52 10.95 39.54
N ARG C 210 -14.62 11.68 39.39
CA ARG C 210 -15.55 12.09 40.40
C ARG C 210 -16.41 11.00 40.89
N ASP C 211 -16.56 10.08 39.98
CA ASP C 211 -17.22 8.81 40.24
C ASP C 211 -16.36 7.90 41.10
N ILE C 212 -15.07 7.86 40.76
CA ILE C 212 -14.11 7.11 41.54
C ILE C 212 -13.97 7.63 42.89
N LYS C 213 -14.07 8.92 43.14
CA LYS C 213 -13.87 9.48 44.44
C LYS C 213 -14.94 9.03 45.43
N GLU C 214 -16.26 9.28 44.98
CA GLU C 214 -17.41 9.00 45.84
C GLU C 214 -17.67 7.57 46.21
N LYS C 215 -17.42 6.56 45.35
CA LYS C 215 -17.81 5.22 45.74
C LYS C 215 -16.64 4.38 46.14
N LEU C 216 -15.47 5.06 46.33
CA LEU C 216 -14.28 4.30 46.74
C LEU C 216 -13.56 4.98 47.87
N CYS C 217 -13.11 6.24 47.65
CA CYS C 217 -12.26 7.03 48.48
C CYS C 217 -12.94 7.17 49.81
N TYR C 218 -12.21 6.72 50.84
CA TYR C 218 -12.68 6.75 52.18
C TYR C 218 -11.68 7.52 52.91
N VAL C 219 -12.15 8.26 53.97
CA VAL C 219 -11.28 9.10 54.75
C VAL C 219 -10.67 8.23 55.67
N ALA C 220 -9.42 8.53 55.96
CA ALA C 220 -8.68 7.71 56.98
C ALA C 220 -9.20 7.95 58.31
N LEU C 221 -8.70 7.21 59.30
CA LEU C 221 -9.02 7.52 60.65
C LEU C 221 -8.11 8.71 60.96
N ASP C 222 -6.78 8.65 60.58
CA ASP C 222 -5.89 9.75 60.65
C ASP C 222 -4.90 9.51 59.50
N PHE C 223 -4.46 10.55 58.71
CA PHE C 223 -3.53 10.36 57.63
C PHE C 223 -2.31 9.70 58.12
N GLU C 224 -1.77 10.19 59.19
CA GLU C 224 -0.52 9.74 59.70
C GLU C 224 -0.42 8.27 60.08
N ASN C 225 -1.53 7.69 60.67
CA ASN C 225 -1.50 6.33 61.01
C ASN C 225 -1.75 5.34 59.92
N GLU C 226 -2.49 5.75 58.88
CA GLU C 226 -2.69 4.89 57.78
C GLU C 226 -1.56 5.12 56.78
N MET C 227 -0.79 6.19 56.90
CA MET C 227 0.41 6.57 56.23
C MET C 227 1.42 5.63 56.73
N ALA C 228 1.38 5.31 58.01
CA ALA C 228 2.31 4.31 58.57
C ALA C 228 1.96 2.91 58.21
N THR C 229 0.62 2.55 57.94
CA THR C 229 0.03 1.36 57.49
C THR C 229 0.40 1.08 56.04
N ALA C 230 0.82 2.12 55.32
CA ALA C 230 1.35 2.13 53.94
C ALA C 230 2.55 1.21 53.76
N ALA C 231 3.23 0.94 54.90
CA ALA C 231 4.37 0.03 54.98
C ALA C 231 4.05 -1.37 54.44
N SER C 232 2.86 -1.87 54.81
CA SER C 232 2.29 -3.02 54.38
C SER C 232 1.38 -2.55 53.29
N SER C 233 1.09 -3.41 52.27
CA SER C 233 0.26 -3.02 51.20
C SER C 233 -0.49 -4.28 50.90
N SER C 234 -1.83 -4.13 51.04
CA SER C 234 -2.68 -5.25 50.94
C SER C 234 -3.99 -4.69 51.27
N SER C 235 -3.96 -3.75 52.16
CA SER C 235 -5.00 -2.95 52.75
C SER C 235 -4.94 -1.61 52.17
N LEU C 236 -3.93 -1.33 51.33
CA LEU C 236 -3.85 -0.09 50.59
C LEU C 236 -4.32 -0.33 49.19
N GLU C 237 -3.39 -0.80 48.33
CA GLU C 237 -3.62 -1.06 46.90
C GLU C 237 -4.68 -2.19 46.66
N LYS C 238 -5.41 -1.97 45.53
CA LYS C 238 -6.68 -2.63 45.12
C LYS C 238 -6.92 -1.96 43.82
N SER C 239 -7.19 -2.83 42.77
CA SER C 239 -7.35 -2.33 41.44
C SER C 239 -8.81 -1.89 41.26
N TYR C 240 -8.86 -0.67 40.71
CA TYR C 240 -10.10 0.05 40.35
C TYR C 240 -10.11 -0.08 38.87
N GLU C 241 -10.63 -1.26 38.50
CA GLU C 241 -10.96 -1.52 37.14
C GLU C 241 -11.99 -0.50 36.59
N LEU C 242 -11.42 0.41 35.76
CA LEU C 242 -12.17 1.52 35.28
C LEU C 242 -12.62 1.08 33.94
N PRO C 243 -13.89 0.91 33.62
CA PRO C 243 -14.29 0.33 32.35
C PRO C 243 -13.55 0.93 31.19
N ASP C 244 -12.88 0.14 30.40
CA ASP C 244 -11.92 0.44 29.27
C ASP C 244 -10.64 -0.36 29.47
N GLY C 245 -10.65 -1.07 30.60
CA GLY C 245 -9.65 -2.01 30.89
C GLY C 245 -8.52 -1.37 31.58
N GLN C 246 -8.71 -0.12 32.00
CA GLN C 246 -7.66 0.59 32.64
C GLN C 246 -7.72 0.21 34.10
N VAL C 247 -6.72 -0.62 34.62
CA VAL C 247 -6.68 -0.96 36.01
C VAL C 247 -5.86 0.00 36.78
N ILE C 248 -6.50 0.46 37.90
CA ILE C 248 -5.99 1.55 38.68
C ILE C 248 -5.75 1.15 40.16
N THR C 249 -4.57 0.60 40.52
CA THR C 249 -4.26 0.30 41.91
C THR C 249 -4.01 1.59 42.60
N ILE C 250 -4.71 1.88 43.70
CA ILE C 250 -4.58 3.11 44.50
C ILE C 250 -4.49 2.83 45.93
N GLY C 251 -3.41 3.25 46.60
CA GLY C 251 -3.09 2.84 47.90
C GLY C 251 -3.48 3.92 48.87
N ASN C 252 -2.50 4.82 49.16
CA ASN C 252 -2.70 5.86 50.13
C ASN C 252 -3.71 6.85 49.68
N GLU C 253 -3.92 6.94 48.38
CA GLU C 253 -4.72 7.81 47.59
C GLU C 253 -6.18 7.85 47.92
N ARG C 254 -6.73 6.67 48.33
CA ARG C 254 -8.10 6.61 48.79
C ARG C 254 -8.38 7.45 49.93
N PHE C 255 -7.32 7.61 50.79
CA PHE C 255 -7.47 8.37 52.06
C PHE C 255 -6.43 9.49 52.11
N ARG C 256 -5.74 9.79 50.94
CA ARG C 256 -4.79 10.89 50.74
C ARG C 256 -5.57 12.01 50.18
N CYS C 257 -6.51 11.75 49.27
CA CYS C 257 -7.35 12.75 48.70
C CYS C 257 -8.37 13.32 49.65
N PRO C 258 -9.15 12.51 50.52
CA PRO C 258 -10.11 13.01 51.52
C PRO C 258 -9.51 13.96 52.58
N GLU C 259 -8.26 13.79 52.96
CA GLU C 259 -7.59 14.60 53.96
C GLU C 259 -7.41 16.01 53.58
N THR C 260 -7.25 16.22 52.25
CA THR C 260 -7.15 17.49 51.53
C THR C 260 -8.41 18.31 51.84
N LEU C 261 -9.64 17.62 52.06
CA LEU C 261 -10.83 18.32 52.46
C LEU C 261 -10.61 19.03 53.72
N PHE C 262 -9.96 18.44 54.66
CA PHE C 262 -9.84 19.04 55.92
C PHE C 262 -8.55 19.79 55.92
N GLN C 263 -7.75 19.73 54.84
CA GLN C 263 -6.44 20.31 54.82
C GLN C 263 -6.15 20.97 53.48
N PRO C 264 -6.44 22.25 53.27
CA PRO C 264 -6.12 22.93 51.97
C PRO C 264 -4.61 23.01 51.70
N SER C 265 -3.79 22.72 52.67
CA SER C 265 -2.32 22.82 52.71
C SER C 265 -1.69 22.00 51.69
N PHE C 266 -2.27 20.86 51.24
CA PHE C 266 -1.65 20.12 50.12
C PHE C 266 -1.95 20.81 48.74
N ILE C 267 -2.89 21.80 48.62
CA ILE C 267 -3.17 22.49 47.38
C ILE C 267 -2.16 23.52 47.14
N GLY C 268 -1.75 24.14 48.29
CA GLY C 268 -0.95 25.29 48.50
C GLY C 268 -1.81 26.39 48.90
N MET C 269 -2.88 26.09 49.68
CA MET C 269 -3.71 27.20 50.16
C MET C 269 -3.41 27.48 51.58
N GLU C 270 -3.15 28.81 51.86
CA GLU C 270 -3.02 29.30 53.17
C GLU C 270 -4.41 29.44 53.90
N SER C 271 -5.50 28.88 53.25
CA SER C 271 -6.78 28.84 53.95
C SER C 271 -6.74 27.67 54.93
N ALA C 272 -7.45 27.82 56.02
CA ALA C 272 -7.49 26.82 57.02
C ALA C 272 -8.62 25.82 56.84
N GLY C 273 -8.66 24.76 57.70
CA GLY C 273 -9.54 23.61 57.71
C GLY C 273 -10.98 24.02 57.95
N ILE C 274 -11.89 23.33 57.29
CA ILE C 274 -13.33 23.44 57.49
C ILE C 274 -13.79 22.89 58.79
N HIS C 275 -12.92 22.09 59.43
CA HIS C 275 -13.17 21.48 60.72
C HIS C 275 -12.60 22.34 61.77
N GLU C 276 -11.67 23.32 61.32
CA GLU C 276 -11.16 24.27 62.29
C GLU C 276 -12.16 25.39 62.52
N THR C 277 -12.78 25.87 61.43
CA THR C 277 -13.78 26.89 61.43
C THR C 277 -15.00 26.54 62.18
N THR C 278 -15.30 25.21 62.30
CA THR C 278 -16.43 24.72 63.09
C THR C 278 -16.31 25.07 64.56
N TYR C 279 -15.10 24.87 65.14
CA TYR C 279 -14.87 25.11 66.53
C TYR C 279 -14.98 26.60 66.71
N ASN C 280 -14.34 27.33 65.85
CA ASN C 280 -14.12 28.76 65.96
C ASN C 280 -15.41 29.54 66.15
N SER C 281 -16.48 29.20 65.39
CA SER C 281 -17.78 29.84 65.31
C SER C 281 -18.63 29.49 66.57
N ILE C 282 -18.34 28.40 67.27
CA ILE C 282 -19.06 27.92 68.44
C ILE C 282 -18.41 28.53 69.70
N MET C 283 -17.00 28.66 69.68
CA MET C 283 -16.18 29.33 70.71
C MET C 283 -16.52 30.79 70.68
N LYS C 284 -17.01 31.32 69.51
CA LYS C 284 -17.45 32.74 69.38
C LYS C 284 -18.76 32.94 70.14
N CYS C 285 -19.63 31.91 70.08
CA CYS C 285 -20.96 31.90 70.69
C CYS C 285 -20.76 31.72 72.24
N ASP C 286 -21.79 32.31 73.00
CA ASP C 286 -21.92 32.24 74.50
C ASP C 286 -22.09 30.80 74.85
N ILE C 287 -21.69 30.48 76.08
CA ILE C 287 -21.60 29.27 76.81
C ILE C 287 -23.02 28.58 77.00
N ASP C 288 -24.08 29.41 77.19
CA ASP C 288 -25.47 29.04 77.23
C ASP C 288 -25.97 28.92 75.77
N ILE C 289 -25.10 28.61 74.75
CA ILE C 289 -25.39 28.30 73.39
C ILE C 289 -24.46 27.14 73.03
N ARG C 290 -23.25 26.92 73.64
CA ARG C 290 -22.33 25.94 73.10
C ARG C 290 -22.66 24.49 73.37
N LYS C 291 -23.32 24.20 74.54
CA LYS C 291 -23.70 22.88 75.06
C LYS C 291 -24.58 22.15 74.09
N ASP C 292 -25.46 22.92 73.40
CA ASP C 292 -26.36 22.34 72.48
C ASP C 292 -25.82 22.44 71.07
N LEU C 293 -24.81 23.26 70.89
CA LEU C 293 -24.16 23.35 69.58
C LEU C 293 -23.28 22.10 69.28
N TYR C 294 -22.70 21.56 70.36
CA TYR C 294 -21.83 20.45 70.38
C TYR C 294 -22.72 19.15 70.42
N ALA C 295 -23.93 19.24 71.09
CA ALA C 295 -25.04 18.27 71.02
C ALA C 295 -25.53 18.17 69.62
N ASN C 296 -25.46 19.33 68.87
CA ASN C 296 -26.02 19.25 67.56
C ASN C 296 -24.99 19.60 66.56
N ASN C 297 -23.96 18.78 66.22
CA ASN C 297 -23.06 19.08 65.16
C ASN C 297 -23.64 18.49 63.95
N VAL C 298 -24.45 19.24 63.19
CA VAL C 298 -25.23 18.84 62.12
C VAL C 298 -24.32 18.74 60.93
N MET C 299 -24.35 17.63 60.21
CA MET C 299 -23.50 17.38 59.15
C MET C 299 -24.31 17.00 57.91
N SER C 300 -24.48 17.95 57.00
CA SER C 300 -25.30 17.86 55.76
C SER C 300 -24.47 18.05 54.53
N GLY C 301 -25.13 17.87 53.34
CA GLY C 301 -24.56 18.05 52.08
C GLY C 301 -23.80 16.86 51.63
N GLY C 302 -23.78 16.66 50.35
CA GLY C 302 -23.27 15.46 49.80
C GLY C 302 -21.78 15.22 49.98
N THR C 303 -20.96 16.30 50.26
CA THR C 303 -19.56 16.20 50.52
C THR C 303 -19.40 15.48 51.85
N THR C 304 -20.43 15.45 52.76
CA THR C 304 -20.26 14.91 54.11
C THR C 304 -20.76 13.54 54.11
N MET C 305 -20.50 12.73 53.08
CA MET C 305 -20.97 11.37 52.89
C MET C 305 -19.81 10.45 52.50
N TYR C 306 -18.53 10.86 52.52
CA TYR C 306 -17.41 9.87 52.27
C TYR C 306 -17.44 8.89 53.42
N PRO C 307 -17.21 7.55 53.33
CA PRO C 307 -17.25 6.70 54.43
C PRO C 307 -16.06 7.12 55.28
N GLY C 308 -16.28 7.14 56.65
CA GLY C 308 -15.23 7.59 57.57
C GLY C 308 -15.19 9.10 57.84
N ILE C 309 -16.15 9.90 57.29
CA ILE C 309 -16.19 11.35 57.41
C ILE C 309 -16.74 11.82 58.80
N ALA C 310 -17.80 11.13 59.23
CA ALA C 310 -18.62 11.56 60.37
C ALA C 310 -17.87 11.25 61.62
N ASP C 311 -17.48 9.98 61.71
CA ASP C 311 -16.82 9.40 62.80
C ASP C 311 -15.55 10.08 63.14
N ARG C 312 -14.93 10.74 62.09
CA ARG C 312 -13.78 11.56 62.27
C ARG C 312 -13.98 12.73 63.07
N MET C 313 -15.23 13.32 63.13
CA MET C 313 -15.59 14.53 63.79
C MET C 313 -15.92 14.20 65.22
N GLN C 314 -15.69 12.98 65.65
CA GLN C 314 -15.85 12.64 67.12
C GLN C 314 -14.48 12.74 67.75
N LYS C 315 -13.43 12.72 66.94
CA LYS C 315 -12.05 12.78 67.41
C LYS C 315 -11.47 14.14 67.09
N GLU C 316 -11.85 14.70 65.99
CA GLU C 316 -11.39 16.04 65.64
C GLU C 316 -11.96 17.06 66.51
N ILE C 317 -13.26 16.99 66.82
CA ILE C 317 -13.99 18.03 67.55
C ILE C 317 -13.52 18.05 69.02
N THR C 318 -13.52 16.85 69.63
CA THR C 318 -13.13 16.64 70.96
C THR C 318 -11.67 17.00 71.28
N ALA C 319 -10.83 17.08 70.18
CA ALA C 319 -9.38 17.45 70.25
C ALA C 319 -9.22 18.86 70.80
N LEU C 320 -9.63 19.87 70.03
CA LEU C 320 -9.52 21.22 70.40
C LEU C 320 -10.86 21.78 70.84
N ALA C 321 -11.83 20.95 71.16
CA ALA C 321 -13.07 21.38 71.85
C ALA C 321 -13.21 20.72 73.19
N PRO C 322 -13.79 21.37 74.25
CA PRO C 322 -13.94 20.84 75.59
C PRO C 322 -14.54 19.37 75.73
N SER C 323 -14.37 18.84 76.96
CA SER C 323 -14.73 17.55 77.44
C SER C 323 -15.75 17.59 78.54
N THR C 324 -16.37 18.74 78.78
CA THR C 324 -17.38 18.98 79.75
C THR C 324 -18.77 18.89 79.17
N MET C 325 -18.83 18.56 77.84
CA MET C 325 -20.09 18.40 77.24
C MET C 325 -20.03 17.27 76.22
N LYS C 326 -21.23 16.94 75.82
CA LYS C 326 -21.65 16.02 74.84
C LYS C 326 -21.39 16.47 73.49
N ILE C 327 -20.48 15.81 72.76
CA ILE C 327 -20.23 16.05 71.45
C ILE C 327 -21.04 14.99 70.71
N LYS C 328 -22.12 15.37 70.03
CA LYS C 328 -22.90 14.45 69.21
C LYS C 328 -22.98 15.04 67.86
N ILE C 329 -22.50 14.21 66.91
CA ILE C 329 -22.70 14.32 65.53
C ILE C 329 -24.06 13.93 65.12
N ILE C 330 -24.80 14.82 64.47
CA ILE C 330 -26.08 14.38 63.95
C ILE C 330 -25.59 14.06 62.55
N ALA C 331 -25.53 12.77 62.23
CA ALA C 331 -25.12 12.28 60.91
C ALA C 331 -26.31 11.53 60.37
N PRO C 332 -27.18 12.12 59.48
CA PRO C 332 -28.46 11.48 58.99
C PRO C 332 -28.03 10.27 58.16
N PRO C 333 -28.88 9.29 57.88
CA PRO C 333 -28.59 8.17 56.98
C PRO C 333 -28.00 8.56 55.61
N GLU C 334 -28.69 9.58 55.04
CA GLU C 334 -28.38 10.11 53.70
C GLU C 334 -28.55 11.58 53.70
N ARG C 335 -27.77 12.40 52.86
CA ARG C 335 -27.83 13.81 52.99
C ARG C 335 -27.38 14.41 51.70
N LYS C 336 -27.65 13.73 50.61
CA LYS C 336 -27.35 14.35 49.25
C LYS C 336 -28.43 15.38 48.91
N TYR C 337 -29.68 15.07 49.25
CA TYR C 337 -30.82 15.95 48.97
C TYR C 337 -31.10 16.77 50.16
N SER C 338 -30.15 17.09 51.09
CA SER C 338 -30.44 17.67 52.35
C SER C 338 -31.12 18.99 52.30
N VAL C 339 -30.81 19.85 51.26
CA VAL C 339 -31.40 21.10 51.00
C VAL C 339 -32.72 20.88 50.27
N TRP C 340 -32.83 19.84 49.47
CA TRP C 340 -34.10 19.63 48.71
C TRP C 340 -35.22 19.28 49.61
N ILE C 341 -35.01 18.45 50.68
CA ILE C 341 -36.01 17.98 51.61
C ILE C 341 -36.50 19.13 52.44
N GLY C 342 -35.56 20.01 52.87
CA GLY C 342 -36.04 21.19 53.67
C GLY C 342 -36.99 22.10 52.90
N GLY C 343 -36.76 22.34 51.57
CA GLY C 343 -37.61 23.15 50.72
C GLY C 343 -38.94 22.51 50.39
N SER C 344 -38.93 21.15 50.43
CA SER C 344 -40.12 20.37 50.17
C SER C 344 -41.05 20.63 51.31
N ILE C 345 -40.48 20.70 52.52
CA ILE C 345 -41.32 20.93 53.74
C ILE C 345 -42.00 22.24 53.73
N LEU C 346 -41.14 23.30 53.34
CA LEU C 346 -41.53 24.67 53.36
C LEU C 346 -42.57 24.94 52.29
N ALA C 347 -42.43 24.22 51.21
CA ALA C 347 -43.24 24.32 50.05
C ALA C 347 -44.48 23.49 50.19
N SER C 348 -44.59 22.70 51.34
CA SER C 348 -45.73 21.90 51.74
C SER C 348 -46.41 22.63 52.87
N LEU C 349 -45.95 23.82 53.27
CA LEU C 349 -46.73 24.64 54.10
C LEU C 349 -47.13 25.83 53.24
N SER C 350 -48.32 26.41 53.51
CA SER C 350 -48.96 27.44 52.72
C SER C 350 -48.55 28.71 53.20
N THR C 351 -48.03 28.82 54.42
CA THR C 351 -47.59 30.10 54.94
C THR C 351 -46.27 30.49 54.23
N PHE C 352 -45.46 29.56 53.73
CA PHE C 352 -44.35 29.94 52.92
C PHE C 352 -44.70 30.50 51.47
N GLN C 353 -45.89 30.10 50.98
CA GLN C 353 -46.46 30.59 49.79
C GLN C 353 -46.79 32.12 49.86
N GLN C 354 -47.13 32.49 51.13
CA GLN C 354 -47.62 33.78 51.61
C GLN C 354 -46.45 34.66 52.11
N MET C 355 -45.22 33.99 52.35
CA MET C 355 -43.97 34.52 52.67
C MET C 355 -43.16 34.67 51.45
N TRP C 356 -43.79 34.51 50.20
CA TRP C 356 -43.03 34.53 48.95
C TRP C 356 -43.63 35.55 47.97
N ILE C 357 -42.88 35.84 46.89
CA ILE C 357 -43.10 37.00 46.06
C ILE C 357 -43.81 36.66 44.82
N THR C 358 -44.94 37.35 44.57
CA THR C 358 -45.78 37.15 43.43
C THR C 358 -45.09 37.92 42.36
N LYS C 359 -45.48 37.53 41.12
CA LYS C 359 -45.06 38.02 39.91
C LYS C 359 -45.17 39.51 39.85
N GLN C 360 -46.40 40.06 40.10
CA GLN C 360 -46.67 41.44 39.92
C GLN C 360 -45.83 42.30 40.84
N GLU C 361 -45.52 41.83 42.03
CA GLU C 361 -44.68 42.39 43.04
C GLU C 361 -43.22 42.73 42.54
N TYR C 362 -42.71 41.98 41.52
CA TYR C 362 -41.49 42.21 40.81
C TYR C 362 -41.54 43.49 40.00
N ASP C 363 -42.71 43.70 39.25
CA ASP C 363 -42.77 44.92 38.55
C ASP C 363 -43.02 46.11 39.44
N GLU C 364 -43.76 45.93 40.54
CA GLU C 364 -44.42 46.88 41.44
C GLU C 364 -43.42 47.43 42.39
N ALA C 365 -42.24 46.81 42.54
CA ALA C 365 -41.18 47.24 43.49
C ALA C 365 -39.84 46.94 42.97
N GLY C 366 -39.80 46.85 41.61
CA GLY C 366 -38.63 46.58 40.82
C GLY C 366 -37.87 45.35 41.15
N PRO C 367 -36.66 45.20 40.72
CA PRO C 367 -35.86 44.01 41.00
C PRO C 367 -35.50 43.88 42.47
N SER C 368 -35.59 45.01 43.26
CA SER C 368 -35.21 45.10 44.64
C SER C 368 -36.15 44.51 45.64
N ILE C 369 -37.28 44.07 45.16
CA ILE C 369 -38.28 43.24 45.84
C ILE C 369 -37.61 42.01 46.36
N VAL C 370 -36.62 41.40 45.69
CA VAL C 370 -35.85 40.21 46.04
C VAL C 370 -35.19 40.38 47.35
N HIS C 371 -34.29 41.36 47.42
CA HIS C 371 -33.49 41.55 48.70
C HIS C 371 -34.43 42.05 49.79
N ARG C 372 -35.67 42.46 49.46
CA ARG C 372 -36.53 42.94 50.55
C ARG C 372 -37.01 41.75 51.31
N LYS C 373 -37.33 40.65 50.71
CA LYS C 373 -37.76 39.51 51.52
C LYS C 373 -36.66 38.59 51.80
N CYS C 374 -36.01 38.05 50.81
CA CYS C 374 -34.86 37.22 51.00
C CYS C 374 -33.68 38.10 50.71
N PHE C 375 -33.01 38.57 51.79
CA PHE C 375 -31.86 39.43 51.79
C PHE C 375 -30.68 38.59 51.45
N ASP D 1 -33.06 12.42 -13.45
CA ASP D 1 -32.50 12.56 -14.84
C ASP D 1 -33.63 12.85 -15.79
N GLU D 2 -33.30 13.74 -16.75
CA GLU D 2 -34.17 14.18 -17.87
C GLU D 2 -35.33 15.01 -17.35
N ASP D 3 -35.54 15.13 -16.02
CA ASP D 3 -36.63 15.84 -15.43
C ASP D 3 -36.21 16.54 -14.08
N GLU D 4 -35.09 15.99 -13.54
CA GLU D 4 -34.53 16.50 -12.30
C GLU D 4 -33.03 16.35 -12.39
N THR D 5 -32.33 17.17 -11.53
CA THR D 5 -30.86 17.26 -11.40
C THR D 5 -30.07 15.99 -11.29
N THR D 6 -30.55 15.11 -10.49
CA THR D 6 -30.09 13.71 -10.20
C THR D 6 -28.72 13.38 -10.72
N ALA D 7 -27.73 13.52 -9.81
CA ALA D 7 -26.29 13.36 -10.02
C ALA D 7 -25.85 12.04 -10.54
N LEU D 8 -24.54 11.88 -10.55
CA LEU D 8 -23.96 10.60 -10.76
C LEU D 8 -23.57 10.12 -9.33
N VAL D 9 -23.12 8.86 -9.18
CA VAL D 9 -22.56 8.52 -7.88
C VAL D 9 -21.39 7.84 -8.54
N CYS D 10 -20.17 8.34 -8.20
CA CYS D 10 -18.91 8.03 -8.82
C CYS D 10 -17.94 7.78 -7.73
N ASP D 11 -17.15 6.68 -7.89
CA ASP D 11 -16.11 6.30 -6.93
C ASP D 11 -14.91 6.30 -7.81
N ASN D 12 -14.40 7.51 -8.00
CA ASN D 12 -13.26 7.78 -8.70
C ASN D 12 -12.06 7.46 -7.85
N GLY D 13 -11.82 6.11 -7.53
CA GLY D 13 -10.76 5.66 -6.66
C GLY D 13 -9.70 5.01 -7.56
N SER D 14 -8.69 4.45 -6.88
CA SER D 14 -7.60 3.85 -7.58
C SER D 14 -7.84 2.35 -7.83
N GLY D 15 -9.07 1.73 -7.76
CA GLY D 15 -9.24 0.30 -7.87
C GLY D 15 -10.30 0.07 -8.82
N LEU D 16 -11.47 0.72 -8.67
CA LEU D 16 -12.44 0.58 -9.66
C LEU D 16 -12.99 2.01 -9.62
N VAL D 17 -13.36 2.33 -10.89
CA VAL D 17 -14.20 3.42 -11.21
C VAL D 17 -15.66 2.90 -11.16
N LYS D 18 -16.26 3.08 -10.00
CA LYS D 18 -17.59 2.60 -9.58
C LYS D 18 -18.57 3.70 -10.01
N ALA D 19 -19.13 3.68 -11.21
CA ALA D 19 -19.98 4.75 -11.71
C ALA D 19 -21.40 4.28 -11.83
N GLY D 20 -22.35 5.26 -11.76
CA GLY D 20 -23.68 4.96 -11.73
C GLY D 20 -24.34 6.24 -11.62
N PHE D 21 -25.72 6.20 -11.48
CA PHE D 21 -26.46 7.41 -11.37
C PHE D 21 -26.71 7.46 -9.87
N ALA D 22 -27.12 8.68 -9.40
CA ALA D 22 -27.59 8.94 -8.00
C ALA D 22 -29.07 8.46 -7.99
N GLY D 23 -29.37 7.83 -6.81
CA GLY D 23 -30.64 7.17 -6.53
C GLY D 23 -30.67 5.76 -7.07
N ASP D 24 -29.59 5.39 -7.85
CA ASP D 24 -29.41 4.02 -8.30
C ASP D 24 -29.02 3.21 -7.14
N ASP D 25 -29.18 1.87 -7.24
CA ASP D 25 -28.90 0.92 -6.20
C ASP D 25 -27.64 0.14 -6.42
N ALA D 26 -26.89 0.18 -7.62
CA ALA D 26 -25.70 -0.57 -7.81
C ALA D 26 -24.87 0.15 -8.81
N PRO D 27 -23.55 0.05 -8.99
CA PRO D 27 -22.84 0.80 -9.95
C PRO D 27 -22.95 -0.03 -11.20
N ARG D 28 -23.72 0.51 -12.11
CA ARG D 28 -24.05 -0.03 -13.38
C ARG D 28 -22.79 -0.17 -14.17
N ALA D 29 -22.00 0.93 -14.23
CA ALA D 29 -20.69 0.88 -14.87
C ALA D 29 -19.52 0.68 -13.89
N VAL D 30 -18.69 -0.48 -14.00
CA VAL D 30 -17.77 -0.75 -13.01
C VAL D 30 -16.69 -1.33 -13.85
N PHE D 31 -15.44 -0.77 -13.65
CA PHE D 31 -14.40 -1.16 -14.55
C PHE D 31 -13.14 -0.70 -13.92
N PRO D 32 -12.00 -1.40 -14.08
CA PRO D 32 -10.78 -1.03 -13.34
C PRO D 32 -10.19 0.27 -13.82
N SER D 33 -9.26 0.88 -13.11
CA SER D 33 -8.66 2.12 -13.42
C SER D 33 -7.39 1.66 -14.13
N ILE D 34 -7.55 1.50 -15.42
CA ILE D 34 -6.41 1.15 -16.30
C ILE D 34 -6.66 1.89 -17.58
N VAL D 35 -5.57 2.51 -18.18
CA VAL D 35 -5.57 3.32 -19.37
C VAL D 35 -4.68 2.34 -20.16
N GLY D 36 -5.09 2.07 -21.43
CA GLY D 36 -4.39 1.13 -22.31
C GLY D 36 -3.58 1.94 -23.26
N ARG D 37 -2.53 1.40 -23.87
CA ARG D 37 -1.74 2.12 -24.84
C ARG D 37 -1.21 1.03 -25.81
N PRO D 38 -1.06 1.12 -27.16
CA PRO D 38 -0.47 0.08 -28.04
C PRO D 38 0.91 -0.54 -27.70
N ARG D 39 1.15 -1.71 -28.35
CA ARG D 39 2.43 -2.31 -28.43
C ARG D 39 2.40 -3.51 -29.36
N HIS D 40 1.40 -3.47 -30.29
CA HIS D 40 1.17 -4.52 -31.31
C HIS D 40 2.37 -4.55 -32.22
N GLN D 41 2.88 -3.35 -32.69
CA GLN D 41 3.95 -3.13 -33.55
C GLN D 41 3.51 -3.69 -34.88
N GLY D 42 4.44 -4.13 -35.76
CA GLY D 42 4.17 -4.67 -37.06
C GLY D 42 3.42 -3.82 -38.04
N VAL D 43 3.03 -4.50 -39.08
CA VAL D 43 2.32 -4.02 -40.20
C VAL D 43 0.85 -3.82 -39.83
N MET D 44 0.37 -2.53 -39.82
CA MET D 44 -0.97 -2.14 -39.53
C MET D 44 -1.45 -1.53 -40.75
N VAL D 45 -2.70 -1.93 -41.06
CA VAL D 45 -3.54 -1.41 -42.11
C VAL D 45 -4.87 -1.35 -41.41
N GLY D 46 -5.05 -2.21 -40.30
CA GLY D 46 -6.28 -2.16 -39.49
C GLY D 46 -6.20 -1.01 -38.50
N MET D 47 -6.68 -1.16 -37.26
CA MET D 47 -6.69 -0.08 -36.25
C MET D 47 -7.51 -0.63 -35.22
N GLY D 48 -7.11 -0.42 -33.96
CA GLY D 48 -7.62 -1.02 -32.66
C GLY D 48 -8.73 -0.02 -32.21
N GLN D 49 -8.94 1.06 -33.01
CA GLN D 49 -10.02 2.14 -32.87
C GLN D 49 -9.70 2.97 -31.63
N LYS D 50 -8.43 3.02 -31.15
CA LYS D 50 -8.04 3.97 -30.13
C LYS D 50 -6.54 3.96 -30.15
N ASP D 51 -5.96 4.87 -29.36
CA ASP D 51 -4.60 4.98 -29.20
C ASP D 51 -4.56 5.16 -27.79
N SER D 52 -5.36 6.07 -27.17
CA SER D 52 -5.46 6.14 -25.79
C SER D 52 -6.73 5.48 -25.32
N TYR D 53 -6.64 4.10 -25.27
CA TYR D 53 -7.61 3.19 -24.76
C TYR D 53 -7.88 3.52 -23.27
N VAL D 54 -9.08 3.28 -22.82
CA VAL D 54 -9.37 3.66 -21.47
C VAL D 54 -10.42 2.74 -21.01
N GLY D 55 -10.40 2.39 -19.66
CA GLY D 55 -11.41 1.73 -18.93
C GLY D 55 -11.64 0.35 -19.50
N ASP D 56 -12.90 -0.05 -19.63
CA ASP D 56 -13.44 -1.23 -20.17
C ASP D 56 -13.05 -1.59 -21.57
N GLU D 57 -12.95 -0.62 -22.48
CA GLU D 57 -12.53 -0.76 -23.86
C GLU D 57 -11.00 -1.23 -23.86
N ALA D 58 -10.25 -0.84 -22.91
CA ALA D 58 -8.85 -1.16 -22.76
C ALA D 58 -8.73 -2.50 -22.21
N GLN D 59 -9.56 -2.83 -21.24
CA GLN D 59 -9.69 -4.09 -20.47
C GLN D 59 -9.96 -5.33 -21.36
N SER D 60 -10.52 -5.08 -22.55
CA SER D 60 -10.84 -6.07 -23.49
C SER D 60 -9.62 -6.77 -23.93
N LYS D 61 -8.61 -5.95 -24.33
CA LYS D 61 -7.30 -6.30 -24.82
C LYS D 61 -6.29 -6.28 -23.72
N ARG D 62 -5.23 -7.11 -23.82
CA ARG D 62 -4.24 -7.11 -22.83
C ARG D 62 -2.95 -7.49 -23.52
N GLY D 63 -3.17 -8.18 -24.65
CA GLY D 63 -2.08 -8.71 -25.45
C GLY D 63 -1.52 -7.79 -26.51
N ILE D 64 -2.17 -6.61 -26.62
CA ILE D 64 -1.88 -5.66 -27.66
C ILE D 64 -1.52 -4.38 -26.86
N LEU D 65 -1.73 -4.30 -25.54
CA LEU D 65 -1.67 -3.09 -24.76
C LEU D 65 -0.73 -3.15 -23.62
N THR D 66 -0.42 -1.95 -23.15
CA THR D 66 0.36 -1.75 -21.91
C THR D 66 -0.55 -1.00 -20.97
N LEU D 67 -0.57 -1.38 -19.69
CA LEU D 67 -1.62 -0.93 -18.78
C LEU D 67 -0.96 0.08 -17.83
N LYS D 68 -1.37 1.33 -17.96
CA LYS D 68 -1.10 2.50 -17.07
C LYS D 68 -2.18 2.50 -16.08
N TYR D 69 -1.88 3.14 -14.97
CA TYR D 69 -2.73 3.10 -13.87
C TYR D 69 -2.83 4.55 -13.40
N PRO D 70 -4.00 5.22 -13.56
CA PRO D 70 -4.01 6.66 -13.50
C PRO D 70 -4.16 7.29 -12.11
N ILE D 71 -4.61 6.56 -11.07
CA ILE D 71 -4.83 7.06 -9.71
C ILE D 71 -4.08 6.12 -8.95
N GLU D 72 -2.96 6.51 -8.27
CA GLU D 72 -2.19 5.56 -7.57
C GLU D 72 -2.06 6.21 -6.20
N HIS D 73 -2.46 5.44 -5.16
CA HIS D 73 -2.48 5.80 -3.80
C HIS D 73 -3.55 6.75 -3.51
N GLY D 74 -4.60 6.80 -4.39
CA GLY D 74 -5.75 7.71 -4.14
C GLY D 74 -5.38 9.11 -4.49
N ILE D 75 -4.23 9.26 -5.20
CA ILE D 75 -3.52 10.46 -5.69
C ILE D 75 -3.55 10.28 -7.19
N ILE D 76 -4.05 11.34 -7.91
CA ILE D 76 -4.32 11.29 -9.32
C ILE D 76 -3.00 11.62 -9.82
N THR D 77 -2.32 10.61 -10.46
CA THR D 77 -1.02 10.73 -11.00
C THR D 77 -0.99 11.61 -12.20
N ASN D 78 -2.08 11.62 -13.00
CA ASN D 78 -1.98 12.32 -14.27
C ASN D 78 -3.45 12.61 -14.45
N TRP D 79 -3.71 13.91 -14.56
CA TRP D 79 -5.03 14.41 -14.70
C TRP D 79 -5.51 14.51 -16.08
N ASP D 80 -4.62 14.44 -17.08
CA ASP D 80 -4.89 14.48 -18.50
C ASP D 80 -5.69 13.19 -18.90
N ASP D 81 -5.45 12.08 -18.23
CA ASP D 81 -6.09 10.86 -18.49
C ASP D 81 -7.37 10.82 -17.82
N MET D 82 -7.52 11.60 -16.69
CA MET D 82 -8.76 11.69 -16.00
C MET D 82 -9.78 12.36 -16.73
N GLU D 83 -9.35 13.31 -17.61
CA GLU D 83 -10.14 13.99 -18.54
C GLU D 83 -10.72 13.08 -19.65
N LYS D 84 -9.88 12.16 -20.14
CA LYS D 84 -10.30 11.19 -21.12
C LYS D 84 -11.18 10.14 -20.51
N ILE D 85 -10.98 9.87 -19.23
CA ILE D 85 -11.82 8.98 -18.43
C ILE D 85 -13.24 9.34 -18.21
N TRP D 86 -13.48 10.62 -17.93
CA TRP D 86 -14.72 11.24 -17.66
C TRP D 86 -15.45 11.51 -18.90
N HIS D 87 -14.71 11.65 -19.98
CA HIS D 87 -15.28 11.77 -21.30
C HIS D 87 -15.83 10.44 -21.83
N HIS D 88 -15.23 9.35 -21.31
CA HIS D 88 -15.64 8.02 -21.51
C HIS D 88 -16.74 7.62 -20.49
N THR D 89 -16.71 8.21 -19.24
CA THR D 89 -17.66 7.82 -18.15
C THR D 89 -19.00 8.31 -18.48
N PHE D 90 -19.12 9.65 -18.62
CA PHE D 90 -20.38 10.40 -18.63
C PHE D 90 -21.09 10.11 -19.90
N TYR D 91 -20.45 10.49 -20.99
CA TYR D 91 -20.88 10.44 -22.34
C TYR D 91 -21.03 9.01 -22.83
N ASN D 92 -20.10 8.08 -22.56
CA ASN D 92 -20.01 6.82 -23.27
C ASN D 92 -20.17 5.64 -22.35
N GLU D 93 -20.24 5.80 -21.00
CA GLU D 93 -20.45 4.68 -20.19
C GLU D 93 -21.69 4.88 -19.42
N LEU D 94 -22.22 6.13 -19.51
CA LEU D 94 -23.47 6.39 -18.82
C LEU D 94 -24.39 7.01 -19.79
N ARG D 95 -23.89 7.51 -20.96
CA ARG D 95 -24.64 7.99 -22.14
C ARG D 95 -25.53 9.10 -21.72
N VAL D 96 -24.95 10.08 -20.98
CA VAL D 96 -25.57 11.30 -20.51
C VAL D 96 -24.49 12.39 -20.61
N ALA D 97 -25.06 13.65 -20.65
CA ALA D 97 -24.32 14.85 -20.69
C ALA D 97 -24.02 15.29 -19.31
N PRO D 98 -22.96 16.05 -19.09
CA PRO D 98 -22.68 16.53 -17.78
C PRO D 98 -23.45 17.95 -17.68
N GLU D 99 -24.01 18.42 -18.84
CA GLU D 99 -24.63 19.70 -18.96
C GLU D 99 -26.04 19.36 -18.58
N GLU D 100 -26.29 18.71 -17.43
CA GLU D 100 -27.55 18.11 -17.05
C GLU D 100 -27.38 17.59 -15.61
N HIS D 101 -26.21 16.84 -15.28
CA HIS D 101 -26.21 16.18 -13.99
C HIS D 101 -25.13 16.71 -13.17
N PRO D 102 -25.32 16.82 -11.84
CA PRO D 102 -24.25 17.05 -10.91
C PRO D 102 -23.43 15.85 -10.70
N THR D 103 -22.39 15.81 -9.86
CA THR D 103 -21.56 14.62 -9.86
C THR D 103 -20.99 14.40 -8.48
N LEU D 104 -21.12 13.21 -7.89
CA LEU D 104 -20.57 12.88 -6.62
C LEU D 104 -19.47 12.01 -6.91
N LEU D 105 -18.14 12.31 -6.64
CA LEU D 105 -16.97 11.54 -6.91
C LEU D 105 -16.37 11.18 -5.57
N THR D 106 -15.33 10.27 -5.49
CA THR D 106 -14.73 10.06 -4.19
C THR D 106 -13.31 10.64 -4.02
N GLU D 107 -13.01 11.06 -2.78
CA GLU D 107 -11.72 11.54 -2.34
C GLU D 107 -11.17 10.68 -1.34
N ALA D 108 -9.98 10.04 -1.57
CA ALA D 108 -9.29 9.33 -0.55
C ALA D 108 -8.80 10.30 0.52
N PRO D 109 -9.33 10.29 1.76
CA PRO D 109 -8.99 11.21 2.86
C PRO D 109 -7.54 11.60 2.92
N LEU D 110 -7.30 12.89 3.21
CA LEU D 110 -6.01 13.45 3.52
C LEU D 110 -5.13 13.49 2.30
N ASN D 111 -5.66 13.63 1.05
CA ASN D 111 -4.92 13.89 -0.20
C ASN D 111 -4.29 15.19 -0.25
N PRO D 112 -3.47 15.37 -1.32
CA PRO D 112 -2.98 16.69 -1.64
C PRO D 112 -4.05 17.62 -1.78
N LYS D 113 -3.79 18.86 -1.36
CA LYS D 113 -4.72 19.97 -1.37
C LYS D 113 -5.13 20.33 -2.71
N ALA D 114 -4.22 20.09 -3.74
CA ALA D 114 -4.43 20.41 -5.09
C ALA D 114 -5.46 19.49 -5.77
N ASN D 115 -5.57 18.19 -5.38
CA ASN D 115 -6.42 17.26 -6.10
C ASN D 115 -7.86 17.68 -6.06
N ARG D 116 -8.22 18.18 -4.85
CA ARG D 116 -9.51 18.64 -4.65
C ARG D 116 -9.92 19.77 -5.58
N GLU D 117 -9.04 20.71 -5.84
CA GLU D 117 -9.20 21.83 -6.74
C GLU D 117 -9.08 21.42 -8.18
N LYS D 118 -8.12 20.55 -8.54
CA LYS D 118 -7.82 20.10 -9.93
C LYS D 118 -9.11 19.42 -10.42
N MET D 119 -9.79 18.55 -9.64
CA MET D 119 -10.96 17.77 -9.88
C MET D 119 -12.11 18.68 -10.15
N THR D 120 -12.33 19.64 -9.29
CA THR D 120 -13.49 20.54 -9.44
C THR D 120 -13.48 21.38 -10.66
N GLN D 121 -12.26 21.83 -11.04
CA GLN D 121 -11.99 22.61 -12.20
C GLN D 121 -12.27 21.99 -13.54
N ILE D 122 -12.02 20.68 -13.63
CA ILE D 122 -12.18 19.90 -14.87
C ILE D 122 -13.65 19.66 -15.14
N MET D 123 -14.43 19.69 -14.08
CA MET D 123 -15.85 19.47 -13.98
C MET D 123 -16.54 20.74 -14.34
N PHE D 124 -16.18 21.87 -13.77
CA PHE D 124 -16.98 23.08 -13.95
C PHE D 124 -16.60 23.71 -15.20
N GLU D 125 -15.32 23.83 -15.49
CA GLU D 125 -14.83 24.47 -16.71
C GLU D 125 -14.88 23.62 -17.94
N THR D 126 -14.69 22.26 -17.88
CA THR D 126 -14.48 21.38 -19.06
C THR D 126 -15.62 20.40 -19.28
N PHE D 127 -16.64 20.46 -18.41
CA PHE D 127 -17.86 19.71 -18.55
C PHE D 127 -19.08 20.57 -18.19
N ASN D 128 -18.92 21.83 -17.74
CA ASN D 128 -19.99 22.75 -17.33
C ASN D 128 -21.04 22.12 -16.38
N VAL D 129 -20.60 21.07 -15.53
CA VAL D 129 -21.39 20.37 -14.55
C VAL D 129 -22.21 21.28 -13.66
N PRO D 130 -23.49 21.11 -13.37
CA PRO D 130 -24.31 22.12 -12.61
C PRO D 130 -23.79 22.21 -11.18
N ALA D 131 -23.21 21.14 -10.55
CA ALA D 131 -22.80 21.19 -9.21
C ALA D 131 -21.98 19.88 -9.07
N MET D 132 -21.16 19.78 -7.98
CA MET D 132 -20.48 18.51 -7.68
C MET D 132 -19.82 18.63 -6.38
N TYR D 133 -19.60 17.46 -5.76
CA TYR D 133 -18.82 17.34 -4.56
C TYR D 133 -18.11 16.09 -4.56
N VAL D 134 -16.86 16.08 -4.07
CA VAL D 134 -16.01 14.93 -4.05
C VAL D 134 -15.89 14.60 -2.63
N ALA D 135 -16.77 13.79 -2.17
CA ALA D 135 -16.87 13.41 -0.72
C ALA D 135 -15.81 12.51 -0.33
N ILE D 136 -15.66 12.41 1.00
CA ILE D 136 -14.50 11.79 1.64
C ILE D 136 -14.75 10.30 1.85
N GLN D 137 -14.00 9.47 1.09
CA GLN D 137 -14.01 8.04 0.89
C GLN D 137 -14.55 7.16 2.04
N ALA D 138 -13.77 7.12 3.17
CA ALA D 138 -13.93 6.12 4.19
C ALA D 138 -15.27 6.38 4.80
N VAL D 139 -15.64 7.72 5.07
CA VAL D 139 -16.84 8.17 5.70
C VAL D 139 -18.08 7.57 5.13
N LEU D 140 -18.11 7.33 3.83
CA LEU D 140 -19.21 6.85 3.07
C LEU D 140 -19.56 5.44 3.35
N SER D 141 -18.60 4.54 3.68
CA SER D 141 -18.78 3.17 4.03
C SER D 141 -19.54 3.05 5.36
N LEU D 142 -19.46 4.16 6.15
CA LEU D 142 -20.18 4.34 7.41
C LEU D 142 -21.65 4.54 7.12
N TYR D 143 -22.00 5.40 6.12
CA TYR D 143 -23.41 5.69 5.74
C TYR D 143 -24.11 4.46 5.08
N ALA D 144 -23.28 3.60 4.36
CA ALA D 144 -23.70 2.40 3.73
C ALA D 144 -24.28 1.44 4.71
N SER D 145 -23.51 1.28 5.82
CA SER D 145 -23.78 0.39 6.93
C SER D 145 -24.94 0.82 7.81
N GLY D 146 -25.22 2.17 7.83
CA GLY D 146 -26.27 2.59 8.74
C GLY D 146 -25.65 2.91 10.10
N ARG D 147 -24.35 2.61 10.24
CA ARG D 147 -23.56 2.89 11.42
C ARG D 147 -23.35 4.36 11.51
N THR D 148 -23.04 4.85 12.76
CA THR D 148 -22.90 6.25 13.07
C THR D 148 -21.63 6.47 13.86
N THR D 149 -20.89 5.34 14.19
CA THR D 149 -19.70 5.45 14.97
C THR D 149 -18.92 4.26 14.59
N GLY D 150 -17.62 4.41 14.58
CA GLY D 150 -16.80 3.23 14.52
C GLY D 150 -15.42 3.59 14.07
N ILE D 151 -14.67 2.53 13.60
CA ILE D 151 -13.36 2.62 13.18
C ILE D 151 -13.41 1.99 11.81
N VAL D 152 -13.11 2.79 10.77
CA VAL D 152 -13.32 2.39 9.35
C VAL D 152 -11.92 2.07 8.89
N LEU D 153 -11.81 0.80 8.44
CA LEU D 153 -10.60 0.30 7.92
C LEU D 153 -10.85 0.08 6.52
N ASP D 154 -10.84 1.21 5.75
CA ASP D 154 -11.08 1.24 4.32
C ASP D 154 -9.83 0.97 3.72
N SER D 155 -9.78 -0.21 3.03
CA SER D 155 -8.68 -0.58 2.27
C SER D 155 -9.16 -0.68 0.91
N GLY D 156 -8.81 0.44 0.18
CA GLY D 156 -9.26 0.71 -1.15
C GLY D 156 -8.38 -0.04 -2.13
N ASP D 157 -7.38 0.63 -2.76
CA ASP D 157 -6.54 -0.23 -3.64
C ASP D 157 -5.14 0.24 -3.50
N GLY D 158 -4.83 1.54 -3.25
CA GLY D 158 -3.49 1.92 -2.99
C GLY D 158 -3.28 2.44 -1.64
N VAL D 159 -4.47 2.63 -0.92
CA VAL D 159 -4.42 3.33 0.32
C VAL D 159 -5.35 2.68 1.24
N THR D 160 -4.85 2.60 2.51
CA THR D 160 -5.47 2.15 3.69
C THR D 160 -5.66 3.39 4.54
N HIS D 161 -6.78 3.40 5.28
CA HIS D 161 -7.08 4.55 6.11
C HIS D 161 -7.66 3.94 7.27
N ASN D 162 -7.33 4.51 8.48
CA ASN D 162 -7.88 4.26 9.82
C ASN D 162 -8.51 5.51 10.24
N VAL D 163 -9.84 5.49 9.97
CA VAL D 163 -10.63 6.68 10.18
C VAL D 163 -11.53 6.25 11.29
N PRO D 164 -11.27 6.61 12.50
CA PRO D 164 -12.34 6.55 13.48
C PRO D 164 -13.33 7.63 13.19
N ILE D 165 -14.61 7.30 13.07
CA ILE D 165 -15.61 8.23 12.62
C ILE D 165 -16.73 8.30 13.66
N TYR D 166 -17.18 9.55 13.68
CA TYR D 166 -18.34 9.92 14.45
C TYR D 166 -19.17 10.69 13.48
N GLU D 167 -20.48 10.95 13.75
CA GLU D 167 -21.39 11.75 13.01
C GLU D 167 -20.95 13.24 12.90
N GLY D 168 -20.39 13.87 13.96
CA GLY D 168 -19.67 15.12 13.90
C GLY D 168 -18.25 14.54 13.61
N TYR D 169 -17.90 14.52 12.30
CA TYR D 169 -16.77 13.75 11.80
C TYR D 169 -15.47 13.99 12.55
N ALA D 170 -14.62 12.93 12.66
CA ALA D 170 -13.41 12.97 13.48
C ALA D 170 -12.49 14.03 12.91
N LEU D 171 -11.87 14.73 13.87
CA LEU D 171 -10.87 15.78 13.61
C LEU D 171 -9.56 15.17 13.19
N PRO D 172 -8.56 15.83 12.62
CA PRO D 172 -7.25 15.28 12.23
C PRO D 172 -6.43 15.15 13.47
N HIS D 173 -6.62 14.14 14.31
CA HIS D 173 -5.86 14.04 15.53
C HIS D 173 -6.01 12.61 15.90
N ALA D 174 -6.95 11.89 15.16
CA ALA D 174 -7.25 10.50 15.29
C ALA D 174 -7.20 9.79 13.89
N ILE D 175 -7.65 10.48 12.87
CA ILE D 175 -7.76 9.85 11.57
C ILE D 175 -6.32 9.78 11.04
N MET D 176 -6.06 8.73 10.22
CA MET D 176 -4.70 8.39 9.77
C MET D 176 -4.82 7.88 8.38
N ARG D 177 -3.73 7.89 7.59
CA ARG D 177 -3.61 7.32 6.22
C ARG D 177 -2.30 6.62 6.18
N LEU D 178 -2.26 5.50 5.44
CA LEU D 178 -1.07 4.69 5.24
C LEU D 178 -1.36 4.01 3.92
N ASP D 179 -0.34 3.82 3.01
CA ASP D 179 -0.43 3.13 1.74
C ASP D 179 -0.23 1.65 2.03
N LEU D 180 -1.24 0.73 1.87
CA LEU D 180 -0.95 -0.64 2.12
C LEU D 180 -2.03 -1.45 1.48
N ALA D 181 -3.05 -0.89 0.66
CA ALA D 181 -4.10 -1.73 0.08
C ALA D 181 -3.71 -2.70 -1.09
N GLY D 182 -4.71 -3.09 -1.83
CA GLY D 182 -4.75 -4.14 -2.90
C GLY D 182 -3.66 -4.10 -4.02
N ARG D 183 -3.40 -2.95 -4.70
CA ARG D 183 -2.28 -2.90 -5.72
C ARG D 183 -0.94 -3.16 -5.17
N ASP D 184 -0.69 -2.78 -3.91
CA ASP D 184 0.54 -2.97 -3.25
C ASP D 184 0.86 -4.44 -2.87
N LEU D 185 -0.24 -5.15 -2.62
CA LEU D 185 -0.22 -6.56 -2.37
C LEU D 185 0.01 -7.26 -3.71
N THR D 186 -0.48 -6.74 -4.86
CA THR D 186 -0.27 -7.47 -6.07
C THR D 186 1.17 -7.60 -6.46
N ASP D 187 2.00 -6.54 -6.32
CA ASP D 187 3.37 -6.47 -6.68
C ASP D 187 4.23 -7.12 -5.72
N TYR D 188 3.68 -7.59 -4.58
CA TYR D 188 4.45 -8.41 -3.67
C TYR D 188 4.20 -9.85 -4.10
N LEU D 189 3.02 -10.31 -4.54
CA LEU D 189 2.69 -11.71 -4.79
C LEU D 189 3.63 -12.24 -5.87
N MET D 190 3.77 -11.48 -6.96
CA MET D 190 4.71 -11.76 -7.99
C MET D 190 6.11 -11.80 -7.53
N LYS D 191 6.44 -10.97 -6.48
CA LYS D 191 7.79 -10.72 -5.96
C LYS D 191 8.23 -11.99 -5.40
N ILE D 192 7.32 -12.60 -4.56
CA ILE D 192 7.75 -13.77 -3.85
C ILE D 192 7.65 -14.94 -4.91
N LEU D 193 6.91 -14.81 -6.03
CA LEU D 193 6.86 -15.76 -7.12
C LEU D 193 7.94 -15.74 -8.12
N THR D 194 8.81 -14.73 -8.11
CA THR D 194 9.88 -14.64 -9.14
C THR D 194 10.86 -15.85 -8.88
N GLU D 195 11.16 -16.13 -7.60
CA GLU D 195 11.96 -17.20 -7.15
C GLU D 195 11.31 -18.52 -7.19
N ARG D 196 9.95 -18.54 -7.49
CA ARG D 196 9.21 -19.75 -7.62
C ARG D 196 9.51 -20.40 -8.88
N GLY D 197 8.99 -19.86 -10.01
CA GLY D 197 9.23 -20.35 -11.28
C GLY D 197 8.24 -19.90 -12.30
N TYR D 198 7.61 -18.73 -12.26
CA TYR D 198 6.69 -18.19 -13.20
C TYR D 198 7.08 -16.72 -13.27
N SER D 199 6.65 -16.02 -14.37
CA SER D 199 7.15 -14.76 -14.79
C SER D 199 6.04 -13.81 -14.88
N PHE D 200 6.15 -12.58 -14.36
CA PHE D 200 5.03 -11.61 -14.31
C PHE D 200 5.52 -10.24 -14.71
N VAL D 201 6.61 -10.10 -15.46
CA VAL D 201 7.23 -8.88 -15.85
C VAL D 201 6.32 -7.77 -16.44
N THR D 202 5.56 -8.03 -17.51
CA THR D 202 4.79 -7.02 -18.11
C THR D 202 3.49 -6.84 -17.39
N THR D 203 2.86 -5.63 -17.56
CA THR D 203 1.81 -4.98 -16.88
C THR D 203 0.57 -5.77 -17.06
N ALA D 204 0.30 -6.15 -18.32
CA ALA D 204 -0.85 -6.90 -18.77
C ALA D 204 -1.06 -8.24 -18.06
N GLU D 205 -0.04 -8.85 -17.50
CA GLU D 205 -0.19 -10.14 -16.77
C GLU D 205 -0.02 -9.96 -15.29
N ARG D 206 0.31 -8.73 -14.97
CA ARG D 206 0.29 -8.17 -13.56
C ARG D 206 -1.15 -8.10 -13.10
N GLU D 207 -2.02 -7.87 -14.07
CA GLU D 207 -3.46 -7.79 -13.96
C GLU D 207 -4.02 -9.15 -13.68
N ILE D 208 -3.37 -10.17 -14.34
CA ILE D 208 -3.65 -11.54 -14.19
C ILE D 208 -3.30 -12.03 -12.75
N VAL D 209 -2.17 -11.53 -12.16
CA VAL D 209 -1.77 -11.68 -10.81
C VAL D 209 -2.85 -11.13 -9.89
N ARG D 210 -3.52 -10.04 -10.27
CA ARG D 210 -4.53 -9.47 -9.42
C ARG D 210 -5.73 -10.37 -9.32
N ASP D 211 -6.02 -11.14 -10.39
CA ASP D 211 -7.08 -12.14 -10.58
C ASP D 211 -6.81 -13.32 -9.76
N ILE D 212 -5.57 -13.79 -9.76
CA ILE D 212 -5.12 -15.01 -9.07
C ILE D 212 -5.25 -14.81 -7.55
N LYS D 213 -5.03 -13.58 -7.09
CA LYS D 213 -5.03 -13.19 -5.75
C LYS D 213 -6.41 -13.32 -5.16
N GLU D 214 -7.39 -12.70 -5.89
CA GLU D 214 -8.68 -12.57 -5.26
C GLU D 214 -9.34 -13.91 -5.08
N LYS D 215 -9.14 -14.84 -6.09
CA LYS D 215 -9.94 -16.11 -6.10
C LYS D 215 -9.18 -17.37 -5.73
N LEU D 216 -8.02 -17.21 -5.09
CA LEU D 216 -7.26 -18.32 -4.56
C LEU D 216 -6.34 -17.97 -3.43
N CYS D 217 -5.91 -16.70 -3.16
CA CYS D 217 -5.04 -16.43 -2.01
C CYS D 217 -5.89 -16.02 -0.81
N TYR D 218 -6.09 -17.00 0.14
CA TYR D 218 -6.88 -16.93 1.38
C TYR D 218 -5.91 -16.46 2.39
N VAL D 219 -6.44 -15.83 3.45
CA VAL D 219 -5.72 -15.29 4.60
C VAL D 219 -5.56 -16.35 5.63
N ALA D 220 -4.26 -16.45 6.07
CA ALA D 220 -3.89 -17.44 7.08
C ALA D 220 -4.43 -17.12 8.38
N LEU D 221 -5.04 -18.10 9.03
CA LEU D 221 -5.53 -18.03 10.38
C LEU D 221 -4.33 -17.84 11.34
N ASP D 222 -3.28 -18.65 11.21
CA ASP D 222 -1.99 -18.44 11.85
C ASP D 222 -1.09 -18.89 10.80
N PHE D 223 -0.22 -17.97 10.32
CA PHE D 223 0.75 -18.20 9.23
C PHE D 223 1.61 -19.41 9.63
N GLU D 224 2.20 -19.40 10.86
CA GLU D 224 3.08 -20.36 11.37
C GLU D 224 2.55 -21.78 11.44
N ASN D 225 1.26 -21.92 11.64
CA ASN D 225 0.60 -23.25 11.78
C ASN D 225 0.32 -23.77 10.42
N GLU D 226 0.20 -22.88 9.39
CA GLU D 226 -0.02 -23.30 8.04
C GLU D 226 1.20 -23.52 7.20
N MET D 227 2.27 -22.97 7.75
CA MET D 227 3.65 -23.08 7.39
C MET D 227 4.16 -24.46 7.66
N ALA D 228 3.70 -24.95 8.84
CA ALA D 228 4.05 -26.29 9.29
C ALA D 228 3.31 -27.37 8.54
N THR D 229 2.12 -27.06 8.03
CA THR D 229 1.35 -27.91 7.21
C THR D 229 2.04 -28.03 5.90
N ALA D 230 2.93 -27.05 5.53
CA ALA D 230 3.71 -27.08 4.25
C ALA D 230 4.47 -28.34 4.07
N ALA D 231 4.85 -29.07 5.18
CA ALA D 231 5.62 -30.30 5.12
C ALA D 231 4.80 -31.28 4.31
N SER D 232 3.50 -31.35 4.57
CA SER D 232 2.56 -32.23 3.89
C SER D 232 1.70 -31.43 3.01
N SER D 233 2.25 -30.67 1.98
CA SER D 233 1.49 -29.80 1.09
C SER D 233 0.46 -30.65 0.29
N SER D 234 -0.73 -30.20 0.29
CA SER D 234 -1.72 -30.90 -0.39
C SER D 234 -2.86 -29.92 -0.48
N SER D 235 -3.24 -29.31 0.68
CA SER D 235 -4.27 -28.39 0.90
C SER D 235 -3.70 -27.06 0.54
N LEU D 236 -2.34 -26.95 0.58
CA LEU D 236 -1.59 -25.76 0.29
C LEU D 236 -1.67 -25.45 -1.15
N GLU D 237 -1.27 -26.51 -1.91
CA GLU D 237 -1.27 -26.35 -3.38
C GLU D 237 -2.62 -26.54 -3.95
N LYS D 238 -2.72 -25.99 -5.23
CA LYS D 238 -3.95 -25.94 -6.03
C LYS D 238 -3.51 -25.08 -7.12
N SER D 239 -3.75 -25.73 -8.30
CA SER D 239 -3.21 -25.15 -9.57
C SER D 239 -4.31 -24.26 -10.11
N TYR D 240 -3.89 -23.03 -10.55
CA TYR D 240 -4.61 -22.02 -11.26
C TYR D 240 -4.11 -22.08 -12.64
N GLU D 241 -4.70 -22.95 -13.50
CA GLU D 241 -4.44 -23.01 -14.92
C GLU D 241 -4.64 -21.64 -15.56
N LEU D 242 -3.65 -21.13 -16.29
CA LEU D 242 -3.60 -19.89 -17.02
C LEU D 242 -3.61 -20.16 -18.51
N PRO D 243 -4.66 -19.83 -19.24
CA PRO D 243 -4.72 -20.33 -20.59
C PRO D 243 -3.82 -19.60 -21.62
N ASP D 244 -2.57 -20.05 -21.53
CA ASP D 244 -1.57 -19.83 -22.52
C ASP D 244 -0.75 -21.10 -22.46
N GLY D 245 -1.32 -22.24 -21.98
CA GLY D 245 -0.68 -23.50 -21.88
C GLY D 245 0.10 -23.76 -20.60
N GLN D 246 -0.24 -23.09 -19.50
CA GLN D 246 0.45 -23.16 -18.24
C GLN D 246 -0.39 -23.45 -17.11
N VAL D 247 0.10 -23.89 -15.97
CA VAL D 247 -0.63 -24.22 -14.76
C VAL D 247 0.12 -23.56 -13.69
N ILE D 248 -0.53 -22.91 -12.73
CA ILE D 248 0.16 -22.15 -11.73
C ILE D 248 -0.19 -22.73 -10.33
N THR D 249 0.53 -23.69 -9.72
CA THR D 249 0.39 -24.34 -8.41
C THR D 249 0.93 -23.33 -7.44
N ILE D 250 0.07 -22.96 -6.43
CA ILE D 250 0.49 -21.99 -5.44
C ILE D 250 0.27 -22.62 -4.07
N GLY D 251 1.47 -22.79 -3.28
CA GLY D 251 1.70 -23.47 -2.02
C GLY D 251 1.60 -22.67 -0.84
N ASN D 252 2.77 -22.12 -0.40
CA ASN D 252 2.73 -21.41 0.82
C ASN D 252 2.33 -19.98 0.53
N GLU D 253 2.48 -19.57 -0.73
CA GLU D 253 2.30 -18.32 -1.35
C GLU D 253 0.91 -17.84 -1.17
N ARG D 254 -0.03 -18.77 -1.08
CA ARG D 254 -1.47 -18.49 -1.02
C ARG D 254 -1.72 -17.69 0.24
N PHE D 255 -0.91 -17.87 1.35
CA PHE D 255 -1.20 -17.24 2.60
C PHE D 255 0.04 -16.48 2.95
N ARG D 256 1.00 -16.26 2.04
CA ARG D 256 2.23 -15.73 2.40
C ARG D 256 2.10 -14.25 2.17
N CYS D 257 1.40 -13.93 1.06
CA CYS D 257 1.10 -12.58 0.61
C CYS D 257 0.08 -12.00 1.58
N PRO D 258 -0.98 -12.68 1.98
CA PRO D 258 -1.78 -12.11 2.97
C PRO D 258 -1.17 -11.78 4.30
N GLU D 259 -0.24 -12.54 4.81
CA GLU D 259 0.50 -12.13 6.03
C GLU D 259 1.33 -10.84 5.85
N THR D 260 1.84 -10.53 4.60
CA THR D 260 2.56 -9.29 4.27
C THR D 260 1.73 -8.04 4.54
N LEU D 261 0.38 -8.15 4.35
CA LEU D 261 -0.67 -7.21 4.56
C LEU D 261 -0.56 -6.71 5.94
N PHE D 262 -0.29 -7.72 6.90
CA PHE D 262 -0.29 -7.46 8.33
C PHE D 262 1.09 -7.20 8.90
N GLN D 263 2.11 -7.48 8.04
CA GLN D 263 3.48 -7.38 8.41
C GLN D 263 4.18 -6.74 7.22
N PRO D 264 4.28 -5.40 7.06
CA PRO D 264 4.94 -4.76 5.90
C PRO D 264 6.40 -5.04 5.87
N SER D 265 6.99 -5.68 6.91
CA SER D 265 8.37 -6.00 7.03
C SER D 265 8.91 -6.85 5.96
N PHE D 266 8.11 -7.71 5.26
CA PHE D 266 8.47 -8.54 4.16
C PHE D 266 8.65 -7.79 2.86
N ILE D 267 8.18 -6.57 2.79
CA ILE D 267 8.28 -5.66 1.67
C ILE D 267 9.65 -5.06 1.69
N GLY D 268 9.97 -4.72 2.93
CA GLY D 268 11.15 -3.91 3.20
C GLY D 268 10.61 -2.64 3.81
N MET D 269 9.25 -2.61 4.05
CA MET D 269 8.57 -1.38 4.58
C MET D 269 8.66 -1.44 6.10
N GLU D 270 8.94 -0.37 6.79
CA GLU D 270 9.09 -0.37 8.24
C GLU D 270 7.79 -0.10 8.92
N SER D 271 6.66 0.09 8.13
CA SER D 271 5.31 0.40 8.65
C SER D 271 4.63 -0.72 9.46
N ALA D 272 3.48 -0.36 10.09
CA ALA D 272 2.75 -1.27 10.93
C ALA D 272 1.61 -1.78 10.12
N GLY D 273 1.24 -3.11 10.30
CA GLY D 273 0.07 -3.79 9.76
C GLY D 273 -1.23 -3.07 10.10
N ILE D 274 -2.33 -3.57 9.47
CA ILE D 274 -3.65 -2.98 9.68
C ILE D 274 -4.21 -3.23 11.08
N HIS D 275 -3.71 -4.15 11.82
CA HIS D 275 -4.31 -4.51 13.10
C HIS D 275 -3.63 -3.79 14.19
N GLU D 276 -2.42 -3.19 13.92
CA GLU D 276 -1.70 -2.40 14.87
C GLU D 276 -2.15 -0.98 14.98
N THR D 277 -2.44 -0.36 13.79
CA THR D 277 -2.90 0.98 13.59
C THR D 277 -4.21 1.15 14.25
N THR D 278 -4.99 0.03 14.36
CA THR D 278 -6.31 0.00 14.96
C THR D 278 -6.36 0.39 16.39
N TYR D 279 -5.32 -0.09 17.09
CA TYR D 279 -5.06 0.18 18.42
C TYR D 279 -4.64 1.55 18.65
N ASN D 280 -3.68 2.00 17.84
CA ASN D 280 -3.12 3.32 17.90
C ASN D 280 -4.13 4.39 17.86
N SER D 281 -5.07 4.22 16.94
CA SER D 281 -6.09 5.28 16.64
C SER D 281 -7.18 5.31 17.70
N ILE D 282 -7.44 4.21 18.46
CA ILE D 282 -8.49 4.09 19.41
C ILE D 282 -7.80 4.66 20.64
N MET D 283 -6.52 4.35 20.88
CA MET D 283 -5.86 4.80 22.06
C MET D 283 -5.66 6.28 22.06
N LYS D 284 -5.66 6.83 20.86
CA LYS D 284 -5.68 8.29 20.71
C LYS D 284 -7.01 8.86 21.05
N CYS D 285 -8.09 8.15 20.68
CA CYS D 285 -9.46 8.64 20.93
C CYS D 285 -9.71 8.60 22.35
N ASP D 286 -10.71 9.36 22.84
CA ASP D 286 -11.24 9.46 24.14
C ASP D 286 -11.78 8.23 24.76
N ILE D 287 -11.59 8.19 26.12
CA ILE D 287 -11.77 6.94 26.93
C ILE D 287 -13.17 6.47 26.84
N ASP D 288 -14.13 7.43 26.84
CA ASP D 288 -15.52 7.32 26.72
C ASP D 288 -15.93 7.12 25.25
N ILE D 289 -15.05 6.53 24.44
CA ILE D 289 -15.41 6.14 23.12
C ILE D 289 -14.83 4.77 22.91
N ARG D 290 -13.78 4.32 23.61
CA ARG D 290 -13.03 3.18 23.21
C ARG D 290 -13.76 1.86 23.27
N LYS D 291 -14.65 1.54 24.21
CA LYS D 291 -15.38 0.26 24.25
C LYS D 291 -16.21 0.02 22.97
N ASP D 292 -16.73 1.09 22.35
CA ASP D 292 -17.67 0.98 21.22
C ASP D 292 -16.94 1.08 19.96
N LEU D 293 -15.66 1.55 20.06
CA LEU D 293 -14.81 1.59 18.85
C LEU D 293 -14.47 0.17 18.47
N TYR D 294 -14.40 -0.66 19.57
CA TYR D 294 -14.08 -2.06 19.48
C TYR D 294 -15.33 -2.84 19.16
N ALA D 295 -16.52 -2.39 19.56
CA ALA D 295 -17.82 -2.87 19.14
C ALA D 295 -18.08 -2.72 17.67
N ASN D 296 -17.49 -1.64 17.09
CA ASN D 296 -17.86 -1.11 15.80
C ASN D 296 -16.61 -1.11 14.99
N ASN D 297 -15.91 -2.25 14.76
CA ASN D 297 -14.74 -2.23 13.93
C ASN D 297 -15.26 -2.56 12.48
N VAL D 298 -15.51 -1.49 11.71
CA VAL D 298 -15.92 -1.47 10.33
C VAL D 298 -14.71 -1.71 9.47
N MET D 299 -14.74 -2.69 8.55
CA MET D 299 -13.65 -3.12 7.79
C MET D 299 -14.22 -3.21 6.44
N SER D 300 -13.92 -2.11 5.68
CA SER D 300 -14.47 -1.87 4.42
C SER D 300 -13.42 -1.94 3.28
N GLY D 301 -13.87 -1.84 2.02
CA GLY D 301 -13.04 -1.77 0.84
C GLY D 301 -12.81 -3.10 0.33
N GLY D 302 -12.53 -3.22 -1.03
CA GLY D 302 -12.51 -4.50 -1.68
C GLY D 302 -11.41 -5.42 -1.29
N THR D 303 -10.31 -4.84 -0.73
CA THR D 303 -9.16 -5.55 -0.23
C THR D 303 -9.54 -6.40 0.92
N THR D 304 -10.61 -6.08 1.66
CA THR D 304 -10.89 -6.80 2.91
C THR D 304 -11.96 -7.79 2.68
N MET D 305 -11.82 -8.49 1.52
CA MET D 305 -12.77 -9.54 1.21
C MET D 305 -12.13 -10.86 0.82
N TYR D 306 -10.75 -11.00 0.97
CA TYR D 306 -10.10 -12.24 0.67
C TYR D 306 -10.69 -13.31 1.52
N PRO D 307 -10.89 -14.61 1.13
CA PRO D 307 -11.32 -15.65 2.04
C PRO D 307 -10.46 -15.73 3.34
N GLY D 308 -11.08 -15.63 4.56
CA GLY D 308 -10.41 -15.74 5.78
C GLY D 308 -9.93 -14.48 6.27
N ILE D 309 -10.06 -13.32 5.57
CA ILE D 309 -9.63 -11.98 5.94
C ILE D 309 -10.22 -11.49 7.23
N ALA D 310 -11.52 -11.65 7.45
CA ALA D 310 -12.22 -11.17 8.60
C ALA D 310 -11.92 -11.79 9.89
N ASP D 311 -11.69 -13.14 9.84
CA ASP D 311 -11.43 -13.93 10.99
C ASP D 311 -10.10 -13.63 11.65
N ARG D 312 -9.11 -13.13 10.88
CA ARG D 312 -7.78 -12.67 11.33
C ARG D 312 -7.92 -11.45 12.15
N MET D 313 -8.95 -10.62 11.89
CA MET D 313 -9.15 -9.44 12.75
C MET D 313 -9.98 -9.77 13.95
N GLN D 314 -10.29 -11.10 14.16
CA GLN D 314 -11.07 -11.53 15.31
C GLN D 314 -10.11 -12.04 16.32
N LYS D 315 -8.85 -12.39 15.90
CA LYS D 315 -7.79 -12.96 16.74
C LYS D 315 -6.64 -12.03 16.90
N GLU D 316 -6.29 -11.23 15.89
CA GLU D 316 -5.19 -10.32 16.02
C GLU D 316 -5.42 -9.10 16.90
N ILE D 317 -6.62 -8.49 16.74
CA ILE D 317 -7.01 -7.31 17.46
C ILE D 317 -7.23 -7.67 18.85
N THR D 318 -7.94 -8.81 19.03
CA THR D 318 -8.22 -9.32 20.36
C THR D 318 -6.90 -9.69 21.17
N ALA D 319 -5.85 -9.77 20.43
CA ALA D 319 -4.60 -10.13 20.99
C ALA D 319 -4.07 -9.13 22.03
N LEU D 320 -3.78 -7.91 21.51
CA LEU D 320 -3.31 -6.89 22.38
C LEU D 320 -4.35 -5.88 22.71
N ALA D 321 -5.61 -6.22 22.44
CA ALA D 321 -6.71 -5.44 22.89
C ALA D 321 -7.16 -5.85 24.27
N PRO D 322 -7.83 -5.13 25.18
CA PRO D 322 -8.41 -5.61 26.43
C PRO D 322 -9.48 -6.77 26.31
N SER D 323 -9.86 -7.36 27.44
CA SER D 323 -10.80 -8.43 27.43
C SER D 323 -12.06 -7.91 28.16
N THR D 324 -12.18 -6.54 28.24
CA THR D 324 -13.17 -5.86 29.01
C THR D 324 -14.29 -5.21 28.15
N MET D 325 -14.41 -5.49 26.85
CA MET D 325 -15.34 -4.86 26.00
C MET D 325 -15.69 -5.92 25.01
N LYS D 326 -16.92 -5.86 24.49
CA LYS D 326 -17.38 -6.65 23.41
C LYS D 326 -16.81 -6.23 22.06
N ILE D 327 -15.90 -7.21 21.59
CA ILE D 327 -15.18 -7.04 20.34
C ILE D 327 -16.21 -7.60 19.33
N LYS D 328 -16.65 -6.81 18.34
CA LYS D 328 -17.44 -7.38 17.29
C LYS D 328 -16.85 -6.72 16.13
N ILE D 329 -16.35 -7.47 15.18
CA ILE D 329 -15.90 -7.04 13.85
C ILE D 329 -17.08 -6.92 13.04
N ILE D 330 -17.36 -5.76 12.51
CA ILE D 330 -18.35 -5.39 11.56
C ILE D 330 -17.66 -5.47 10.27
N ALA D 331 -17.99 -6.50 9.40
CA ALA D 331 -17.49 -6.79 8.12
C ALA D 331 -18.67 -7.32 7.31
N PRO D 332 -19.49 -6.51 6.64
CA PRO D 332 -20.71 -6.90 5.97
C PRO D 332 -20.51 -8.02 4.96
N PRO D 333 -21.42 -8.80 4.36
CA PRO D 333 -21.13 -9.79 3.34
C PRO D 333 -20.50 -9.30 2.07
N GLU D 334 -20.67 -7.99 1.86
CA GLU D 334 -20.28 -7.39 0.58
C GLU D 334 -19.71 -6.06 1.09
N ARG D 335 -18.49 -5.56 0.67
CA ARG D 335 -17.95 -4.34 1.18
C ARG D 335 -16.98 -3.84 0.13
N LYS D 336 -17.27 -4.29 -1.09
CA LYS D 336 -16.54 -3.80 -2.30
C LYS D 336 -17.07 -2.47 -2.67
N TYR D 337 -18.42 -2.32 -2.76
CA TYR D 337 -19.22 -1.17 -3.07
C TYR D 337 -19.74 -0.49 -1.85
N SER D 338 -19.01 -0.68 -0.71
CA SER D 338 -19.40 -0.03 0.47
C SER D 338 -19.39 1.42 0.37
N VAL D 339 -18.43 1.93 -0.43
CA VAL D 339 -18.32 3.38 -0.57
C VAL D 339 -19.35 3.84 -1.57
N TRP D 340 -19.68 2.94 -2.56
CA TRP D 340 -20.54 3.33 -3.63
C TRP D 340 -22.02 3.43 -3.29
N ILE D 341 -22.39 2.45 -2.39
CA ILE D 341 -23.71 2.29 -1.92
C ILE D 341 -24.07 3.41 -0.95
N GLY D 342 -23.13 3.74 -0.06
CA GLY D 342 -23.21 4.86 0.88
C GLY D 342 -23.32 6.19 0.14
N GLY D 343 -22.64 6.29 -1.02
CA GLY D 343 -22.60 7.47 -1.86
C GLY D 343 -23.90 7.67 -2.56
N SER D 344 -24.73 6.60 -2.77
CA SER D 344 -26.06 6.69 -3.34
C SER D 344 -26.96 7.36 -2.36
N ILE D 345 -26.79 6.99 -1.06
CA ILE D 345 -27.77 7.39 0.02
C ILE D 345 -27.68 8.89 0.17
N LEU D 346 -26.47 9.44 0.25
CA LEU D 346 -26.23 10.83 0.25
C LEU D 346 -26.62 11.53 -1.00
N ALA D 347 -26.50 10.91 -2.17
CA ALA D 347 -27.01 11.50 -3.35
C ALA D 347 -28.51 11.44 -3.56
N SER D 348 -29.17 10.73 -2.62
CA SER D 348 -30.64 10.77 -2.59
C SER D 348 -31.20 11.73 -1.49
N LEU D 349 -30.28 12.50 -0.84
CA LEU D 349 -30.67 13.40 0.19
C LEU D 349 -30.50 14.67 -0.44
N SER D 350 -31.45 15.62 -0.11
CA SER D 350 -31.47 16.93 -0.70
C SER D 350 -30.62 17.89 0.02
N THR D 351 -30.32 17.63 1.31
CA THR D 351 -29.42 18.47 2.04
C THR D 351 -28.05 18.20 1.51
N PHE D 352 -27.73 17.00 0.97
CA PHE D 352 -26.38 16.82 0.31
C PHE D 352 -26.31 17.55 -1.01
N GLN D 353 -27.51 17.80 -1.63
CA GLN D 353 -27.63 18.67 -2.79
C GLN D 353 -27.23 20.09 -2.52
N GLN D 354 -27.44 20.63 -1.24
CA GLN D 354 -27.23 21.98 -0.91
C GLN D 354 -25.86 22.01 -0.23
N MET D 355 -25.30 20.79 0.09
CA MET D 355 -23.99 20.69 0.63
C MET D 355 -22.94 20.71 -0.47
N TRP D 356 -23.37 20.54 -1.78
CA TRP D 356 -22.41 20.40 -2.83
C TRP D 356 -22.42 21.71 -3.56
N ILE D 357 -21.34 21.86 -4.41
CA ILE D 357 -20.85 23.15 -4.92
C ILE D 357 -21.32 23.30 -6.29
N THR D 358 -22.05 24.45 -6.48
CA THR D 358 -22.73 24.73 -7.77
C THR D 358 -21.70 25.29 -8.70
N LYS D 359 -22.05 25.21 -9.97
CA LYS D 359 -21.36 25.67 -11.16
C LYS D 359 -20.95 27.09 -10.88
N GLN D 360 -21.91 27.95 -10.64
CA GLN D 360 -21.70 29.39 -10.52
C GLN D 360 -20.89 29.82 -9.42
N GLU D 361 -20.95 29.08 -8.32
CA GLU D 361 -20.15 29.30 -7.14
C GLU D 361 -18.67 29.30 -7.36
N TYR D 362 -18.26 28.49 -8.36
CA TYR D 362 -16.88 28.23 -8.75
C TYR D 362 -16.39 29.55 -9.31
N ASP D 363 -17.15 30.34 -10.09
CA ASP D 363 -16.75 31.66 -10.65
C ASP D 363 -16.82 32.72 -9.59
N GLU D 364 -17.70 32.57 -8.61
CA GLU D 364 -17.84 33.49 -7.57
C GLU D 364 -16.73 33.40 -6.55
N ALA D 365 -15.86 32.33 -6.47
CA ALA D 365 -14.98 32.14 -5.40
C ALA D 365 -13.77 31.36 -5.93
N GLY D 366 -13.57 31.37 -7.21
CA GLY D 366 -12.46 30.66 -7.73
C GLY D 366 -12.43 29.17 -7.56
N PRO D 367 -11.18 28.64 -7.75
CA PRO D 367 -10.94 27.20 -7.64
C PRO D 367 -11.03 26.81 -6.18
N SER D 368 -10.85 27.84 -5.32
CA SER D 368 -10.75 27.78 -3.91
C SER D 368 -12.11 27.51 -3.22
N ILE D 369 -13.18 27.48 -4.03
CA ILE D 369 -14.56 27.16 -3.56
C ILE D 369 -14.61 25.88 -2.83
N VAL D 370 -13.75 24.92 -3.24
CA VAL D 370 -13.73 23.60 -2.71
C VAL D 370 -13.41 23.70 -1.26
N HIS D 371 -12.20 24.20 -0.87
CA HIS D 371 -11.79 24.36 0.48
C HIS D 371 -12.62 25.37 1.27
N ARG D 372 -13.44 26.27 0.62
CA ARG D 372 -14.25 27.13 1.38
C ARG D 372 -15.45 26.33 1.88
N LYS D 373 -16.01 25.33 1.11
CA LYS D 373 -17.20 24.57 1.45
C LYS D 373 -16.89 23.39 2.18
N CYS D 374 -16.12 22.45 1.66
CA CYS D 374 -15.61 21.32 2.35
C CYS D 374 -14.33 21.88 2.88
N PHE D 375 -13.73 21.16 3.84
CA PHE D 375 -12.41 21.49 4.35
C PHE D 375 -11.21 21.15 3.40
N ASP E 1 -9.78 8.09 -66.37
CA ASP E 1 -8.78 7.76 -67.44
C ASP E 1 -9.08 8.71 -68.52
N GLU E 2 -8.01 9.49 -68.98
CA GLU E 2 -7.97 10.55 -69.92
C GLU E 2 -8.55 11.75 -69.30
N ASP E 3 -8.83 11.85 -68.01
CA ASP E 3 -9.34 13.02 -67.31
C ASP E 3 -9.42 12.77 -65.83
N GLU E 4 -9.25 11.46 -65.38
CA GLU E 4 -9.20 10.90 -64.08
C GLU E 4 -7.86 10.29 -63.99
N THR E 5 -7.29 10.39 -62.81
CA THR E 5 -5.98 9.95 -62.54
C THR E 5 -5.75 8.41 -62.79
N THR E 6 -6.71 7.61 -62.34
CA THR E 6 -6.81 6.20 -62.34
C THR E 6 -5.62 5.36 -62.62
N ALA E 7 -4.95 4.93 -61.52
CA ALA E 7 -3.73 4.14 -61.50
C ALA E 7 -3.86 2.77 -62.06
N LEU E 8 -2.64 2.18 -62.12
CA LEU E 8 -2.52 0.81 -62.38
C LEU E 8 -2.20 0.20 -61.09
N VAL E 9 -2.15 -1.20 -61.19
CA VAL E 9 -1.80 -2.00 -60.05
C VAL E 9 -0.82 -2.98 -60.63
N CYS E 10 0.40 -3.01 -60.14
CA CYS E 10 1.48 -3.75 -60.76
C CYS E 10 2.07 -4.37 -59.46
N ASP E 11 2.35 -5.71 -59.61
CA ASP E 11 2.94 -6.46 -58.58
C ASP E 11 4.14 -7.03 -59.31
N ASN E 12 5.18 -6.13 -59.46
CA ASN E 12 6.42 -6.45 -60.16
C ASN E 12 7.27 -7.28 -59.10
N GLY E 13 6.82 -8.52 -58.83
CA GLY E 13 7.33 -9.48 -57.93
C GLY E 13 8.36 -10.29 -58.63
N SER E 14 8.90 -11.34 -57.98
CA SER E 14 9.98 -12.16 -58.52
C SER E 14 9.45 -13.44 -59.18
N GLY E 15 8.17 -13.46 -59.41
CA GLY E 15 7.45 -14.66 -59.95
C GLY E 15 6.49 -14.29 -61.05
N LEU E 16 5.67 -13.27 -60.92
CA LEU E 16 4.82 -12.90 -62.01
C LEU E 16 4.72 -11.41 -61.98
N VAL E 17 4.73 -10.64 -63.13
CA VAL E 17 4.49 -9.30 -63.17
C VAL E 17 3.04 -9.32 -63.36
N LYS E 18 2.35 -9.24 -62.22
CA LYS E 18 0.97 -9.22 -62.07
C LYS E 18 0.51 -7.80 -62.18
N ALA E 19 0.17 -7.36 -63.36
CA ALA E 19 -0.29 -6.06 -63.60
C ALA E 19 -1.75 -6.19 -64.00
N GLY E 20 -2.43 -5.07 -63.82
CA GLY E 20 -3.82 -4.91 -64.02
C GLY E 20 -4.16 -3.53 -63.67
N PHE E 21 -5.44 -3.09 -63.71
CA PHE E 21 -5.83 -1.72 -63.47
C PHE E 21 -6.34 -1.59 -62.06
N ALA E 22 -6.47 -0.30 -61.64
CA ALA E 22 -7.04 0.05 -60.33
C ALA E 22 -8.54 -0.29 -60.11
N GLY E 23 -8.82 -0.98 -59.02
CA GLY E 23 -10.17 -1.35 -58.65
C GLY E 23 -10.55 -2.60 -59.31
N ASP E 24 -9.61 -3.34 -59.95
CA ASP E 24 -9.95 -4.56 -60.65
C ASP E 24 -9.67 -5.67 -59.60
N ASP E 25 -10.28 -6.87 -59.88
CA ASP E 25 -10.09 -8.04 -59.14
C ASP E 25 -9.48 -9.12 -59.99
N ALA E 26 -8.85 -8.74 -61.13
CA ALA E 26 -8.18 -9.69 -62.00
C ALA E 26 -6.99 -8.99 -62.58
N PRO E 27 -5.80 -9.53 -62.61
CA PRO E 27 -4.68 -8.88 -63.17
C PRO E 27 -4.61 -9.33 -64.65
N ARG E 28 -4.81 -8.31 -65.54
CA ARG E 28 -4.92 -8.43 -66.97
C ARG E 28 -3.77 -9.10 -67.53
N ALA E 29 -2.56 -8.53 -67.17
CA ALA E 29 -1.27 -9.01 -67.59
C ALA E 29 -0.77 -9.83 -66.50
N VAL E 30 -0.51 -11.15 -66.78
CA VAL E 30 0.17 -11.95 -65.80
C VAL E 30 1.00 -12.69 -66.69
N PHE E 31 2.32 -12.61 -66.34
CA PHE E 31 3.31 -13.14 -67.16
C PHE E 31 4.53 -13.24 -66.26
N PRO E 32 5.46 -14.15 -66.52
CA PRO E 32 6.55 -14.33 -65.58
C PRO E 32 7.46 -13.16 -65.44
N SER E 33 8.40 -13.31 -64.50
CA SER E 33 9.44 -12.39 -64.17
C SER E 33 10.77 -12.86 -64.61
N ILE E 34 10.85 -13.66 -65.72
CA ILE E 34 12.03 -14.17 -66.34
C ILE E 34 12.16 -13.44 -67.66
N VAL E 35 13.42 -12.99 -67.97
CA VAL E 35 13.76 -12.20 -69.11
C VAL E 35 14.67 -13.25 -69.70
N GLY E 36 14.59 -13.49 -71.03
CA GLY E 36 15.22 -14.55 -71.73
C GLY E 36 16.44 -14.07 -72.42
N ARG E 37 17.46 -14.86 -72.82
CA ARG E 37 18.66 -14.47 -73.49
C ARG E 37 19.00 -15.61 -74.37
N PRO E 38 19.44 -15.49 -75.63
CA PRO E 38 19.85 -16.59 -76.45
C PRO E 38 20.90 -17.50 -75.97
N ARG E 39 21.10 -18.69 -76.66
CA ARG E 39 22.15 -19.63 -76.42
C ARG E 39 22.22 -20.61 -77.56
N HIS E 40 21.43 -20.40 -78.65
CA HIS E 40 21.30 -21.31 -79.80
C HIS E 40 22.30 -21.13 -80.82
N GLN E 41 22.83 -19.90 -80.77
CA GLN E 41 23.87 -19.49 -81.64
C GLN E 41 23.58 -19.68 -83.09
N GLY E 42 24.64 -19.75 -84.02
CA GLY E 42 24.49 -19.99 -85.41
C GLY E 42 24.55 -18.75 -86.27
N VAL E 43 24.30 -18.97 -87.59
CA VAL E 43 24.12 -17.94 -88.53
C VAL E 43 22.70 -17.64 -88.62
N MET E 44 22.26 -16.70 -89.49
CA MET E 44 20.94 -16.24 -89.57
C MET E 44 20.88 -15.59 -90.91
N VAL E 45 19.62 -15.59 -91.35
CA VAL E 45 19.18 -14.98 -92.57
C VAL E 45 17.77 -14.57 -92.17
N GLY E 46 16.86 -15.53 -91.87
CA GLY E 46 15.60 -15.31 -91.18
C GLY E 46 16.02 -15.35 -89.67
N MET E 47 15.18 -14.94 -88.73
CA MET E 47 15.54 -14.83 -87.36
C MET E 47 14.22 -14.85 -86.71
N GLY E 48 14.14 -14.90 -85.37
CA GLY E 48 12.99 -14.90 -84.65
C GLY E 48 12.37 -13.58 -84.44
N GLN E 49 13.07 -12.52 -84.82
CA GLN E 49 12.61 -11.18 -84.96
C GLN E 49 12.66 -10.56 -83.65
N LYS E 50 13.55 -11.01 -82.78
CA LYS E 50 13.61 -10.50 -81.40
C LYS E 50 15.10 -10.76 -81.08
N ASP E 51 15.62 -10.25 -79.97
CA ASP E 51 16.95 -10.58 -79.56
C ASP E 51 17.13 -10.23 -78.12
N SER E 52 16.04 -9.51 -77.65
CA SER E 52 15.70 -9.09 -76.35
C SER E 52 14.39 -9.73 -76.04
N TYR E 53 14.36 -10.64 -75.02
CA TYR E 53 13.23 -11.54 -74.71
C TYR E 53 12.73 -11.18 -73.31
N VAL E 54 11.38 -11.04 -73.14
CA VAL E 54 10.82 -10.47 -71.95
C VAL E 54 9.50 -11.05 -71.63
N GLY E 55 9.29 -11.52 -70.40
CA GLY E 55 8.07 -12.12 -69.83
C GLY E 55 7.63 -13.37 -70.49
N ASP E 56 6.31 -13.47 -70.82
CA ASP E 56 5.67 -14.62 -71.57
C ASP E 56 6.32 -14.97 -72.94
N GLU E 57 6.75 -13.88 -73.67
CA GLU E 57 7.53 -13.86 -74.92
C GLU E 57 8.90 -14.56 -74.76
N ALA E 58 9.41 -14.44 -73.57
CA ALA E 58 10.66 -15.03 -73.18
C ALA E 58 10.44 -16.42 -72.95
N GLN E 59 9.36 -16.74 -72.23
CA GLN E 59 8.89 -18.03 -71.84
C GLN E 59 8.54 -18.98 -72.95
N SER E 60 8.20 -18.39 -74.07
CA SER E 60 7.68 -19.03 -75.24
C SER E 60 8.71 -19.93 -75.76
N LYS E 61 9.94 -19.39 -75.89
CA LYS E 61 11.04 -20.08 -76.34
C LYS E 61 11.95 -20.43 -75.19
N ARG E 62 12.34 -21.74 -75.17
CA ARG E 62 13.18 -22.14 -74.11
C ARG E 62 14.28 -22.96 -74.60
N GLY E 63 14.10 -23.46 -75.82
CA GLY E 63 14.94 -24.36 -76.54
C GLY E 63 16.00 -23.59 -77.26
N ILE E 64 15.90 -22.25 -77.34
CA ILE E 64 16.81 -21.41 -78.08
C ILE E 64 17.40 -20.52 -77.05
N LEU E 65 16.88 -20.54 -75.78
CA LEU E 65 17.27 -19.53 -74.78
C LEU E 65 17.67 -20.14 -73.46
N THR E 66 18.35 -19.27 -72.63
CA THR E 66 18.72 -19.54 -71.25
C THR E 66 17.91 -18.45 -70.58
N LEU E 67 17.24 -18.78 -69.45
CA LEU E 67 16.25 -17.89 -68.89
C LEU E 67 16.92 -17.36 -67.71
N LYS E 68 17.18 -16.02 -67.77
CA LYS E 68 17.73 -15.21 -66.79
C LYS E 68 16.63 -14.78 -65.92
N TYR E 69 16.89 -14.49 -64.64
CA TYR E 69 15.93 -14.12 -63.64
C TYR E 69 16.34 -12.84 -63.20
N PRO E 70 15.72 -11.75 -63.60
CA PRO E 70 16.09 -10.37 -63.15
C PRO E 70 16.07 -10.09 -61.68
N ILE E 71 15.23 -10.82 -60.95
CA ILE E 71 14.90 -10.53 -59.52
C ILE E 71 15.19 -11.74 -58.87
N GLU E 72 16.25 -11.81 -58.04
CA GLU E 72 16.51 -12.96 -57.26
C GLU E 72 16.74 -12.41 -55.94
N HIS E 73 15.91 -12.95 -55.04
CA HIS E 73 15.99 -12.79 -53.66
C HIS E 73 15.47 -11.50 -53.25
N GLY E 74 14.66 -10.99 -54.17
CA GLY E 74 13.88 -9.74 -54.04
C GLY E 74 14.80 -8.63 -54.43
N ILE E 75 16.01 -8.88 -54.99
CA ILE E 75 16.99 -7.88 -55.40
C ILE E 75 17.01 -7.94 -56.87
N ILE E 76 16.75 -6.79 -57.49
CA ILE E 76 16.66 -6.69 -58.94
C ILE E 76 18.12 -6.51 -59.45
N THR E 77 18.75 -7.51 -60.05
CA THR E 77 20.10 -7.51 -60.41
C THR E 77 20.32 -6.76 -61.66
N ASN E 78 19.23 -6.64 -62.52
CA ASN E 78 19.45 -6.05 -63.81
C ASN E 78 18.34 -5.12 -64.01
N TRP E 79 18.69 -3.86 -64.05
CA TRP E 79 17.77 -2.72 -64.14
C TRP E 79 17.48 -2.29 -65.53
N ASP E 80 18.35 -2.71 -66.49
CA ASP E 80 18.29 -2.41 -67.91
C ASP E 80 17.06 -2.88 -68.64
N ASP E 81 16.56 -4.08 -68.22
CA ASP E 81 15.39 -4.77 -68.63
C ASP E 81 14.25 -4.26 -67.94
N MET E 82 14.35 -3.68 -66.77
CA MET E 82 13.20 -3.31 -65.99
C MET E 82 12.41 -2.21 -66.68
N GLU E 83 13.03 -1.27 -67.42
CA GLU E 83 12.22 -0.30 -68.17
C GLU E 83 11.40 -0.93 -69.22
N LYS E 84 12.04 -1.94 -69.89
CA LYS E 84 11.51 -2.73 -71.02
C LYS E 84 10.46 -3.67 -70.53
N ILE E 85 10.55 -4.16 -69.27
CA ILE E 85 9.48 -5.01 -68.62
C ILE E 85 8.22 -4.20 -68.51
N TRP E 86 8.44 -2.96 -68.10
CA TRP E 86 7.41 -2.06 -67.79
C TRP E 86 6.89 -1.42 -69.02
N HIS E 87 7.73 -1.33 -70.07
CA HIS E 87 7.25 -1.02 -71.37
C HIS E 87 6.39 -2.13 -72.02
N HIS E 88 6.62 -3.39 -71.57
CA HIS E 88 5.90 -4.57 -72.00
C HIS E 88 4.63 -4.69 -71.25
N THR E 89 4.63 -4.20 -69.99
CA THR E 89 3.41 -4.06 -69.22
C THR E 89 2.57 -2.97 -69.74
N PHE E 90 2.99 -1.68 -69.76
CA PHE E 90 2.07 -0.56 -69.98
C PHE E 90 1.78 -0.65 -71.45
N TYR E 91 2.78 -0.49 -72.33
CA TYR E 91 2.40 -0.26 -73.69
C TYR E 91 1.83 -1.48 -74.37
N ASN E 92 2.53 -2.62 -74.10
CA ASN E 92 2.29 -3.82 -74.89
C ASN E 92 1.40 -4.87 -74.27
N GLU E 93 0.67 -4.64 -73.13
CA GLU E 93 -0.20 -5.67 -72.55
C GLU E 93 -1.49 -4.83 -72.12
N LEU E 94 -1.27 -3.77 -71.30
CA LEU E 94 -2.38 -3.07 -70.68
C LEU E 94 -2.83 -2.07 -71.67
N ARG E 95 -1.94 -1.63 -72.55
CA ARG E 95 -2.16 -0.83 -73.70
C ARG E 95 -2.43 0.60 -73.31
N VAL E 96 -1.61 1.16 -72.40
CA VAL E 96 -1.59 2.47 -71.87
C VAL E 96 -0.23 3.24 -71.88
N ALA E 97 -0.26 4.59 -71.72
CA ALA E 97 0.99 5.32 -71.67
C ALA E 97 1.42 5.38 -70.23
N PRO E 98 2.71 5.49 -69.95
CA PRO E 98 3.20 5.68 -68.59
C PRO E 98 2.71 7.04 -68.02
N GLU E 99 2.44 7.97 -68.99
CA GLU E 99 2.02 9.36 -68.73
C GLU E 99 0.55 9.50 -68.35
N GLU E 100 -0.26 8.53 -68.86
CA GLU E 100 -1.68 8.65 -68.56
C GLU E 100 -1.97 8.36 -67.06
N HIS E 101 -1.22 7.45 -66.47
CA HIS E 101 -1.51 6.98 -65.09
C HIS E 101 -0.26 6.71 -64.23
N PRO E 102 -0.33 6.81 -62.95
CA PRO E 102 0.69 6.32 -62.04
C PRO E 102 0.92 4.85 -62.21
N THR E 103 1.80 4.26 -61.38
CA THR E 103 2.15 2.87 -61.36
C THR E 103 2.47 2.50 -59.98
N LEU E 104 1.81 1.51 -59.40
CA LEU E 104 2.00 0.97 -58.10
C LEU E 104 2.68 -0.28 -58.38
N LEU E 105 3.96 -0.39 -57.90
CA LEU E 105 4.79 -1.52 -58.02
C LEU E 105 4.98 -2.01 -56.60
N THR E 106 5.62 -3.19 -56.34
CA THR E 106 5.76 -3.80 -55.06
C THR E 106 7.21 -3.64 -54.64
N GLU E 107 7.37 -3.53 -53.32
CA GLU E 107 8.60 -3.57 -52.60
C GLU E 107 8.53 -4.81 -51.79
N ALA E 108 9.47 -5.76 -52.00
CA ALA E 108 9.58 -6.94 -51.12
C ALA E 108 10.27 -6.44 -49.88
N PRO E 109 9.70 -6.66 -48.62
CA PRO E 109 10.12 -6.14 -47.36
C PRO E 109 11.55 -6.30 -47.05
N LEU E 110 12.18 -5.20 -46.44
CA LEU E 110 13.63 -5.15 -46.10
C LEU E 110 14.48 -5.23 -47.31
N ASN E 111 13.97 -4.78 -48.42
CA ASN E 111 14.65 -4.58 -49.68
C ASN E 111 15.91 -3.84 -49.58
N PRO E 112 16.92 -4.06 -50.39
CA PRO E 112 18.15 -3.24 -50.42
C PRO E 112 17.72 -1.82 -50.82
N LYS E 113 18.14 -0.86 -49.94
CA LYS E 113 17.61 0.48 -49.90
C LYS E 113 17.84 1.33 -51.10
N ALA E 114 18.91 0.93 -51.87
CA ALA E 114 19.31 1.65 -53.09
C ALA E 114 18.35 1.33 -54.21
N ASN E 115 17.77 0.09 -54.19
CA ASN E 115 16.82 -0.36 -55.22
C ASN E 115 15.57 0.51 -55.21
N ARG E 116 15.02 0.91 -54.03
CA ARG E 116 13.81 1.72 -53.84
C ARG E 116 13.91 3.03 -54.60
N GLU E 117 15.12 3.63 -54.58
CA GLU E 117 15.37 4.89 -55.22
C GLU E 117 15.55 4.60 -56.70
N LYS E 118 16.33 3.55 -57.04
CA LYS E 118 16.82 3.19 -58.32
C LYS E 118 15.77 2.93 -59.35
N MET E 119 14.69 2.23 -58.90
CA MET E 119 13.48 1.94 -59.53
C MET E 119 12.74 3.19 -59.85
N THR E 120 12.52 4.13 -58.89
CA THR E 120 11.69 5.29 -59.11
C THR E 120 12.30 6.13 -60.18
N GLN E 121 13.68 6.11 -60.20
CA GLN E 121 14.50 6.92 -61.00
C GLN E 121 14.30 6.71 -62.47
N ILE E 122 14.10 5.41 -62.85
CA ILE E 122 13.89 4.80 -64.14
C ILE E 122 12.56 5.18 -64.67
N MET E 123 11.57 5.41 -63.71
CA MET E 123 10.21 5.68 -63.99
C MET E 123 9.97 7.09 -64.27
N PHE E 124 10.43 7.94 -63.36
CA PHE E 124 9.98 9.29 -63.42
C PHE E 124 10.72 10.10 -64.43
N GLU E 125 12.03 9.90 -64.30
CA GLU E 125 13.00 10.60 -65.04
C GLU E 125 13.18 10.06 -66.42
N THR E 126 12.99 8.72 -66.63
CA THR E 126 13.33 8.13 -67.90
C THR E 126 12.18 7.60 -68.62
N PHE E 127 10.94 7.64 -68.04
CA PHE E 127 9.83 6.92 -68.55
C PHE E 127 8.56 7.66 -68.20
N ASN E 128 8.69 8.94 -67.90
CA ASN E 128 7.79 9.89 -67.35
C ASN E 128 6.39 9.43 -66.95
N VAL E 129 6.28 9.21 -65.62
CA VAL E 129 5.18 8.66 -64.95
C VAL E 129 4.76 9.74 -63.99
N PRO E 130 3.48 10.00 -63.80
CA PRO E 130 3.02 11.05 -62.93
C PRO E 130 3.24 10.65 -61.51
N ALA E 131 3.24 9.39 -61.10
CA ALA E 131 3.39 9.12 -59.76
C ALA E 131 3.56 7.70 -59.63
N MET E 132 3.92 7.31 -58.50
CA MET E 132 4.14 5.94 -58.17
C MET E 132 4.30 5.67 -56.73
N TYR E 133 4.06 4.37 -56.33
CA TYR E 133 4.32 3.97 -54.95
C TYR E 133 4.78 2.51 -54.98
N VAL E 134 5.80 2.27 -54.15
CA VAL E 134 6.43 0.99 -54.01
C VAL E 134 6.02 0.50 -52.67
N ALA E 135 4.87 -0.23 -52.71
CA ALA E 135 4.22 -0.62 -51.47
C ALA E 135 4.90 -1.78 -50.77
N ILE E 136 4.54 -2.04 -49.50
CA ILE E 136 5.14 -3.06 -48.75
C ILE E 136 4.32 -4.29 -49.01
N GLN E 137 4.91 -5.22 -49.75
CA GLN E 137 4.41 -6.49 -50.16
C GLN E 137 3.39 -7.14 -49.32
N ALA E 138 3.78 -7.48 -48.09
CA ALA E 138 3.08 -8.30 -47.23
C ALA E 138 1.76 -7.66 -46.86
N VAL E 139 1.79 -6.33 -46.54
CA VAL E 139 0.69 -5.54 -46.06
C VAL E 139 -0.51 -5.61 -46.90
N LEU E 140 -0.35 -5.71 -48.21
CA LEU E 140 -1.35 -5.74 -49.29
C LEU E 140 -2.16 -7.03 -49.21
N SER E 141 -1.48 -8.16 -48.84
CA SER E 141 -2.03 -9.50 -48.61
C SER E 141 -2.98 -9.57 -47.43
N LEU E 142 -2.86 -8.60 -46.43
CA LEU E 142 -3.66 -8.54 -45.23
C LEU E 142 -5.02 -8.06 -45.68
N TYR E 143 -5.04 -7.00 -46.53
CA TYR E 143 -6.21 -6.27 -46.95
C TYR E 143 -7.09 -7.09 -47.88
N ALA E 144 -6.43 -7.97 -48.66
CA ALA E 144 -6.93 -8.99 -49.56
C ALA E 144 -7.84 -9.93 -48.77
N SER E 145 -7.40 -10.41 -47.58
CA SER E 145 -8.27 -11.23 -46.74
C SER E 145 -9.39 -10.45 -46.10
N GLY E 146 -9.22 -9.09 -46.07
CA GLY E 146 -10.15 -8.20 -45.36
C GLY E 146 -9.79 -8.01 -43.88
N ARG E 147 -8.72 -8.75 -43.49
CA ARG E 147 -8.16 -8.73 -42.17
C ARG E 147 -7.52 -7.40 -41.98
N THR E 148 -7.41 -7.00 -40.70
CA THR E 148 -6.90 -5.77 -40.27
C THR E 148 -6.05 -6.01 -39.04
N THR E 149 -6.00 -7.25 -38.50
CA THR E 149 -5.00 -7.70 -37.51
C THR E 149 -4.73 -9.13 -37.80
N GLY E 150 -3.47 -9.50 -37.75
CA GLY E 150 -3.17 -10.87 -37.86
C GLY E 150 -1.68 -10.96 -38.13
N ILE E 151 -1.36 -12.13 -38.64
CA ILE E 151 -0.09 -12.66 -38.89
C ILE E 151 -0.25 -13.06 -40.39
N VAL E 152 0.55 -12.35 -41.30
CA VAL E 152 0.41 -12.51 -42.73
C VAL E 152 1.57 -13.36 -43.03
N LEU E 153 1.24 -14.53 -43.67
CA LEU E 153 2.20 -15.50 -44.05
C LEU E 153 2.28 -15.62 -45.58
N ASP E 154 2.96 -14.61 -46.18
CA ASP E 154 3.09 -14.48 -47.56
C ASP E 154 4.22 -15.23 -48.07
N SER E 155 4.03 -16.33 -48.83
CA SER E 155 5.10 -17.13 -49.37
C SER E 155 4.85 -17.00 -50.86
N GLY E 156 5.44 -15.97 -51.43
CA GLY E 156 5.32 -15.63 -52.86
C GLY E 156 6.38 -16.40 -53.61
N ASP E 157 7.00 -15.91 -54.77
CA ASP E 157 8.03 -16.74 -55.37
C ASP E 157 9.34 -16.75 -54.67
N GLY E 158 9.91 -15.59 -54.36
CA GLY E 158 11.22 -15.46 -53.88
C GLY E 158 11.25 -15.39 -52.33
N VAL E 159 10.24 -14.86 -51.64
CA VAL E 159 10.38 -14.56 -50.22
C VAL E 159 9.09 -14.87 -49.54
N THR E 160 9.23 -15.37 -48.30
CA THR E 160 8.33 -15.83 -47.33
C THR E 160 8.37 -14.74 -46.31
N HIS E 161 7.28 -14.41 -45.61
CA HIS E 161 7.32 -13.33 -44.61
C HIS E 161 6.31 -13.75 -43.56
N ASN E 162 6.66 -13.53 -42.32
CA ASN E 162 5.79 -13.74 -41.20
C ASN E 162 5.72 -12.40 -40.68
N VAL E 163 4.68 -11.61 -41.00
CA VAL E 163 4.48 -10.20 -40.70
C VAL E 163 3.31 -9.98 -39.73
N PRO E 164 3.48 -9.79 -38.38
CA PRO E 164 2.34 -9.50 -37.59
C PRO E 164 2.03 -8.06 -37.82
N ILE E 165 0.78 -7.74 -38.18
CA ILE E 165 0.45 -6.35 -38.48
C ILE E 165 -0.78 -6.10 -37.54
N TYR E 166 -0.86 -4.87 -36.98
CA TYR E 166 -1.87 -4.37 -36.10
C TYR E 166 -2.76 -3.54 -36.87
N GLU E 167 -3.85 -2.99 -36.33
CA GLU E 167 -4.83 -2.20 -37.04
C GLU E 167 -4.31 -1.04 -37.84
N GLY E 168 -3.40 -0.30 -37.16
CA GLY E 168 -2.54 0.72 -37.73
C GLY E 168 -1.22 0.16 -37.97
N TYR E 169 -0.52 0.59 -39.05
CA TYR E 169 0.75 0.00 -39.52
C TYR E 169 1.75 -0.27 -38.31
N ALA E 170 2.29 -1.52 -38.21
CA ALA E 170 3.02 -1.95 -37.05
C ALA E 170 4.42 -1.20 -36.93
N LEU E 171 4.92 -1.17 -35.62
CA LEU E 171 6.22 -0.67 -35.18
C LEU E 171 7.09 -1.93 -35.27
N PRO E 172 8.35 -1.89 -35.69
CA PRO E 172 9.24 -3.09 -35.79
C PRO E 172 9.08 -4.17 -34.87
N HIS E 173 8.87 -5.42 -35.27
CA HIS E 173 8.70 -6.51 -34.36
C HIS E 173 9.62 -7.56 -34.93
N ALA E 174 9.04 -8.73 -34.85
CA ALA E 174 9.65 -9.87 -35.48
C ALA E 174 8.95 -10.01 -36.79
N ILE E 175 8.90 -8.90 -37.57
CA ILE E 175 8.30 -8.87 -38.82
C ILE E 175 9.52 -9.26 -39.65
N MET E 176 9.39 -10.32 -40.43
CA MET E 176 10.56 -10.92 -41.12
C MET E 176 10.21 -11.37 -42.55
N ARG E 177 11.25 -11.52 -43.32
CA ARG E 177 11.38 -11.92 -44.69
C ARG E 177 12.47 -12.96 -44.72
N LEU E 178 12.28 -14.01 -45.58
CA LEU E 178 13.26 -15.03 -45.69
C LEU E 178 13.12 -15.56 -47.10
N ASP E 179 14.27 -15.93 -47.78
CA ASP E 179 14.19 -16.63 -48.92
C ASP E 179 14.06 -18.07 -48.51
N LEU E 180 12.93 -18.69 -48.88
CA LEU E 180 12.70 -20.14 -48.63
C LEU E 180 11.40 -20.47 -49.38
N ALA E 181 10.84 -19.47 -50.14
CA ALA E 181 9.61 -19.79 -50.84
C ALA E 181 9.85 -20.58 -52.14
N GLY E 182 8.94 -20.44 -53.11
CA GLY E 182 8.76 -21.27 -54.32
C GLY E 182 9.96 -21.54 -55.15
N ARG E 183 10.77 -20.52 -55.53
CA ARG E 183 12.00 -20.76 -56.30
C ARG E 183 12.98 -21.71 -55.71
N ASP E 184 12.99 -21.66 -54.36
CA ASP E 184 14.02 -22.38 -53.57
C ASP E 184 13.71 -23.86 -53.62
N LEU E 185 12.35 -24.17 -53.69
CA LEU E 185 11.78 -25.52 -53.62
C LEU E 185 12.01 -26.09 -55.00
N THR E 186 12.03 -25.20 -56.04
CA THR E 186 12.33 -25.54 -57.45
C THR E 186 13.75 -26.02 -57.47
N ASP E 187 14.69 -25.34 -56.68
CA ASP E 187 16.06 -25.66 -56.71
C ASP E 187 16.42 -26.90 -55.87
N TYR E 188 15.48 -27.39 -55.11
CA TYR E 188 15.72 -28.47 -54.25
C TYR E 188 15.39 -29.77 -54.95
N LEU E 189 14.31 -29.69 -55.76
CA LEU E 189 13.80 -30.75 -56.56
C LEU E 189 14.85 -31.28 -57.51
N MET E 190 15.56 -30.31 -58.15
CA MET E 190 16.67 -30.66 -59.04
C MET E 190 17.76 -31.39 -58.35
N LYS E 191 17.97 -31.16 -56.99
CA LYS E 191 18.94 -31.86 -56.26
C LYS E 191 18.58 -33.29 -56.24
N ILE E 192 17.29 -33.48 -55.96
CA ILE E 192 16.71 -34.74 -55.76
C ILE E 192 16.40 -35.54 -57.07
N LEU E 193 16.44 -34.89 -58.20
CA LEU E 193 16.37 -35.57 -59.51
C LEU E 193 17.81 -36.07 -59.81
N THR E 194 18.85 -35.66 -59.07
CA THR E 194 20.22 -36.01 -59.36
C THR E 194 20.53 -37.42 -58.85
N GLU E 195 19.86 -37.81 -57.72
CA GLU E 195 20.05 -39.05 -57.01
C GLU E 195 18.91 -39.98 -57.45
N ARG E 196 17.95 -39.45 -58.24
CA ARG E 196 16.80 -40.24 -58.75
C ARG E 196 17.47 -40.96 -59.87
N GLY E 197 17.59 -40.38 -61.06
CA GLY E 197 18.17 -40.98 -62.25
C GLY E 197 17.78 -40.05 -63.40
N TYR E 198 16.58 -39.43 -63.35
CA TYR E 198 16.17 -38.49 -64.34
C TYR E 198 17.08 -37.30 -64.37
N SER E 199 17.48 -36.84 -65.59
CA SER E 199 18.32 -35.72 -65.75
C SER E 199 17.60 -34.43 -65.96
N PHE E 200 17.81 -33.39 -65.11
CA PHE E 200 17.34 -32.03 -65.33
C PHE E 200 18.36 -31.07 -64.82
N VAL E 201 19.18 -30.50 -65.74
CA VAL E 201 20.34 -29.64 -65.40
C VAL E 201 19.88 -28.19 -65.52
N THR E 202 19.83 -27.58 -66.68
CA THR E 202 19.66 -26.19 -67.02
C THR E 202 18.44 -25.40 -66.66
N THR E 203 18.42 -24.06 -67.11
CA THR E 203 17.37 -23.09 -66.81
C THR E 203 16.14 -23.55 -67.55
N ALA E 204 16.31 -23.94 -68.80
CA ALA E 204 15.19 -24.31 -69.67
C ALA E 204 14.27 -25.41 -69.32
N GLU E 205 14.69 -26.28 -68.43
CA GLU E 205 13.84 -27.33 -67.98
C GLU E 205 13.57 -27.06 -66.59
N ARG E 206 14.23 -26.09 -65.96
CA ARG E 206 14.02 -25.78 -64.53
C ARG E 206 12.66 -25.25 -64.34
N GLU E 207 12.12 -24.56 -65.34
CA GLU E 207 10.77 -24.02 -65.29
C GLU E 207 9.82 -25.09 -65.40
N ILE E 208 10.11 -26.14 -66.17
CA ILE E 208 9.33 -27.34 -66.26
C ILE E 208 9.27 -28.12 -64.95
N VAL E 209 10.41 -28.16 -64.15
CA VAL E 209 10.59 -28.64 -62.82
C VAL E 209 9.68 -27.98 -61.81
N ARG E 210 9.52 -26.67 -62.05
CA ARG E 210 8.67 -25.83 -61.16
C ARG E 210 7.21 -26.20 -61.38
N ASP E 211 6.89 -26.70 -62.69
CA ASP E 211 5.60 -27.13 -63.03
C ASP E 211 5.31 -28.48 -62.46
N ILE E 212 6.25 -29.39 -62.48
CA ILE E 212 6.06 -30.72 -62.00
C ILE E 212 5.78 -30.65 -60.51
N LYS E 213 6.43 -29.72 -59.79
CA LYS E 213 6.24 -29.51 -58.38
C LYS E 213 4.85 -29.01 -58.06
N GLU E 214 4.37 -27.94 -58.71
CA GLU E 214 3.18 -27.20 -58.26
C GLU E 214 1.87 -27.93 -58.24
N LYS E 215 1.65 -28.80 -59.20
CA LYS E 215 0.36 -29.39 -59.45
C LYS E 215 0.33 -30.81 -59.00
N LEU E 216 1.29 -31.34 -58.20
CA LEU E 216 1.20 -32.76 -57.83
C LEU E 216 1.62 -32.99 -56.40
N CYS E 217 2.61 -32.14 -55.93
CA CYS E 217 3.36 -32.49 -54.74
C CYS E 217 2.62 -31.95 -53.56
N TYR E 218 1.74 -32.85 -53.13
CA TYR E 218 0.88 -32.72 -51.99
C TYR E 218 1.70 -32.67 -50.73
N VAL E 219 1.11 -31.98 -49.74
CA VAL E 219 1.78 -31.72 -48.49
C VAL E 219 1.35 -32.69 -47.53
N ALA E 220 2.42 -33.50 -47.10
CA ALA E 220 2.18 -34.65 -46.29
C ALA E 220 1.90 -34.11 -44.96
N LEU E 221 1.03 -34.77 -44.19
CA LEU E 221 0.82 -34.48 -42.82
C LEU E 221 2.08 -34.75 -42.04
N ASP E 222 2.70 -35.90 -42.31
CA ASP E 222 4.06 -36.29 -41.87
C ASP E 222 4.66 -37.08 -42.95
N PHE E 223 5.90 -36.62 -43.36
CA PHE E 223 6.67 -37.26 -44.36
C PHE E 223 6.89 -38.69 -44.04
N GLU E 224 7.35 -39.01 -42.82
CA GLU E 224 7.91 -40.27 -42.38
C GLU E 224 6.96 -41.37 -42.47
N ASN E 225 5.62 -41.08 -42.26
CA ASN E 225 4.60 -42.06 -42.19
C ASN E 225 4.17 -42.39 -43.60
N GLU E 226 4.28 -41.47 -44.56
CA GLU E 226 3.93 -41.62 -45.98
C GLU E 226 5.19 -42.17 -46.65
N MET E 227 6.39 -42.11 -45.96
CA MET E 227 7.62 -42.65 -46.43
C MET E 227 7.48 -44.17 -46.35
N ALA E 228 6.83 -44.70 -45.29
CA ALA E 228 6.79 -46.10 -45.10
C ALA E 228 5.86 -46.71 -46.05
N THR E 229 4.77 -45.89 -46.41
CA THR E 229 3.74 -46.26 -47.31
C THR E 229 4.30 -46.39 -48.77
N ALA E 230 5.53 -45.75 -49.06
CA ALA E 230 6.21 -45.73 -50.31
C ALA E 230 6.57 -47.11 -50.80
N ALA E 231 6.71 -48.03 -49.87
CA ALA E 231 7.03 -49.43 -50.11
C ALA E 231 6.03 -50.12 -50.98
N SER E 232 4.74 -49.87 -50.79
CA SER E 232 3.69 -50.56 -51.52
C SER E 232 2.77 -49.39 -51.67
N SER E 233 3.22 -48.27 -52.26
CA SER E 233 2.38 -47.17 -52.65
C SER E 233 1.37 -47.51 -53.68
N SER E 234 0.26 -46.76 -53.81
CA SER E 234 -0.73 -47.05 -54.83
C SER E 234 -1.16 -45.66 -55.24
N SER E 235 -1.15 -44.69 -54.25
CA SER E 235 -1.72 -43.28 -54.40
C SER E 235 -0.63 -42.32 -54.22
N LEU E 236 0.52 -42.80 -53.91
CA LEU E 236 1.70 -42.01 -53.67
C LEU E 236 2.49 -42.18 -54.84
N GLU E 237 2.29 -43.27 -55.63
CA GLU E 237 3.14 -43.58 -56.75
C GLU E 237 2.30 -43.33 -58.00
N LYS E 238 2.71 -42.40 -58.82
CA LYS E 238 2.00 -42.11 -60.08
C LYS E 238 3.06 -41.55 -60.97
N SER E 239 2.80 -41.45 -62.32
CA SER E 239 3.78 -41.05 -63.28
C SER E 239 3.13 -39.78 -63.81
N TYR E 240 4.05 -38.77 -63.90
CA TYR E 240 3.70 -37.42 -64.25
C TYR E 240 4.29 -37.43 -65.60
N GLU E 241 3.58 -37.84 -66.66
CA GLU E 241 4.04 -37.71 -68.07
C GLU E 241 4.38 -36.24 -68.43
N LEU E 242 5.71 -36.06 -68.58
CA LEU E 242 6.37 -34.78 -69.01
C LEU E 242 5.67 -34.42 -70.28
N PRO E 243 5.20 -33.21 -70.59
CA PRO E 243 4.30 -32.95 -71.63
C PRO E 243 4.94 -32.49 -72.86
N ASP E 244 5.97 -33.21 -73.23
CA ASP E 244 6.79 -32.99 -74.40
C ASP E 244 7.59 -34.26 -74.56
N GLY E 245 7.37 -35.28 -73.71
CA GLY E 245 7.81 -36.68 -73.97
C GLY E 245 8.79 -37.09 -72.92
N GLN E 246 8.33 -38.03 -72.07
CA GLN E 246 8.91 -38.72 -71.02
C GLN E 246 7.85 -38.95 -70.02
N VAL E 247 8.05 -39.95 -69.20
CA VAL E 247 7.24 -40.26 -68.04
C VAL E 247 8.21 -40.02 -66.99
N ILE E 248 7.69 -39.37 -65.90
CA ILE E 248 8.43 -38.89 -64.81
C ILE E 248 7.75 -39.56 -63.58
N THR E 249 8.22 -40.79 -63.22
CA THR E 249 7.65 -41.51 -62.08
C THR E 249 8.01 -40.78 -60.83
N ILE E 250 6.99 -40.51 -59.96
CA ILE E 250 7.27 -39.81 -58.77
C ILE E 250 6.60 -40.62 -57.71
N GLY E 251 7.40 -41.05 -56.73
CA GLY E 251 6.95 -41.88 -55.61
C GLY E 251 7.05 -40.99 -54.37
N ASN E 252 8.17 -41.24 -53.60
CA ASN E 252 8.52 -40.57 -52.30
C ASN E 252 8.64 -39.12 -52.52
N GLU E 253 9.00 -38.77 -53.80
CA GLU E 253 9.30 -37.39 -54.22
C GLU E 253 8.21 -36.31 -53.99
N ARG E 254 6.97 -36.73 -54.08
CA ARG E 254 5.82 -35.93 -54.00
C ARG E 254 5.57 -35.18 -52.73
N PHE E 255 5.97 -35.75 -51.58
CA PHE E 255 5.64 -35.11 -50.31
C PHE E 255 7.01 -34.94 -49.65
N ARG E 256 8.10 -35.05 -50.51
CA ARG E 256 9.46 -34.84 -50.06
C ARG E 256 9.82 -33.40 -50.25
N CYS E 257 9.43 -32.83 -51.40
CA CYS E 257 9.72 -31.40 -51.72
C CYS E 257 8.83 -30.44 -50.88
N PRO E 258 7.55 -30.61 -50.72
CA PRO E 258 6.74 -29.78 -49.89
C PRO E 258 7.08 -29.73 -48.40
N GLU E 259 7.60 -30.87 -47.85
CA GLU E 259 7.94 -30.98 -46.45
C GLU E 259 9.15 -30.10 -46.22
N THR E 260 10.06 -29.88 -47.30
CA THR E 260 11.29 -29.08 -47.25
C THR E 260 11.12 -27.65 -46.87
N LEU E 261 9.94 -27.10 -47.30
CA LEU E 261 9.49 -25.75 -47.00
C LEU E 261 9.49 -25.47 -45.56
N PHE E 262 8.97 -26.44 -44.74
CA PHE E 262 8.92 -26.21 -43.36
C PHE E 262 10.08 -26.80 -42.65
N GLN E 263 10.93 -27.62 -43.31
CA GLN E 263 12.05 -28.23 -42.64
C GLN E 263 13.22 -28.06 -43.57
N PRO E 264 13.96 -26.98 -43.49
CA PRO E 264 15.12 -26.62 -44.25
C PRO E 264 16.35 -27.64 -44.07
N SER E 265 16.23 -28.56 -43.06
CA SER E 265 17.19 -29.62 -42.75
C SER E 265 17.33 -30.57 -43.88
N PHE E 266 16.31 -30.72 -44.75
CA PHE E 266 16.29 -31.59 -45.92
C PHE E 266 17.13 -31.02 -47.05
N ILE E 267 17.40 -29.70 -46.93
CA ILE E 267 18.29 -29.13 -47.85
C ILE E 267 19.71 -29.41 -47.39
N GLY E 268 19.85 -29.18 -46.07
CA GLY E 268 21.18 -29.08 -45.45
C GLY E 268 21.45 -27.67 -45.15
N MET E 269 20.40 -26.97 -44.59
CA MET E 269 20.41 -25.61 -44.11
C MET E 269 19.93 -25.68 -42.68
N GLU E 270 20.15 -24.58 -41.98
CA GLU E 270 19.97 -24.40 -40.57
C GLU E 270 18.87 -23.47 -40.40
N SER E 271 18.22 -23.03 -41.50
CA SER E 271 17.09 -22.08 -41.39
C SER E 271 15.89 -22.59 -40.71
N ALA E 272 15.09 -21.72 -40.07
CA ALA E 272 13.94 -22.05 -39.27
C ALA E 272 12.74 -22.35 -40.16
N GLY E 273 11.90 -23.30 -39.76
CA GLY E 273 10.74 -23.72 -40.50
C GLY E 273 9.82 -22.49 -40.45
N ILE E 274 8.96 -22.42 -41.41
CA ILE E 274 8.07 -21.22 -41.43
C ILE E 274 7.01 -21.20 -40.36
N HIS E 275 6.87 -22.39 -39.72
CA HIS E 275 5.93 -22.61 -38.65
C HIS E 275 6.66 -22.34 -37.35
N GLU E 276 8.04 -22.18 -37.36
CA GLU E 276 8.79 -21.82 -36.18
C GLU E 276 8.72 -20.37 -35.90
N THR E 277 8.84 -19.53 -37.01
CA THR E 277 8.65 -18.13 -37.07
C THR E 277 7.27 -17.69 -36.64
N THR E 278 6.32 -18.58 -36.92
CA THR E 278 4.95 -18.35 -36.49
C THR E 278 4.79 -18.29 -35.01
N TYR E 279 5.48 -19.25 -34.27
CA TYR E 279 5.52 -19.32 -32.86
C TYR E 279 6.22 -18.19 -32.27
N ASN E 280 7.43 -17.92 -32.83
CA ASN E 280 8.32 -16.88 -32.35
C ASN E 280 7.70 -15.49 -32.26
N SER E 281 6.97 -15.12 -33.32
CA SER E 281 6.43 -13.72 -33.52
C SER E 281 5.20 -13.50 -32.66
N ILE E 282 4.46 -14.60 -32.39
CA ILE E 282 3.21 -14.56 -31.72
C ILE E 282 3.45 -14.66 -30.27
N MET E 283 4.41 -15.51 -29.87
CA MET E 283 4.67 -15.66 -28.44
C MET E 283 5.25 -14.47 -27.79
N LYS E 284 5.94 -13.69 -28.70
CA LYS E 284 6.75 -12.52 -28.29
C LYS E 284 5.79 -11.46 -27.83
N CYS E 285 4.65 -11.35 -28.51
CA CYS E 285 3.56 -10.39 -28.28
C CYS E 285 2.85 -10.79 -27.05
N ASP E 286 2.26 -9.74 -26.40
CA ASP E 286 1.57 -9.84 -25.20
C ASP E 286 0.59 -11.04 -25.19
N ILE E 287 0.32 -11.67 -23.99
CA ILE E 287 -0.40 -12.91 -23.79
C ILE E 287 -1.76 -12.73 -24.35
N ASP E 288 -2.37 -11.52 -24.20
CA ASP E 288 -3.73 -11.31 -24.59
C ASP E 288 -3.87 -11.03 -26.03
N ILE E 289 -2.80 -11.10 -26.79
CA ILE E 289 -2.89 -10.80 -28.21
C ILE E 289 -2.65 -12.11 -28.87
N ARG E 290 -2.21 -13.17 -28.18
CA ARG E 290 -1.84 -14.37 -28.96
C ARG E 290 -3.03 -15.03 -29.56
N LYS E 291 -4.22 -14.90 -28.89
CA LYS E 291 -5.49 -15.49 -29.16
C LYS E 291 -5.98 -15.12 -30.56
N ASP E 292 -5.66 -13.89 -31.04
CA ASP E 292 -6.10 -13.36 -32.27
C ASP E 292 -5.16 -13.50 -33.46
N LEU E 293 -3.88 -13.64 -33.05
CA LEU E 293 -2.81 -13.96 -33.98
C LEU E 293 -2.97 -15.45 -34.38
N TYR E 294 -3.39 -16.33 -33.48
CA TYR E 294 -3.46 -17.78 -33.72
C TYR E 294 -4.86 -18.07 -34.35
N ALA E 295 -5.93 -17.20 -34.01
CA ALA E 295 -7.18 -17.22 -34.66
C ALA E 295 -7.13 -16.93 -36.10
N ASN E 296 -6.24 -15.96 -36.49
CA ASN E 296 -6.15 -15.45 -37.83
C ASN E 296 -4.91 -15.80 -38.31
N ASN E 297 -4.72 -17.02 -38.83
CA ASN E 297 -3.46 -17.40 -39.46
C ASN E 297 -3.54 -17.15 -40.98
N VAL E 298 -3.06 -15.95 -41.51
CA VAL E 298 -3.22 -15.70 -42.89
C VAL E 298 -2.06 -16.32 -43.62
N MET E 299 -2.47 -17.11 -44.68
CA MET E 299 -1.52 -17.89 -45.45
C MET E 299 -1.82 -17.53 -46.89
N SER E 300 -1.10 -16.58 -47.45
CA SER E 300 -1.24 -16.15 -48.87
C SER E 300 -0.05 -16.54 -49.62
N GLY E 301 -0.07 -16.37 -50.95
CA GLY E 301 1.00 -16.66 -51.91
C GLY E 301 0.86 -17.98 -52.54
N GLY E 302 1.40 -18.14 -53.75
CA GLY E 302 1.04 -19.25 -54.53
C GLY E 302 1.58 -20.53 -54.03
N THR E 303 2.68 -20.37 -53.28
CA THR E 303 3.45 -21.46 -52.69
C THR E 303 2.61 -22.15 -51.70
N THR E 304 1.57 -21.52 -51.15
CA THR E 304 0.75 -22.04 -50.12
C THR E 304 -0.55 -22.42 -50.78
N MET E 305 -0.40 -23.09 -51.97
CA MET E 305 -1.51 -23.67 -52.68
C MET E 305 -1.23 -25.12 -53.01
N TYR E 306 -0.14 -25.78 -52.55
CA TYR E 306 0.04 -27.21 -52.82
C TYR E 306 -1.09 -27.95 -52.15
N PRO E 307 -1.60 -29.07 -52.64
CA PRO E 307 -2.66 -29.88 -52.09
C PRO E 307 -2.30 -30.34 -50.69
N GLY E 308 -3.16 -30.07 -49.65
CA GLY E 308 -2.89 -30.62 -48.36
C GLY E 308 -1.90 -29.67 -47.59
N ILE E 309 -1.77 -28.44 -48.05
CA ILE E 309 -1.00 -27.38 -47.40
C ILE E 309 -1.78 -26.88 -46.21
N ALA E 310 -3.16 -26.96 -46.32
CA ALA E 310 -4.09 -26.42 -45.35
C ALA E 310 -4.06 -27.22 -44.10
N ASP E 311 -4.15 -28.55 -44.20
CA ASP E 311 -4.19 -29.50 -43.12
C ASP E 311 -2.84 -29.62 -42.51
N ARG E 312 -1.80 -29.18 -43.24
CA ARG E 312 -0.43 -29.13 -42.67
C ARG E 312 -0.35 -28.12 -41.53
N MET E 313 -1.07 -27.00 -41.56
CA MET E 313 -0.92 -26.00 -40.54
C MET E 313 -1.78 -26.22 -39.32
N GLN E 314 -2.46 -27.39 -39.27
CA GLN E 314 -3.40 -27.73 -38.23
C GLN E 314 -2.77 -28.52 -37.18
N LYS E 315 -1.60 -29.11 -37.51
CA LYS E 315 -0.86 -29.85 -36.54
C LYS E 315 0.35 -29.08 -36.29
N GLU E 316 0.87 -28.37 -37.35
CA GLU E 316 2.13 -27.70 -37.11
C GLU E 316 1.99 -26.60 -36.15
N ILE E 317 0.94 -25.85 -36.27
CA ILE E 317 0.62 -24.72 -35.43
C ILE E 317 0.25 -25.17 -34.07
N THR E 318 -0.58 -26.25 -33.94
CA THR E 318 -1.00 -26.66 -32.58
C THR E 318 0.14 -27.14 -31.74
N ALA E 319 1.29 -27.52 -32.36
CA ALA E 319 2.41 -28.11 -31.65
C ALA E 319 2.95 -27.21 -30.55
N LEU E 320 3.44 -26.07 -31.08
CA LEU E 320 3.89 -25.08 -30.13
C LEU E 320 3.04 -23.86 -30.13
N ALA E 321 1.74 -24.17 -29.82
CA ALA E 321 0.69 -23.22 -29.53
C ALA E 321 -0.15 -23.86 -28.35
N PRO E 322 -0.49 -23.19 -27.33
CA PRO E 322 -1.32 -23.60 -26.22
C PRO E 322 -2.68 -24.10 -26.50
N SER E 323 -3.43 -24.40 -25.40
CA SER E 323 -4.74 -24.96 -25.33
C SER E 323 -5.66 -23.85 -24.87
N THR E 324 -5.22 -22.55 -24.74
CA THR E 324 -5.89 -21.41 -24.16
C THR E 324 -6.50 -20.58 -25.25
N MET E 325 -6.28 -21.00 -26.55
CA MET E 325 -6.77 -20.24 -27.64
C MET E 325 -7.16 -21.15 -28.81
N LYS E 326 -8.14 -20.60 -29.62
CA LYS E 326 -8.61 -21.16 -30.81
C LYS E 326 -7.48 -20.89 -31.82
N ILE E 327 -7.34 -21.79 -32.85
CA ILE E 327 -6.36 -21.89 -33.84
C ILE E 327 -7.19 -22.08 -35.14
N LYS E 328 -7.09 -21.11 -36.12
CA LYS E 328 -7.91 -21.21 -37.30
C LYS E 328 -7.22 -20.63 -38.44
N ILE E 329 -7.12 -21.47 -39.47
CA ILE E 329 -6.44 -21.06 -40.73
C ILE E 329 -7.31 -20.27 -41.64
N ILE E 330 -6.80 -19.04 -42.02
CA ILE E 330 -7.33 -18.15 -43.04
C ILE E 330 -6.54 -18.39 -44.28
N ALA E 331 -7.19 -19.00 -45.30
CA ALA E 331 -6.63 -19.23 -46.59
C ALA E 331 -7.67 -19.08 -47.67
N PRO E 332 -7.84 -17.88 -48.26
CA PRO E 332 -8.79 -17.55 -49.27
C PRO E 332 -8.73 -18.43 -50.49
N PRO E 333 -9.72 -18.90 -51.14
CA PRO E 333 -9.70 -19.79 -52.35
C PRO E 333 -8.62 -19.61 -53.37
N GLU E 334 -8.28 -18.37 -53.75
CA GLU E 334 -7.21 -17.98 -54.59
C GLU E 334 -6.37 -17.22 -53.69
N ARG E 335 -5.00 -17.24 -53.83
CA ARG E 335 -4.09 -16.51 -53.00
C ARG E 335 -2.65 -16.33 -53.59
N LYS E 336 -2.49 -16.73 -54.88
CA LYS E 336 -1.35 -16.43 -55.64
C LYS E 336 -1.23 -14.99 -55.97
N TYR E 337 -2.37 -14.37 -56.25
CA TYR E 337 -2.32 -13.02 -56.83
C TYR E 337 -2.54 -12.03 -55.71
N SER E 338 -2.22 -12.42 -54.46
CA SER E 338 -2.52 -11.74 -53.21
C SER E 338 -1.99 -10.31 -52.99
N VAL E 339 -0.79 -10.00 -53.52
CA VAL E 339 -0.20 -8.67 -53.29
C VAL E 339 -0.87 -7.81 -54.38
N TRP E 340 -1.18 -8.42 -55.52
CA TRP E 340 -1.76 -7.61 -56.53
C TRP E 340 -3.18 -7.26 -56.19
N ILE E 341 -3.96 -8.18 -55.49
CA ILE E 341 -5.34 -7.95 -55.14
C ILE E 341 -5.39 -6.83 -54.19
N GLY E 342 -4.48 -6.79 -53.16
CA GLY E 342 -4.34 -5.70 -52.24
C GLY E 342 -3.98 -4.36 -52.77
N GLY E 343 -3.18 -4.32 -53.80
CA GLY E 343 -2.92 -2.99 -54.30
C GLY E 343 -4.06 -2.37 -54.98
N SER E 344 -5.00 -3.20 -55.50
CA SER E 344 -6.13 -2.77 -56.27
C SER E 344 -7.06 -1.96 -55.31
N ILE E 345 -7.10 -2.42 -54.02
CA ILE E 345 -7.88 -1.97 -52.87
C ILE E 345 -7.43 -0.59 -52.47
N LEU E 346 -6.09 -0.47 -52.46
CA LEU E 346 -5.48 0.80 -52.18
C LEU E 346 -5.76 1.81 -53.21
N ALA E 347 -5.86 1.39 -54.49
CA ALA E 347 -6.10 2.27 -55.64
C ALA E 347 -7.51 2.71 -55.78
N SER E 348 -8.43 2.18 -54.90
CA SER E 348 -9.82 2.50 -54.89
C SER E 348 -9.91 3.65 -53.81
N LEU E 349 -8.77 3.91 -53.19
CA LEU E 349 -8.63 4.95 -52.19
C LEU E 349 -8.09 6.19 -52.84
N SER E 350 -8.48 7.40 -52.29
CA SER E 350 -8.08 8.64 -52.87
C SER E 350 -7.06 9.21 -51.97
N THR E 351 -6.99 8.61 -50.72
CA THR E 351 -5.94 8.90 -49.85
C THR E 351 -4.64 8.24 -50.36
N PHE E 352 -4.75 7.10 -51.18
CA PHE E 352 -3.57 6.47 -51.71
C PHE E 352 -2.89 7.37 -52.73
N GLN E 353 -3.65 8.37 -53.30
CA GLN E 353 -3.11 9.41 -54.13
C GLN E 353 -2.20 10.25 -53.46
N GLN E 354 -2.44 10.49 -52.19
CA GLN E 354 -1.70 11.40 -51.29
C GLN E 354 -0.77 10.63 -50.41
N MET E 355 -0.86 9.29 -50.46
CA MET E 355 0.02 8.33 -49.86
C MET E 355 0.91 7.70 -50.90
N TRP E 356 0.94 8.26 -52.13
CA TRP E 356 1.83 7.87 -53.18
C TRP E 356 2.72 9.09 -53.40
N ILE E 357 3.79 8.81 -54.21
CA ILE E 357 4.96 9.67 -54.41
C ILE E 357 4.74 10.29 -55.77
N THR E 358 4.71 11.66 -55.81
CA THR E 358 4.40 12.38 -57.02
C THR E 358 5.62 12.51 -57.87
N LYS E 359 5.45 12.72 -59.20
CA LYS E 359 6.51 13.03 -60.16
C LYS E 359 7.33 14.10 -59.63
N GLN E 360 6.71 15.22 -59.34
CA GLN E 360 7.31 16.45 -58.86
C GLN E 360 8.03 16.26 -57.63
N GLU E 361 7.57 15.40 -56.70
CA GLU E 361 8.31 15.20 -55.48
C GLU E 361 9.73 14.79 -55.56
N TYR E 362 10.12 13.99 -56.62
CA TYR E 362 11.43 13.49 -56.79
C TYR E 362 12.46 14.60 -57.01
N ASP E 363 12.07 15.58 -57.90
CA ASP E 363 12.96 16.65 -58.18
C ASP E 363 12.96 17.66 -57.02
N GLU E 364 11.78 17.85 -56.38
CA GLU E 364 11.60 18.84 -55.36
C GLU E 364 12.10 18.43 -53.97
N ALA E 365 12.36 17.16 -53.69
CA ALA E 365 12.79 16.81 -52.33
C ALA E 365 13.95 15.76 -52.44
N GLY E 366 14.72 15.92 -53.51
CA GLY E 366 15.83 15.05 -53.75
C GLY E 366 15.37 13.56 -53.90
N PRO E 367 16.31 12.67 -53.94
CA PRO E 367 16.09 11.31 -54.20
C PRO E 367 15.49 10.54 -52.94
N SER E 368 15.73 11.10 -51.74
CA SER E 368 15.41 10.57 -50.42
C SER E 368 13.96 10.70 -50.13
N ILE E 369 13.21 11.31 -51.05
CA ILE E 369 11.76 11.36 -51.06
C ILE E 369 11.19 9.96 -50.95
N VAL E 370 11.85 8.93 -51.57
CA VAL E 370 11.43 7.57 -51.64
C VAL E 370 11.19 6.99 -50.30
N HIS E 371 12.29 6.87 -49.51
CA HIS E 371 12.29 6.38 -48.16
C HIS E 371 11.51 7.25 -47.21
N ARG E 372 11.13 8.43 -47.64
CA ARG E 372 10.32 9.34 -46.86
C ARG E 372 8.90 8.86 -46.89
N LYS E 373 8.34 8.32 -48.00
CA LYS E 373 7.02 7.88 -48.00
C LYS E 373 7.09 6.40 -47.63
N CYS E 374 7.82 5.51 -48.30
CA CYS E 374 7.94 4.09 -47.75
C CYS E 374 8.90 4.15 -46.61
N PHE E 375 8.45 3.70 -45.38
CA PHE E 375 9.11 3.62 -44.14
C PHE E 375 9.33 2.16 -43.74
N UNK F 1 -24.77 5.96 97.03
CA UNK F 1 -25.44 5.72 95.76
C UNK F 1 -24.51 6.07 94.60
N UNK F 2 -23.68 7.08 94.80
CA UNK F 2 -22.74 7.52 93.77
C UNK F 2 -21.76 6.40 93.43
N UNK F 3 -21.27 5.71 94.44
CA UNK F 3 -20.32 4.62 94.26
C UNK F 3 -20.95 3.49 93.46
N UNK F 4 -22.23 3.23 93.74
CA UNK F 4 -22.96 2.17 93.04
C UNK F 4 -23.23 2.57 91.59
N UNK F 5 -23.52 3.84 91.37
CA UNK F 5 -23.78 4.35 90.02
C UNK F 5 -22.50 4.34 89.20
N UNK F 6 -21.39 4.70 89.83
CA UNK F 6 -20.10 4.70 89.16
C UNK F 6 -19.73 3.28 88.72
N UNK F 7 -20.03 2.32 89.57
CA UNK F 7 -19.75 0.92 89.26
C UNK F 7 -20.57 0.45 88.07
N UNK F 8 -21.84 0.85 88.04
CA UNK F 8 -22.74 0.49 86.96
C UNK F 8 -22.34 1.22 85.67
N UNK F 9 -21.79 2.42 85.81
CA UNK F 9 -21.39 3.21 84.65
C UNK F 9 -20.14 2.63 84.02
N UNK F 10 -19.25 2.09 84.85
CA UNK F 10 -18.01 1.49 84.35
C UNK F 10 -18.30 0.30 83.45
N UNK F 11 -19.16 -0.59 83.91
CA UNK F 11 -19.52 -1.77 83.14
C UNK F 11 -20.42 -1.43 81.96
N UNK F 12 -21.16 -0.33 82.09
CA UNK F 12 -22.06 0.10 81.02
C UNK F 12 -21.26 0.58 79.81
N UNK F 13 -20.23 1.37 80.06
CA UNK F 13 -19.38 1.88 78.98
C UNK F 13 -18.61 0.74 78.31
N UNK F 14 -18.28 -0.28 79.10
CA UNK F 14 -17.56 -1.45 78.57
C UNK F 14 -18.44 -2.22 77.60
N UNK F 15 -19.71 -2.38 77.96
CA UNK F 15 -20.67 -3.05 77.09
C UNK F 15 -20.98 -2.20 75.87
N UNK F 16 -20.99 -0.88 76.06
CA UNK F 16 -21.24 0.05 74.97
C UNK F 16 -20.13 -0.03 73.93
N UNK F 17 -18.89 -0.08 74.39
CA UNK F 17 -17.74 -0.17 73.50
C UNK F 17 -17.78 -1.48 72.71
N UNK F 18 -18.21 -2.55 73.36
CA UNK F 18 -18.31 -3.86 72.72
C UNK F 18 -19.43 -3.87 71.68
N UNK F 19 -20.54 -3.23 72.01
CA UNK F 19 -21.69 -3.19 71.11
C UNK F 19 -21.37 -2.40 69.86
N UNK F 20 -20.74 -1.24 70.03
CA UNK F 20 -20.37 -0.39 68.91
C UNK F 20 -19.35 -1.08 68.02
N UNK F 21 -18.43 -1.82 68.64
CA UNK F 21 -17.40 -2.55 67.91
C UNK F 21 -18.04 -3.63 67.04
N UNK F 22 -19.02 -4.33 67.60
CA UNK F 22 -19.71 -5.39 66.89
C UNK F 22 -20.50 -4.81 65.72
N UNK F 23 -21.08 -3.63 65.93
CA UNK F 23 -21.86 -2.96 64.89
C UNK F 23 -20.95 -2.43 63.79
N UNK F 24 -19.77 -1.96 64.18
CA UNK F 24 -18.81 -1.40 63.24
C UNK F 24 -18.32 -2.48 62.28
N UNK F 25 -18.08 -3.68 62.80
CA UNK F 25 -17.62 -4.80 61.98
C UNK F 25 -18.76 -5.39 61.15
N UNK F 26 -19.99 -5.27 61.66
CA UNK F 26 -21.16 -5.80 60.96
C UNK F 26 -21.54 -4.90 59.79
N UNK F 27 -21.52 -3.59 60.01
CA UNK F 27 -21.87 -2.64 58.96
C UNK F 27 -20.83 -2.65 57.86
N UNK F 28 -19.58 -2.92 58.22
CA UNK F 28 -18.50 -3.00 57.24
C UNK F 28 -18.65 -4.27 56.40
N UNK F 29 -18.97 -5.38 57.06
CA UNK F 29 -19.17 -6.64 56.38
C UNK F 29 -20.32 -6.55 55.38
N UNK F 30 -21.36 -5.83 55.76
CA UNK F 30 -22.51 -5.63 54.89
C UNK F 30 -22.14 -4.73 53.72
N UNK F 31 -21.23 -3.79 53.96
CA UNK F 31 -20.82 -2.85 52.93
C UNK F 31 -20.00 -3.54 51.84
N UNK F 32 -19.01 -4.32 52.25
CA UNK F 32 -18.16 -5.02 51.30
C UNK F 32 -18.93 -6.06 50.50
N UNK F 33 -19.89 -6.71 51.14
CA UNK F 33 -20.72 -7.71 50.47
C UNK F 33 -21.64 -7.04 49.45
N UNK F 34 -22.20 -5.89 49.83
CA UNK F 34 -23.07 -5.13 48.95
C UNK F 34 -22.31 -4.69 47.69
N UNK F 35 -21.07 -4.24 47.88
CA UNK F 35 -20.23 -3.81 46.77
C UNK F 35 -19.94 -4.98 45.84
N UNK F 36 -19.63 -6.14 46.42
CA UNK F 36 -19.35 -7.33 45.63
C UNK F 36 -20.60 -7.78 44.88
N UNK F 37 -21.77 -7.64 45.52
CA UNK F 37 -23.03 -8.03 44.92
C UNK F 37 -23.31 -7.19 43.67
N UNK F 38 -23.02 -5.90 43.77
CA UNK F 38 -23.22 -4.99 42.64
C UNK F 38 -22.26 -5.31 41.51
N UNK F 39 -21.03 -5.63 41.85
CA UNK F 39 -20.02 -6.00 40.85
C UNK F 39 -20.43 -7.26 40.13
N UNK F 40 -21.01 -8.21 40.86
CA UNK F 40 -21.50 -9.45 40.29
C UNK F 40 -22.74 -9.21 39.44
N UNK F 41 -23.58 -8.27 39.87
CA UNK F 41 -24.79 -7.93 39.15
C UNK F 41 -24.46 -7.36 37.77
N UNK F 42 -23.51 -6.44 37.74
CA UNK F 42 -23.09 -5.82 36.48
C UNK F 42 -22.42 -6.86 35.58
N UNK F 43 -21.65 -7.76 36.18
CA UNK F 43 -20.98 -8.82 35.44
C UNK F 43 -21.98 -9.83 34.91
N UNK F 44 -23.12 -9.95 35.60
CA UNK F 44 -24.17 -10.86 35.18
C UNK F 44 -24.95 -10.29 34.00
N UNK F 45 -25.20 -8.99 34.03
CA UNK F 45 -25.96 -8.33 32.98
C UNK F 45 -25.16 -8.24 31.68
N UNK F 46 -23.90 -7.84 31.79
CA UNK F 46 -23.04 -7.70 30.62
C UNK F 46 -22.84 -9.05 29.92
N UNK F 47 -22.83 -10.13 30.69
CA UNK F 47 -22.68 -11.47 30.14
C UNK F 47 -24.01 -12.02 29.64
N UNK F 48 -25.10 -11.55 30.24
CA UNK F 48 -26.44 -11.93 29.82
C UNK F 48 -26.65 -11.52 28.36
N UNK F 49 -26.03 -10.42 27.96
CA UNK F 49 -26.10 -9.94 26.59
C UNK F 49 -25.21 -10.79 25.69
N UNK F 50 -24.04 -11.18 26.21
CA UNK F 50 -23.11 -12.01 25.46
C UNK F 50 -23.71 -13.40 25.22
N UNK F 51 -24.38 -13.94 26.23
CA UNK F 51 -25.00 -15.25 26.13
C UNK F 51 -26.01 -15.27 25.00
N UNK F 52 -26.86 -14.25 24.95
CA UNK F 52 -27.86 -14.12 23.89
C UNK F 52 -27.18 -13.99 22.54
N UNK F 53 -26.19 -13.11 22.46
CA UNK F 53 -25.44 -12.90 21.23
C UNK F 53 -24.78 -14.20 20.78
N UNK F 54 -24.29 -14.98 21.74
CA UNK F 54 -23.62 -16.24 21.44
C UNK F 54 -24.62 -17.27 20.92
N UNK F 55 -25.87 -17.15 21.36
CA UNK F 55 -26.92 -18.06 20.92
C UNK F 55 -27.43 -17.66 19.54
N UNK F 56 -27.65 -16.37 19.33
CA UNK F 56 -28.17 -15.88 18.06
C UNK F 56 -27.17 -16.13 16.93
N UNK F 57 -25.90 -15.83 17.18
CA UNK F 57 -24.85 -16.01 16.17
C UNK F 57 -24.72 -17.48 15.80
N UNK F 58 -25.08 -18.37 16.72
CA UNK F 58 -25.05 -19.80 16.45
C UNK F 58 -26.23 -20.20 15.58
N UNK F 59 -27.40 -19.65 15.88
CA UNK F 59 -28.59 -19.92 15.10
C UNK F 59 -28.46 -19.34 13.69
N UNK F 60 -27.83 -18.17 13.60
CA UNK F 60 -27.60 -17.53 12.32
C UNK F 60 -26.64 -18.35 11.47
N UNK F 61 -25.64 -18.94 12.13
CA UNK F 61 -24.66 -19.77 11.45
C UNK F 61 -25.33 -21.03 10.91
N UNK F 62 -26.29 -21.56 11.66
CA UNK F 62 -27.04 -22.75 11.25
C UNK F 62 -27.90 -22.42 10.03
N UNK F 63 -28.57 -21.28 10.07
CA UNK F 63 -29.40 -20.84 8.95
C UNK F 63 -28.52 -20.57 7.73
N UNK F 64 -27.33 -20.03 7.98
CA UNK F 64 -26.37 -19.76 6.92
C UNK F 64 -25.88 -21.07 6.30
N UNK F 65 -25.74 -22.09 7.14
CA UNK F 65 -25.30 -23.40 6.69
C UNK F 65 -26.39 -24.10 5.88
N UNK F 66 -27.64 -23.87 6.25
CA UNK F 66 -28.77 -24.48 5.56
C UNK F 66 -28.89 -23.94 4.13
N UNK F 67 -28.58 -22.65 3.96
CA UNK F 67 -28.69 -22.01 2.65
C UNK F 67 -27.66 -22.60 1.68
N UNK F 68 -26.40 -22.62 2.10
CA UNK F 68 -25.33 -23.14 1.25
C UNK F 68 -25.51 -24.63 1.00
N UNK F 69 -26.14 -25.31 1.95
CA UNK F 69 -26.39 -26.74 1.83
C UNK F 69 -27.31 -27.04 0.66
N UNK F 70 -28.35 -26.22 0.51
CA UNK F 70 -29.30 -26.38 -0.59
C UNK F 70 -28.64 -26.06 -1.93
N UNK F 71 -27.79 -25.03 -1.93
CA UNK F 71 -27.09 -24.63 -3.13
C UNK F 71 -26.14 -25.72 -3.60
N UNK F 72 -25.63 -26.51 -2.65
CA UNK F 72 -24.73 -27.61 -2.98
C UNK F 72 -25.46 -28.70 -3.76
N UNK F 73 -26.77 -28.78 -3.56
CA UNK F 73 -27.59 -29.77 -4.25
C UNK F 73 -28.02 -29.26 -5.63
N UNK F 74 -28.25 -27.96 -5.72
CA UNK F 74 -28.69 -27.34 -6.97
C UNK F 74 -27.56 -27.28 -8.01
N UNK F 75 -26.34 -26.97 -7.53
CA UNK F 75 -25.20 -26.81 -8.42
C UNK F 75 -24.87 -28.12 -9.15
N UNK F 76 -25.21 -29.24 -8.54
CA UNK F 76 -24.92 -30.55 -9.13
C UNK F 76 -25.89 -30.87 -10.28
N UNK F 77 -27.09 -30.30 -10.21
CA UNK F 77 -28.11 -30.56 -11.21
C UNK F 77 -27.71 -30.03 -12.58
N UNK F 78 -26.90 -28.98 -12.60
CA UNK F 78 -26.48 -28.35 -13.85
C UNK F 78 -25.22 -28.99 -14.41
N UNK F 79 -24.44 -29.63 -13.54
CA UNK F 79 -23.18 -30.23 -13.94
C UNK F 79 -23.40 -31.42 -14.88
N UNK F 80 -24.29 -32.31 -14.50
CA UNK F 80 -24.55 -33.52 -15.28
C UNK F 80 -25.08 -33.21 -16.68
N UNK F 81 -25.75 -32.06 -16.81
CA UNK F 81 -26.35 -31.68 -18.08
C UNK F 81 -25.29 -31.31 -19.11
N UNK F 82 -24.23 -30.63 -18.66
CA UNK F 82 -23.17 -30.19 -19.56
C UNK F 82 -22.26 -31.35 -19.93
N UNK F 83 -22.10 -32.30 -19.00
CA UNK F 83 -21.25 -33.46 -19.24
C UNK F 83 -21.83 -34.35 -20.32
N UNK F 84 -23.15 -34.54 -20.29
CA UNK F 84 -23.82 -35.39 -21.27
C UNK F 84 -23.83 -34.76 -22.66
N UNK F 85 -24.11 -33.46 -22.70
CA UNK F 85 -24.16 -32.74 -23.97
C UNK F 85 -22.79 -32.72 -24.64
N UNK F 86 -21.73 -32.71 -23.84
CA UNK F 86 -20.37 -32.72 -24.36
C UNK F 86 -20.01 -34.11 -24.86
N UNK F 87 -20.40 -35.13 -24.11
CA UNK F 87 -20.12 -36.52 -24.48
C UNK F 87 -20.88 -36.88 -25.75
N UNK F 88 -22.13 -36.44 -25.83
CA UNK F 88 -22.97 -36.72 -26.99
C UNK F 88 -22.37 -36.08 -28.25
N UNK F 89 -21.82 -34.88 -28.09
CA UNK F 89 -21.20 -34.16 -29.20
C UNK F 89 -19.93 -34.87 -29.64
N UNK F 90 -19.09 -35.23 -28.67
CA UNK F 90 -17.83 -35.90 -28.95
C UNK F 90 -18.05 -37.22 -29.70
N UNK F 91 -19.15 -37.89 -29.36
CA UNK F 91 -19.49 -39.15 -30.01
C UNK F 91 -19.72 -38.98 -31.49
N UNK F 92 -20.43 -37.92 -31.87
CA UNK F 92 -20.72 -37.64 -33.26
C UNK F 92 -19.53 -36.97 -33.94
N UNK F 93 -18.84 -36.11 -33.20
CA UNK F 93 -17.69 -35.39 -33.74
C UNK F 93 -16.62 -36.38 -34.21
N UNK F 94 -16.39 -37.42 -33.41
CA UNK F 94 -15.41 -38.44 -33.75
C UNK F 94 -15.87 -39.23 -34.98
N UNK F 95 -17.18 -39.47 -35.06
CA UNK F 95 -17.75 -40.19 -36.20
C UNK F 95 -17.62 -39.38 -37.48
N UNK F 96 -17.86 -38.07 -37.37
CA UNK F 96 -17.75 -37.19 -38.52
C UNK F 96 -16.30 -37.09 -38.99
N UNK F 97 -15.37 -37.06 -38.04
CA UNK F 97 -13.95 -37.01 -38.37
C UNK F 97 -13.51 -38.28 -39.08
N UNK F 98 -14.00 -39.42 -38.61
CA UNK F 98 -13.70 -40.70 -39.23
C UNK F 98 -14.29 -40.77 -40.64
N UNK F 99 -15.51 -40.27 -40.79
CA UNK F 99 -16.17 -40.23 -42.08
C UNK F 99 -15.42 -39.32 -43.03
N UNK F 100 -15.00 -38.17 -42.53
CA UNK F 100 -14.25 -37.20 -43.33
C UNK F 100 -12.94 -37.82 -43.81
N UNK F 101 -12.30 -38.60 -42.96
CA UNK F 101 -11.04 -39.26 -43.30
C UNK F 101 -11.24 -40.22 -44.46
N UNK F 102 -12.40 -40.86 -44.52
CA UNK F 102 -12.71 -41.81 -45.57
C UNK F 102 -13.07 -41.10 -46.87
N UNK F 103 -13.84 -40.01 -46.75
CA UNK F 103 -14.27 -39.24 -47.91
C UNK F 103 -13.10 -38.54 -48.58
N UNK F 104 -12.26 -37.89 -47.78
CA UNK F 104 -11.11 -37.16 -48.30
C UNK F 104 -10.12 -38.12 -48.98
N UNK F 105 -10.12 -39.38 -48.53
CA UNK F 105 -9.26 -40.40 -49.11
C UNK F 105 -9.69 -40.72 -50.54
N UNK F 106 -11.01 -40.82 -50.74
CA UNK F 106 -11.55 -41.10 -52.06
C UNK F 106 -11.59 -39.84 -52.93
N UNK F 107 -11.66 -38.68 -52.27
CA UNK F 107 -11.69 -37.41 -52.99
C UNK F 107 -10.43 -37.25 -53.82
N UNK F 108 -9.27 -37.35 -53.16
CA UNK F 108 -8.00 -37.22 -53.84
C UNK F 108 -7.77 -38.40 -54.79
N UNK F 109 -8.38 -39.53 -54.47
CA UNK F 109 -8.26 -40.72 -55.31
C UNK F 109 -8.96 -40.49 -56.65
N UNK F 110 -10.19 -39.96 -56.58
CA UNK F 110 -10.94 -39.65 -57.79
C UNK F 110 -10.29 -38.50 -58.55
N UNK F 111 -9.72 -37.56 -57.81
CA UNK F 111 -9.03 -36.43 -58.42
C UNK F 111 -7.82 -36.91 -59.23
N UNK F 112 -7.12 -37.90 -58.70
CA UNK F 112 -5.96 -38.48 -59.37
C UNK F 112 -6.40 -39.16 -60.66
N UNK F 113 -7.50 -39.89 -60.59
CA UNK F 113 -8.04 -40.57 -61.76
C UNK F 113 -8.54 -39.55 -62.79
N UNK F 114 -9.20 -38.51 -62.31
CA UNK F 114 -9.70 -37.45 -63.17
C UNK F 114 -8.57 -36.79 -63.94
N UNK F 115 -7.46 -36.55 -63.24
CA UNK F 115 -6.29 -35.96 -63.86
C UNK F 115 -5.68 -36.91 -64.88
N UNK F 116 -5.71 -38.20 -64.56
CA UNK F 116 -5.19 -39.22 -65.45
C UNK F 116 -6.04 -39.32 -66.71
N UNK F 117 -7.36 -39.34 -66.53
CA UNK F 117 -8.29 -39.39 -67.64
C UNK F 117 -8.11 -38.18 -68.55
N UNK F 118 -7.88 -37.03 -67.94
CA UNK F 118 -7.66 -35.80 -68.69
C UNK F 118 -6.37 -35.89 -69.51
N UNK F 119 -5.37 -36.57 -68.95
CA UNK F 119 -4.09 -36.74 -69.64
C UNK F 119 -4.24 -37.70 -70.81
N UNK F 120 -5.12 -38.69 -70.66
CA UNK F 120 -5.35 -39.68 -71.70
C UNK F 120 -6.01 -39.05 -72.92
N UNK F 121 -7.11 -38.35 -72.70
CA UNK F 121 -7.86 -37.74 -73.79
C UNK F 121 -7.01 -36.73 -74.56
N UNK F 122 -6.12 -36.05 -73.85
CA UNK F 122 -5.23 -35.09 -74.50
C UNK F 122 -4.28 -35.78 -75.47
N UNK F 123 -3.77 -36.94 -75.07
CA UNK F 123 -2.87 -37.71 -75.91
C UNK F 123 -3.62 -38.37 -77.06
N UNK F 124 -4.84 -38.81 -76.78
CA UNK F 124 -5.69 -39.42 -77.79
C UNK F 124 -5.99 -38.43 -78.91
N UNK F 125 -6.53 -37.27 -78.55
CA UNK F 125 -6.88 -36.24 -79.51
C UNK F 125 -5.67 -35.85 -80.35
N UNK F 126 -4.50 -35.84 -79.73
CA UNK F 126 -3.27 -35.49 -80.41
C UNK F 126 -2.92 -36.55 -81.46
N UNK F 127 -3.02 -37.81 -81.07
CA UNK F 127 -2.72 -38.92 -81.98
C UNK F 127 -3.78 -39.01 -83.08
N UNK F 128 -5.04 -38.87 -82.70
CA UNK F 128 -6.14 -38.91 -83.66
C UNK F 128 -5.95 -37.83 -84.73
N UNK F 129 -5.49 -36.66 -84.29
CA UNK F 129 -5.24 -35.55 -85.20
C UNK F 129 -4.22 -35.96 -86.27
N UNK F 130 -3.20 -36.71 -85.83
CA UNK F 130 -2.17 -37.19 -86.75
C UNK F 130 -2.73 -38.24 -87.69
N UNK F 131 -3.54 -39.15 -87.15
CA UNK F 131 -4.14 -40.21 -87.95
C UNK F 131 -5.00 -39.62 -89.07
N UNK F 132 -5.70 -38.54 -88.76
CA UNK F 132 -6.56 -37.87 -89.74
C UNK F 132 -5.72 -37.29 -90.88
N UNK F 133 -4.58 -36.69 -90.53
CA UNK F 133 -3.70 -36.12 -91.53
C UNK F 133 -3.14 -37.19 -92.46
N UNK F 134 -2.70 -38.30 -91.87
CA UNK F 134 -2.15 -39.41 -92.65
C UNK F 134 -3.23 -40.06 -93.51
N UNK F 135 -4.47 -40.06 -93.00
CA UNK F 135 -5.58 -40.63 -93.73
C UNK F 135 -5.88 -39.83 -94.99
N UNK F 136 -5.80 -38.50 -94.87
CA UNK F 136 -6.04 -37.63 -96.00
C UNK F 136 -4.89 -37.67 -96.99
N UNK G 1 -22.53 15.19 91.63
CA UNK G 1 -21.84 14.22 90.80
C UNK G 1 -22.75 13.03 90.48
N UNK G 2 -23.63 12.71 91.42
CA UNK G 2 -24.57 11.60 91.24
C UNK G 2 -25.50 11.87 90.06
N UNK G 3 -25.94 13.12 89.93
CA UNK G 3 -26.83 13.51 88.85
C UNK G 3 -26.14 13.32 87.50
N UNK G 4 -24.86 13.65 87.44
CA UNK G 4 -24.08 13.48 86.22
C UNK G 4 -23.89 12.01 85.90
N UNK G 5 -23.62 11.21 86.94
CA UNK G 5 -23.43 9.77 86.76
C UNK G 5 -24.72 9.12 86.26
N UNK G 6 -25.85 9.53 86.83
CA UNK G 6 -27.15 9.01 86.41
C UNK G 6 -27.46 9.46 84.99
N UNK G 7 -27.07 10.69 84.66
CA UNK G 7 -27.29 11.23 83.33
C UNK G 7 -26.52 10.44 82.29
N UNK G 8 -25.25 10.14 82.60
CA UNK G 8 -24.41 9.37 81.70
C UNK G 8 -24.90 7.93 81.59
N UNK G 9 -25.47 7.40 82.67
CA UNK G 9 -26.03 6.06 82.67
C UNK G 9 -27.23 5.96 81.72
N UNK G 10 -28.01 7.04 81.66
CA UNK G 10 -29.19 7.08 80.82
C UNK G 10 -28.82 7.07 79.35
N UNK G 11 -27.90 7.96 78.96
CA UNK G 11 -27.49 8.08 77.57
C UNK G 11 -26.66 6.88 77.12
N UNK G 12 -25.96 6.25 78.08
CA UNK G 12 -25.14 5.09 77.77
C UNK G 12 -26.01 3.86 77.57
N UNK G 13 -26.95 3.65 78.49
CA UNK G 13 -27.86 2.51 78.41
C UNK G 13 -28.71 2.58 77.14
N UNK G 14 -29.09 3.79 76.77
CA UNK G 14 -29.89 4.00 75.57
C UNK G 14 -29.06 3.76 74.31
N UNK G 15 -27.85 4.32 74.28
CA UNK G 15 -26.98 4.16 73.13
C UNK G 15 -26.53 2.71 73.00
N UNK G 16 -26.44 2.01 74.14
CA UNK G 16 -26.10 0.60 74.15
C UNK G 16 -27.15 -0.21 73.40
N UNK G 17 -28.42 0.11 73.65
CA UNK G 17 -29.51 -0.58 72.99
C UNK G 17 -29.52 -0.27 71.50
N UNK G 18 -29.24 0.99 71.16
CA UNK G 18 -29.18 1.41 69.76
C UNK G 18 -28.03 0.73 69.02
N UNK G 19 -26.88 0.65 69.68
CA UNK G 19 -25.72 0.00 69.10
C UNK G 19 -25.99 -1.48 68.85
N UNK G 20 -26.60 -2.13 69.83
CA UNK G 20 -26.96 -3.54 69.69
C UNK G 20 -28.03 -3.71 68.63
N UNK G 21 -28.97 -2.77 68.57
CA UNK G 21 -30.04 -2.80 67.58
C UNK G 21 -29.47 -2.67 66.17
N UNK G 22 -28.52 -1.75 66.00
CA UNK G 22 -27.90 -1.52 64.70
C UNK G 22 -27.08 -2.74 64.28
N UNK G 23 -26.45 -3.39 65.27
CA UNK G 23 -25.63 -4.57 65.00
C UNK G 23 -26.48 -5.70 64.44
N UNK G 24 -27.71 -5.83 64.94
CA UNK G 24 -28.62 -6.88 64.48
C UNK G 24 -29.15 -6.55 63.09
N UNK G 25 -29.53 -5.29 62.89
CA UNK G 25 -30.06 -4.86 61.60
C UNK G 25 -28.99 -4.93 60.51
N UNK G 26 -27.78 -4.53 60.86
CA UNK G 26 -26.66 -4.59 59.93
C UNK G 26 -26.37 -6.03 59.53
N UNK G 27 -26.41 -6.93 60.53
CA UNK G 27 -26.20 -8.34 60.28
C UNK G 27 -27.37 -8.91 59.49
N UNK G 28 -28.57 -8.40 59.78
CA UNK G 28 -29.78 -8.81 59.07
C UNK G 28 -29.67 -8.42 57.60
N UNK G 29 -29.17 -7.21 57.34
CA UNK G 29 -29.00 -6.72 55.99
C UNK G 29 -27.89 -7.45 55.26
N UNK G 30 -26.87 -7.88 56.01
CA UNK G 30 -25.76 -8.62 55.44
C UNK G 30 -26.21 -9.99 54.96
N UNK G 31 -27.09 -10.62 55.74
CA UNK G 31 -27.54 -11.97 55.44
C UNK G 31 -28.37 -12.02 54.17
N UNK G 32 -29.34 -11.12 54.04
CA UNK G 32 -30.23 -11.11 52.89
C UNK G 32 -29.47 -10.82 51.59
N UNK G 33 -28.42 -10.00 51.69
CA UNK G 33 -27.61 -9.67 50.52
C UNK G 33 -26.62 -10.80 50.22
N UNK G 34 -26.06 -11.39 51.26
CA UNK G 34 -25.14 -12.50 51.11
C UNK G 34 -25.80 -13.65 50.35
N UNK G 35 -27.04 -13.96 50.73
CA UNK G 35 -27.79 -15.03 50.08
C UNK G 35 -27.98 -14.73 48.60
N UNK G 36 -28.38 -13.51 48.28
CA UNK G 36 -28.58 -13.10 46.91
C UNK G 36 -27.26 -13.12 46.13
N UNK G 37 -26.18 -12.75 46.81
CA UNK G 37 -24.85 -12.72 46.19
C UNK G 37 -24.44 -14.13 45.78
N UNK G 38 -24.74 -15.11 46.63
CA UNK G 38 -24.41 -16.50 46.35
C UNK G 38 -25.26 -17.05 45.21
N UNK G 39 -26.53 -16.66 45.18
CA UNK G 39 -27.43 -17.09 44.12
C UNK G 39 -26.98 -16.54 42.77
N UNK G 40 -26.55 -15.28 42.76
CA UNK G 40 -26.05 -14.64 41.55
C UNK G 40 -24.76 -15.32 41.10
N UNK G 41 -23.82 -15.49 42.03
CA UNK G 41 -22.55 -16.12 41.73
C UNK G 41 -22.76 -17.48 41.06
N UNK G 42 -23.69 -18.26 41.60
CA UNK G 42 -23.99 -19.58 41.05
C UNK G 42 -24.61 -19.46 39.65
N UNK G 43 -25.57 -18.55 39.52
CA UNK G 43 -26.25 -18.33 38.25
C UNK G 43 -25.26 -17.86 37.18
N UNK G 44 -24.32 -17.00 37.56
CA UNK G 44 -23.34 -16.47 36.64
C UNK G 44 -22.46 -17.59 36.07
N UNK G 45 -22.03 -18.50 36.96
CA UNK G 45 -21.18 -19.61 36.55
C UNK G 45 -21.90 -20.51 35.53
N UNK G 46 -23.17 -20.79 35.80
CA UNK G 46 -23.95 -21.68 34.93
C UNK G 46 -24.11 -21.07 33.54
N UNK G 47 -24.44 -19.78 33.49
CA UNK G 47 -24.60 -19.09 32.21
C UNK G 47 -23.32 -19.08 31.40
N UNK G 48 -22.19 -18.89 32.09
CA UNK G 48 -20.90 -18.83 31.42
C UNK G 48 -20.47 -20.18 30.88
N UNK G 49 -20.98 -21.25 31.49
CA UNK G 49 -20.75 -22.59 30.98
C UNK G 49 -21.52 -22.78 29.68
N UNK G 50 -22.73 -22.21 29.62
CA UNK G 50 -23.52 -22.24 28.41
C UNK G 50 -22.90 -21.32 27.36
N UNK G 51 -22.31 -20.23 27.83
CA UNK G 51 -21.64 -19.28 26.94
C UNK G 51 -20.52 -19.97 26.19
N UNK G 52 -19.82 -20.88 26.87
CA UNK G 52 -18.77 -21.66 26.23
C UNK G 52 -19.35 -22.49 25.10
N UNK G 53 -20.33 -23.31 25.42
CA UNK G 53 -20.97 -24.18 24.44
C UNK G 53 -21.54 -23.37 23.28
N UNK G 54 -22.23 -22.28 23.60
CA UNK G 54 -22.86 -21.44 22.59
C UNK G 54 -21.85 -20.99 21.54
N UNK G 55 -20.63 -20.69 21.97
CA UNK G 55 -19.58 -20.26 21.06
C UNK G 55 -19.02 -21.45 20.28
N UNK G 56 -18.70 -22.53 20.98
CA UNK G 56 -18.16 -23.72 20.35
C UNK G 56 -19.10 -24.24 19.26
N UNK G 57 -20.40 -24.15 19.54
CA UNK G 57 -21.41 -24.56 18.56
C UNK G 57 -21.43 -23.60 17.39
N UNK G 58 -21.28 -22.31 17.68
CA UNK G 58 -21.25 -21.29 16.64
C UNK G 58 -20.02 -21.45 15.75
N UNK G 59 -18.87 -21.73 16.38
CA UNK G 59 -17.63 -21.93 15.66
C UNK G 59 -17.69 -23.22 14.84
N UNK G 60 -18.22 -24.28 15.45
CA UNK G 60 -18.37 -25.55 14.77
C UNK G 60 -19.21 -25.40 13.51
N UNK G 61 -20.25 -24.58 13.60
CA UNK G 61 -21.12 -24.33 12.46
C UNK G 61 -20.36 -23.60 11.37
N UNK G 62 -19.48 -22.69 11.77
CA UNK G 62 -18.67 -21.93 10.82
C UNK G 62 -17.68 -22.85 10.11
N UNK G 63 -17.02 -23.71 10.89
CA UNK G 63 -16.07 -24.67 10.32
C UNK G 63 -16.80 -25.67 9.43
N UNK G 64 -18.01 -26.03 9.82
CA UNK G 64 -18.84 -26.95 9.04
C UNK G 64 -19.31 -26.27 7.76
N UNK G 65 -19.47 -24.95 7.82
CA UNK G 65 -19.89 -24.17 6.67
C UNK G 65 -18.76 -24.09 5.64
N UNK G 66 -17.55 -23.83 6.11
CA UNK G 66 -16.39 -23.73 5.23
C UNK G 66 -16.23 -24.99 4.40
N UNK G 67 -16.45 -26.14 5.01
CA UNK G 67 -16.33 -27.42 4.31
C UNK G 67 -17.28 -27.48 3.13
N UNK G 68 -18.56 -27.21 3.39
CA UNK G 68 -19.58 -27.23 2.35
C UNK G 68 -19.35 -26.10 1.34
N UNK G 69 -19.04 -24.91 1.86
CA UNK G 69 -18.77 -23.76 1.02
C UNK G 69 -17.61 -24.04 0.07
N UNK G 70 -16.64 -24.82 0.54
CA UNK G 70 -15.48 -25.15 -0.28
C UNK G 70 -15.84 -26.21 -1.30
N UNK G 71 -16.64 -27.19 -0.88
CA UNK G 71 -17.12 -28.23 -1.78
C UNK G 71 -17.95 -27.61 -2.90
N UNK G 72 -18.70 -26.57 -2.55
CA UNK G 72 -19.52 -25.87 -3.52
C UNK G 72 -18.66 -25.29 -4.64
N UNK G 73 -17.53 -24.69 -4.26
CA UNK G 73 -16.61 -24.09 -5.22
C UNK G 73 -16.03 -25.16 -6.15
N UNK G 74 -15.71 -26.32 -5.58
CA UNK G 74 -15.15 -27.42 -6.36
C UNK G 74 -16.12 -27.85 -7.45
N UNK G 75 -17.38 -28.08 -7.08
CA UNK G 75 -18.40 -28.50 -8.03
C UNK G 75 -18.76 -27.35 -8.98
N UNK G 76 -18.86 -26.15 -8.44
CA UNK G 76 -19.17 -24.97 -9.25
C UNK G 76 -18.08 -24.75 -10.31
N UNK G 77 -16.84 -25.02 -9.93
CA UNK G 77 -15.72 -24.88 -10.85
C UNK G 77 -15.79 -25.94 -11.94
N UNK G 78 -16.21 -27.15 -11.56
CA UNK G 78 -16.37 -28.24 -12.52
C UNK G 78 -17.45 -27.89 -13.54
N UNK G 79 -18.50 -27.20 -13.07
CA UNK G 79 -19.58 -26.78 -13.94
C UNK G 79 -19.06 -25.84 -15.02
N UNK G 80 -18.11 -24.99 -14.66
CA UNK G 80 -17.50 -24.07 -15.61
C UNK G 80 -16.66 -24.81 -16.63
N UNK G 81 -15.98 -25.86 -16.17
CA UNK G 81 -15.16 -26.68 -17.07
C UNK G 81 -16.05 -27.50 -17.99
N UNK G 82 -17.14 -28.02 -17.44
CA UNK G 82 -18.08 -28.83 -18.22
C UNK G 82 -18.80 -27.97 -19.25
N UNK G 83 -19.24 -26.79 -18.84
CA UNK G 83 -19.95 -25.88 -19.72
C UNK G 83 -19.04 -25.37 -20.83
N UNK G 84 -17.77 -25.16 -20.49
CA UNK G 84 -16.80 -24.63 -21.45
C UNK G 84 -16.49 -25.66 -22.54
N UNK G 85 -16.21 -26.90 -22.12
CA UNK G 85 -15.86 -27.95 -23.07
C UNK G 85 -17.07 -28.39 -23.89
N UNK G 86 -18.26 -28.14 -23.35
CA UNK G 86 -19.50 -28.52 -24.04
C UNK G 86 -19.79 -27.56 -25.19
N UNK G 87 -19.80 -26.27 -24.89
CA UNK G 87 -20.07 -25.25 -25.91
C UNK G 87 -18.97 -25.24 -26.97
N UNK G 88 -17.76 -25.58 -26.56
CA UNK G 88 -16.63 -25.62 -27.48
C UNK G 88 -16.72 -26.82 -28.40
N UNK G 89 -17.10 -27.97 -27.85
CA UNK G 89 -17.22 -29.20 -28.63
C UNK G 89 -18.40 -29.10 -29.59
N UNK G 90 -19.55 -28.69 -29.07
CA UNK G 90 -20.75 -28.56 -29.88
C UNK G 90 -20.56 -27.53 -30.99
N UNK G 91 -19.83 -26.46 -30.67
CA UNK G 91 -19.57 -25.41 -31.65
C UNK G 91 -18.75 -25.91 -32.82
N UNK G 92 -17.71 -26.67 -32.51
CA UNK G 92 -16.84 -27.23 -33.56
C UNK G 92 -17.52 -28.40 -34.25
N UNK G 93 -18.28 -29.18 -33.49
CA UNK G 93 -18.98 -30.34 -34.03
C UNK G 93 -20.01 -29.90 -35.07
N UNK G 94 -20.72 -28.81 -34.77
CA UNK G 94 -21.69 -28.25 -35.70
C UNK G 94 -20.99 -27.73 -36.95
N UNK G 95 -19.85 -27.09 -36.75
CA UNK G 95 -19.07 -26.58 -37.87
C UNK G 95 -18.55 -27.73 -38.72
N UNK G 96 -18.12 -28.80 -38.06
CA UNK G 96 -17.62 -29.98 -38.74
C UNK G 96 -18.74 -30.66 -39.52
N UNK G 97 -19.89 -30.84 -38.87
CA UNK G 97 -21.04 -31.47 -39.50
C UNK G 97 -21.43 -30.73 -40.78
N UNK G 98 -21.42 -29.41 -40.71
CA UNK G 98 -21.76 -28.58 -41.87
C UNK G 98 -20.69 -28.71 -42.96
N UNK G 99 -19.44 -28.85 -42.54
CA UNK G 99 -18.33 -28.98 -43.48
C UNK G 99 -18.40 -30.31 -44.22
N UNK G 100 -18.74 -31.37 -43.49
CA UNK G 100 -18.87 -32.70 -44.09
C UNK G 100 -19.88 -32.68 -45.24
N UNK G 101 -20.98 -31.97 -45.05
CA UNK G 101 -22.00 -31.86 -46.08
C UNK G 101 -21.44 -31.21 -47.33
N UNK G 102 -20.58 -30.22 -47.15
CA UNK G 102 -19.95 -29.53 -48.26
C UNK G 102 -18.94 -30.43 -48.96
N UNK G 103 -18.14 -31.15 -48.17
CA UNK G 103 -17.15 -32.06 -48.71
C UNK G 103 -17.82 -33.23 -49.41
N UNK G 104 -18.90 -33.75 -48.82
CA UNK G 104 -19.64 -34.84 -49.41
C UNK G 104 -20.21 -34.44 -50.77
N UNK G 105 -20.73 -33.21 -50.85
CA UNK G 105 -21.25 -32.68 -52.10
C UNK G 105 -20.15 -32.57 -53.15
N UNK G 106 -18.97 -32.15 -52.72
CA UNK G 106 -17.82 -32.05 -53.61
C UNK G 106 -17.39 -33.42 -54.09
N UNK G 107 -17.48 -34.40 -53.21
CA UNK G 107 -17.13 -35.78 -53.56
C UNK G 107 -18.07 -36.29 -54.65
N UNK G 108 -19.36 -36.08 -54.45
CA UNK G 108 -20.37 -36.50 -55.42
C UNK G 108 -20.18 -35.78 -56.74
N UNK G 109 -19.80 -34.51 -56.67
CA UNK G 109 -19.59 -33.69 -57.86
C UNK G 109 -18.37 -34.17 -58.65
N UNK G 110 -17.25 -34.32 -57.94
CA UNK G 110 -16.00 -34.75 -58.56
C UNK G 110 -16.16 -36.15 -59.13
N UNK G 111 -16.80 -37.02 -58.38
CA UNK G 111 -17.05 -38.40 -58.82
C UNK G 111 -17.83 -38.41 -60.13
N UNK G 112 -18.79 -37.50 -60.25
CA UNK G 112 -19.60 -37.39 -61.45
C UNK G 112 -18.75 -36.97 -62.65
N UNK G 113 -17.87 -36.00 -62.42
CA UNK G 113 -16.99 -35.52 -63.48
C UNK G 113 -16.01 -36.60 -63.90
N UNK G 114 -15.48 -37.33 -62.93
CA UNK G 114 -14.55 -38.43 -63.20
C UNK G 114 -15.22 -39.48 -64.05
N UNK G 115 -16.51 -39.72 -63.81
CA UNK G 115 -17.27 -40.69 -64.57
C UNK G 115 -17.41 -40.23 -66.03
N UNK G 116 -17.61 -38.94 -66.21
CA UNK G 116 -17.74 -38.37 -67.55
C UNK G 116 -16.41 -38.39 -68.29
N UNK G 117 -15.32 -38.21 -67.55
CA UNK G 117 -13.99 -38.24 -68.13
C UNK G 117 -13.59 -39.67 -68.48
N UNK G 118 -14.01 -40.62 -67.66
CA UNK G 118 -13.69 -42.02 -67.87
C UNK G 118 -14.39 -42.57 -69.10
N UNK G 119 -15.68 -42.26 -69.24
CA UNK G 119 -16.48 -42.74 -70.36
C UNK G 119 -16.07 -42.04 -71.66
N UNK G 120 -15.48 -40.85 -71.53
CA UNK G 120 -15.06 -40.08 -72.69
C UNK G 120 -13.77 -40.64 -73.28
N UNK G 121 -12.78 -40.87 -72.43
CA UNK G 121 -11.50 -41.42 -72.87
C UNK G 121 -11.68 -42.84 -73.37
N UNK G 122 -12.73 -43.51 -72.91
CA UNK G 122 -13.07 -44.85 -73.39
C UNK G 122 -13.72 -44.76 -74.77
N UNK G 123 -14.32 -43.62 -75.09
CA UNK G 123 -14.92 -43.42 -76.39
C UNK G 123 -13.84 -43.10 -77.42
N UNK G 124 -12.83 -42.34 -76.99
CA UNK G 124 -11.68 -42.07 -77.83
C UNK G 124 -10.88 -43.35 -78.08
N UNK G 125 -10.97 -44.28 -77.13
CA UNK G 125 -10.29 -45.57 -77.26
C UNK G 125 -10.83 -46.35 -78.46
N UNK G 126 -12.15 -46.46 -78.56
CA UNK G 126 -12.78 -47.16 -79.68
C UNK G 126 -12.77 -46.30 -80.94
N UNK G 127 -12.45 -45.03 -80.79
CA UNK G 127 -12.38 -44.11 -81.94
C UNK G 127 -10.99 -44.15 -82.57
N UNK G 128 -9.96 -44.04 -81.73
CA UNK G 128 -8.58 -44.08 -82.23
C UNK G 128 -8.26 -45.45 -82.82
N UNK G 129 -9.02 -46.46 -82.41
CA UNK G 129 -8.80 -47.83 -82.88
C UNK G 129 -9.32 -47.99 -84.31
N UNK G 130 -10.59 -47.65 -84.52
CA UNK G 130 -11.23 -47.79 -85.83
C UNK G 130 -10.53 -46.91 -86.87
N UNK G 131 -10.01 -45.78 -86.43
CA UNK G 131 -9.29 -44.88 -87.32
C UNK G 131 -7.94 -45.47 -87.73
N UNK G 132 -7.31 -46.21 -86.82
CA UNK G 132 -6.05 -46.86 -87.12
C UNK G 132 -6.23 -47.95 -88.17
N UNK G 133 -7.40 -48.59 -88.15
CA UNK G 133 -7.70 -49.65 -89.11
C UNK G 133 -7.94 -49.07 -90.49
N UNK G 134 -8.73 -48.00 -90.54
CA UNK G 134 -9.03 -47.33 -91.81
C UNK G 134 -7.75 -46.76 -92.43
N UNK G 135 -6.84 -46.31 -91.59
CA UNK G 135 -5.57 -45.76 -92.06
C UNK G 135 -4.71 -46.86 -92.66
N UNK G 136 -4.72 -48.03 -92.03
CA UNK G 136 -3.95 -49.18 -92.50
C UNK G 136 -4.47 -49.65 -93.85
#